data_7K9Q
#
_entry.id   7K9Q
#
_cell.length_a   102.876
_cell.length_b   102.876
_cell.length_c   241.696
_cell.angle_alpha   90.000
_cell.angle_beta   90.000
_cell.angle_gamma   120.000
#
_symmetry.space_group_name_H-M   'P 32'
#
loop_
_entity.id
_entity.type
_entity.pdbx_description
1 polymer 'Alpha glucosidase 2 alpha neutral subunit'
2 polymer 'Glucosidase 2 subunit beta'
3 non-polymer (1S,2S,3R,4S,5S)-5-amino-1-(hydroxymethyl)cyclohexane-1,2,3,4-tetrol
4 non-polymer DI(HYDROXYETHYL)ETHER
5 non-polymer 'TRIETHYLENE GLYCOL'
6 non-polymer 1,2-ETHANEDIOL
7 non-polymer 'SULFATE ION'
8 non-polymer 'CALCIUM ION'
9 non-polymer 'TETRAETHYLENE GLYCOL'
10 water water
#
loop_
_entity_poly.entity_id
_entity_poly.type
_entity_poly.pdbx_seq_one_letter_code
_entity_poly.pdbx_strand_id
1 'polypeptide(L)'
;MGILPSPGMPALLSLVSLLSVLLMGCVAETGVDRSNFKTCDESSFCKRQRSIRPGLSPYRALLDTLQLGPDALTVHLIHE
VTKVLLVLELQGLQKDMTRIRIDELEPRRPRYRVPDVLVADPPTARLSVSGRDDNSVELTVAEGPYKIILTAQPFRLDLL
EDRSLLLSVNARGLMAFEHQRAPRVPFSDKVSLALGSVWDKIKNLFSRQESKDPAEGNGAQPEATPGDGDKPEETQEKAE
KDEPGAWEETFKTHSDSKPYGPTSVGLDFSLPGMEHVYGIPEHADSLRLKVTEGGEPYRLYNLDVFQYELNNPMALYGSV
PVLLAHSFHRDLGIFWLNAAETWVDISSNTAGKTLFGKMLDYLQGSGETPQTDIRWMSESGIIDVFLMLGPSVFDVFRQY
ASLTGTQALPPLFSLGYHQSRWNYRDEADVLEVDQGFDDHNMPCDVIWLDIEHADGKRYFTWDPTRFPQPLNMLEHLASK
RRKLVAIVDPHIKVDSGYRVHEELRNHGLYVKTRDGSDYEGWCWPGSASYPDFTNPRMRAWWSNMFSFDNYEGSAPNLYV
WNDMNEPSVFNGPEVTMLKDAVHYGGWEHRDIHNIYGLYVHMATADGLIQRSGGIERPFVLSRAFFSGSQRFGAVWTGDN
TAEWDHLKISIPMCLSLALVGLSFCGADVGGFFKNPEPELLVRWYQMGAYQPFFRAHAHLDTGRREPWLLASQYQDAIRD
ALFQRYSLLPFWYTLFYQAHKEGFPVMRPLWVQYPEDMSTFSIEDQFMLGDALLIHPVSDAGAHGVQVYLPGQEEVWYDI
QSYQKHHGPQTLYLPVTLSSIPVFQRGGTIVPRWMRVRRSSDCMKDDPITLFVALSPQGTAQGELFLDDGHTFNYQTRHE
FLLRRFSFSGSTLVSSSADPKGHLETPIWIERVVIMGAGKPAAVVLQTKGSPESRLSFQHDPETSVLILRKPGVSVASDW
SIHLRSAWSHPQFEKLE
;
A,C
2 'polypeptide(L)'
;MGILPSPGMPALLSLVSLLSVLLMGCVAETGVEVKRPRGVSLSNHHFYEESKPFTCLDGTATIPFDQVNDDYCDCKDGSD
EPGTAACPNGSFHCTNTGYKPLYILSSRVNDGVCDCCDGTDEYNSGTVCENTCREKGRKEKESLQQLAEVTREGFRLKKI
LIEEWKTAREEKQSKLLELQAGKKSLEDQVETLRAAKEEAERPEKEAKDQHRKLWEEQQAAAKARREQERAASAFQELDD
NMDGMVSLAELQTHPELDTDGDGALSEEEAQALLSGDTQTDTTSFYDRVWAAIRDKYRSEVPPTDIPVPEETEPKEEKPP
VLPPTEEEEEEEEEPEEEEEEEEEEEEAPPPLQPPQPPSPTEDEKMPPYDEETQAIIDAAQEARSKFEEVERSLKEMEES
IRSLEQEISFDFGPSGEFAYLYSQCYELTTNEYVYRLCPFKLVSQKPKHGGSPTSLGTWGSWAGPDHDKFSAMKYEQGTG
CWQGPNRSTTVRLLCGKETVVTSTTEPSRCEYLMELMTPAACPEPPPEAPSDGDSAWLETKHHHHHH
;
B,D
#
# COMPACT_ATOMS: atom_id res chain seq x y z
N VAL A 32 7.16 23.49 9.43
CA VAL A 32 6.11 24.20 8.72
C VAL A 32 6.68 25.32 7.83
N ASP A 33 6.02 25.60 6.72
CA ASP A 33 6.39 26.69 5.82
C ASP A 33 5.48 27.87 6.14
N ARG A 34 6.00 28.82 6.93
CA ARG A 34 5.19 29.93 7.39
C ARG A 34 4.83 30.90 6.26
N SER A 35 5.66 31.00 5.22
CA SER A 35 5.41 31.95 4.15
C SER A 35 4.14 31.62 3.38
N ASN A 36 3.64 30.39 3.51
CA ASN A 36 2.38 29.99 2.87
C ASN A 36 1.16 30.59 3.54
N PHE A 37 1.30 31.09 4.76
CA PHE A 37 0.17 31.52 5.57
C PHE A 37 0.37 32.97 5.99
N LYS A 38 -0.66 33.78 5.82
CA LYS A 38 -0.55 35.20 6.09
C LYS A 38 -0.29 35.48 7.56
N THR A 39 0.64 36.40 7.83
CA THR A 39 0.65 37.07 9.12
C THR A 39 -0.44 38.14 9.11
N CYS A 40 -0.67 38.76 10.27
CA CYS A 40 -1.66 39.82 10.35
C CYS A 40 -1.30 40.97 9.41
N ASP A 41 0.00 41.28 9.29
CA ASP A 41 0.42 42.35 8.40
C ASP A 41 0.10 42.04 6.94
N GLU A 42 0.10 40.76 6.57
CA GLU A 42 -0.21 40.33 5.21
C GLU A 42 -1.70 40.18 4.96
N SER A 43 -2.51 40.23 6.01
CA SER A 43 -3.97 40.27 5.90
C SER A 43 -4.41 41.72 5.95
N SER A 44 -4.94 42.22 4.83
CA SER A 44 -5.13 43.66 4.71
C SER A 44 -6.13 44.18 5.74
N PHE A 45 -7.19 43.42 6.02
CA PHE A 45 -8.16 43.89 7.00
C PHE A 45 -7.60 43.81 8.42
N CYS A 46 -6.76 42.82 8.70
CA CYS A 46 -6.09 42.78 10.00
C CYS A 46 -5.13 43.94 10.15
N LYS A 47 -4.41 44.29 9.07
CA LYS A 47 -3.48 45.41 9.15
C LYS A 47 -4.22 46.72 9.40
N ARG A 48 -5.30 46.96 8.66
CA ARG A 48 -6.11 48.16 8.88
C ARG A 48 -6.64 48.21 10.31
N GLN A 49 -7.28 47.13 10.76
CA GLN A 49 -7.89 47.11 12.09
C GLN A 49 -6.84 47.26 13.18
N ARG A 50 -5.76 46.47 13.10
CA ARG A 50 -4.76 46.50 14.17
C ARG A 50 -4.00 47.82 14.23
N SER A 51 -3.98 48.61 13.15
CA SER A 51 -3.32 49.90 13.22
C SER A 51 -4.13 50.90 14.04
N ILE A 52 -5.43 50.67 14.21
CA ILE A 52 -6.23 51.47 15.14
C ILE A 52 -5.79 51.08 16.55
N ARG A 53 -5.29 52.04 17.30
CA ARG A 53 -4.76 51.79 18.63
C ARG A 53 -5.67 52.39 19.69
N PRO A 54 -5.57 51.93 20.94
CA PRO A 54 -6.51 52.37 21.96
C PRO A 54 -6.52 53.89 22.12
N GLY A 55 -7.70 54.47 22.06
CA GLY A 55 -7.85 55.90 22.18
C GLY A 55 -9.30 56.30 22.23
N LEU A 56 -9.55 57.57 21.91
CA LEU A 56 -10.91 58.10 21.93
C LEU A 56 -11.68 57.55 20.73
N SER A 57 -12.79 56.88 21.01
CA SER A 57 -13.57 56.31 19.92
C SER A 57 -14.39 57.39 19.22
N PRO A 58 -14.41 57.40 17.89
CA PRO A 58 -15.28 58.33 17.16
C PRO A 58 -16.73 57.91 17.11
N TYR A 59 -17.10 56.77 17.71
CA TYR A 59 -18.47 56.31 17.64
C TYR A 59 -19.28 56.89 18.79
N ARG A 60 -20.53 57.22 18.49
CA ARG A 60 -21.42 57.91 19.40
C ARG A 60 -22.83 57.39 19.24
N ALA A 61 -23.50 57.18 20.36
CA ALA A 61 -24.90 56.74 20.35
C ALA A 61 -25.83 57.95 20.34
N LEU A 62 -26.84 57.91 19.48
CA LEU A 62 -27.82 58.98 19.34
C LEU A 62 -29.04 58.62 20.19
N LEU A 63 -29.03 59.09 21.44
CA LEU A 63 -30.04 58.69 22.42
C LEU A 63 -31.45 59.10 22.01
N ASP A 64 -31.61 60.07 21.10
CA ASP A 64 -32.94 60.39 20.59
C ASP A 64 -33.53 59.22 19.82
N THR A 65 -32.69 58.38 19.21
CA THR A 65 -33.14 57.25 18.43
C THR A 65 -33.47 56.04 19.29
N LEU A 66 -33.18 56.11 20.59
CA LEU A 66 -33.37 54.97 21.47
C LEU A 66 -34.81 54.47 21.40
N GLN A 67 -34.94 53.15 21.26
CA GLN A 67 -36.24 52.51 21.19
C GLN A 67 -36.12 51.22 21.99
N LEU A 68 -36.98 51.06 22.98
CA LEU A 68 -36.93 49.88 23.83
C LEU A 68 -38.06 49.02 23.31
N GLY A 69 -37.70 47.88 22.73
CA GLY A 69 -38.66 47.03 22.06
C GLY A 69 -39.03 45.82 22.85
N PRO A 70 -39.84 44.94 22.24
CA PRO A 70 -40.26 43.73 22.95
C PRO A 70 -39.10 42.81 23.30
N ASP A 71 -38.19 42.59 22.36
CA ASP A 71 -37.05 41.71 22.54
C ASP A 71 -35.75 42.43 22.81
N ALA A 72 -35.61 43.66 22.33
CA ALA A 72 -34.31 44.31 22.27
C ALA A 72 -34.43 45.80 22.51
N LEU A 73 -33.29 46.42 22.76
CA LEU A 73 -33.13 47.86 22.71
C LEU A 73 -32.34 48.20 21.45
N THR A 74 -32.89 49.10 20.63
CA THR A 74 -32.26 49.54 19.40
C THR A 74 -31.94 51.03 19.54
N VAL A 75 -30.72 51.41 19.20
CA VAL A 75 -30.28 52.80 19.25
C VAL A 75 -29.26 53.02 18.14
N HIS A 76 -29.37 54.17 17.46
CA HIS A 76 -28.45 54.45 16.37
C HIS A 76 -27.07 54.82 16.89
N LEU A 77 -26.06 54.48 16.11
CA LEU A 77 -24.68 54.89 16.35
C LEU A 77 -24.19 55.66 15.14
N ILE A 78 -23.24 56.55 15.36
CA ILE A 78 -22.74 57.44 14.32
C ILE A 78 -21.23 57.51 14.45
N HIS A 79 -20.54 57.38 13.32
CA HIS A 79 -19.11 57.68 13.29
C HIS A 79 -18.97 59.20 13.21
N GLU A 80 -18.16 59.76 14.11
CA GLU A 80 -18.16 61.21 14.27
C GLU A 80 -17.62 61.90 13.03
N VAL A 81 -16.64 61.29 12.36
CA VAL A 81 -16.02 61.87 11.17
C VAL A 81 -16.80 61.53 9.91
N THR A 82 -17.06 60.24 9.68
CA THR A 82 -17.62 59.78 8.42
C THR A 82 -19.13 59.88 8.34
N LYS A 83 -19.82 60.05 9.48
CA LYS A 83 -21.27 60.15 9.57
C LYS A 83 -21.98 58.86 9.15
N VAL A 84 -21.29 57.73 9.20
CA VAL A 84 -21.96 56.46 8.92
C VAL A 84 -22.87 56.12 10.08
N LEU A 85 -24.07 55.62 9.78
CA LEU A 85 -25.05 55.32 10.81
C LEU A 85 -25.17 53.81 10.96
N LEU A 86 -24.98 53.34 12.19
CA LEU A 86 -25.09 51.94 12.56
C LEU A 86 -26.24 51.77 13.55
N VAL A 87 -26.76 50.54 13.63
CA VAL A 87 -27.82 50.20 14.56
C VAL A 87 -27.26 49.23 15.59
N LEU A 88 -27.34 49.61 16.86
CA LEU A 88 -27.00 48.70 17.95
C LEU A 88 -28.27 47.99 18.41
N GLU A 89 -28.22 46.67 18.47
CA GLU A 89 -29.31 45.87 19.01
C GLU A 89 -28.79 45.21 20.27
N LEU A 90 -29.30 45.65 21.42
CA LEU A 90 -28.83 45.22 22.73
C LEU A 90 -29.94 44.42 23.40
N GLN A 91 -29.60 43.22 23.87
CA GLN A 91 -30.59 42.33 24.45
C GLN A 91 -30.08 41.76 25.76
N GLY A 92 -30.93 41.77 26.78
CA GLY A 92 -30.74 40.89 27.92
C GLY A 92 -31.36 39.54 27.60
N LEU A 93 -30.70 38.48 28.04
CA LEU A 93 -31.17 37.13 27.76
C LEU A 93 -31.34 36.35 29.06
N GLN A 94 -32.30 35.43 29.05
CA GLN A 94 -32.42 34.46 30.12
C GLN A 94 -31.11 33.74 30.33
N LYS A 95 -30.90 33.27 31.57
CA LYS A 95 -29.69 32.59 32.00
C LYS A 95 -28.50 33.54 32.11
N ASP A 96 -28.79 34.82 32.35
CA ASP A 96 -27.78 35.84 32.66
C ASP A 96 -26.74 35.96 31.54
N MET A 97 -27.25 36.26 30.34
CA MET A 97 -26.42 36.54 29.18
C MET A 97 -26.90 37.84 28.55
N THR A 98 -25.99 38.50 27.84
CA THR A 98 -26.30 39.68 27.04
C THR A 98 -25.82 39.45 25.62
N ARG A 99 -26.61 39.88 24.65
CA ARG A 99 -26.25 39.79 23.24
C ARG A 99 -26.13 41.20 22.67
N ILE A 100 -25.02 41.45 21.98
CA ILE A 100 -24.76 42.72 21.31
C ILE A 100 -24.64 42.45 19.82
N ARG A 101 -25.48 43.09 19.02
CA ARG A 101 -25.39 43.00 17.56
C ARG A 101 -25.36 44.42 16.98
N ILE A 102 -24.46 44.65 16.03
CA ILE A 102 -24.31 45.95 15.37
C ILE A 102 -24.24 45.75 13.87
N ASP A 103 -25.07 46.48 13.13
CA ASP A 103 -25.15 46.39 11.69
C ASP A 103 -25.36 47.79 11.11
N GLU A 104 -25.17 47.93 9.80
CA GLU A 104 -25.42 49.20 9.13
C GLU A 104 -26.91 49.54 9.14
N LEU A 105 -27.21 50.83 9.28
CA LEU A 105 -28.61 51.26 9.25
C LEU A 105 -29.20 51.11 7.84
N GLU A 106 -28.52 51.63 6.83
CA GLU A 106 -28.97 51.54 5.43
C GLU A 106 -27.81 50.97 4.62
N PRO A 107 -27.63 49.65 4.66
CA PRO A 107 -26.52 49.04 3.90
C PRO A 107 -26.84 48.88 2.43
N ARG A 108 -25.78 48.96 1.61
CA ARG A 108 -25.93 48.71 0.18
C ARG A 108 -26.41 47.29 -0.08
N ARG A 109 -25.85 46.32 0.62
CA ARG A 109 -26.26 44.93 0.53
C ARG A 109 -26.26 44.33 1.93
N PRO A 110 -27.05 43.29 2.16
CA PRO A 110 -27.12 42.73 3.52
C PRO A 110 -25.79 42.12 3.93
N ARG A 111 -25.46 42.26 5.21
CA ARG A 111 -24.29 41.61 5.76
C ARG A 111 -24.65 40.21 6.24
N TYR A 112 -23.61 39.39 6.40
CA TYR A 112 -23.80 38.00 6.77
C TYR A 112 -24.09 37.87 8.26
N ARG A 113 -25.11 37.10 8.59
CA ARG A 113 -25.40 36.70 9.96
C ARG A 113 -25.36 35.18 10.01
N VAL A 114 -24.58 34.63 10.94
CA VAL A 114 -24.25 33.20 10.94
C VAL A 114 -25.49 32.35 11.20
N PRO A 115 -25.88 31.50 10.24
CA PRO A 115 -27.00 30.59 10.46
C PRO A 115 -26.54 29.24 11.02
N ASP A 116 -27.52 28.49 11.52
CA ASP A 116 -27.41 27.06 11.83
C ASP A 116 -26.46 26.75 12.99
N VAL A 117 -25.83 27.74 13.60
CA VAL A 117 -24.96 27.50 14.75
C VAL A 117 -25.76 27.53 16.04
N LEU A 118 -26.60 28.56 16.21
CA LEU A 118 -27.49 28.61 17.35
C LEU A 118 -28.59 27.56 17.20
N VAL A 119 -28.85 26.81 18.27
CA VAL A 119 -29.86 25.77 18.21
C VAL A 119 -31.27 26.33 18.27
N ALA A 120 -31.42 27.56 18.76
CA ALA A 120 -32.74 28.19 18.90
C ALA A 120 -32.57 29.69 18.94
N ASP A 121 -33.66 30.40 18.74
CA ASP A 121 -33.69 31.82 19.01
C ASP A 121 -33.61 32.01 20.51
N PRO A 122 -32.54 32.62 21.04
CA PRO A 122 -32.34 32.64 22.50
C PRO A 122 -33.47 33.39 23.20
N PRO A 123 -34.01 32.83 24.28
CA PRO A 123 -35.06 33.54 25.02
C PRO A 123 -34.52 34.81 25.67
N THR A 124 -35.19 35.92 25.40
CA THR A 124 -34.76 37.21 25.89
C THR A 124 -35.34 37.51 27.26
N ALA A 125 -34.74 38.49 27.93
CA ALA A 125 -35.28 39.09 29.13
C ALA A 125 -35.60 40.55 28.86
N ARG A 126 -36.56 41.08 29.61
CA ARG A 126 -37.03 42.44 29.36
C ARG A 126 -36.00 43.44 29.85
N LEU A 127 -35.74 44.47 29.06
CA LEU A 127 -34.91 45.59 29.47
C LEU A 127 -35.76 46.75 29.96
N SER A 128 -35.23 47.48 30.95
CA SER A 128 -35.92 48.64 31.51
C SER A 128 -34.93 49.78 31.70
N VAL A 129 -35.33 50.99 31.31
CA VAL A 129 -34.53 52.16 31.64
C VAL A 129 -34.74 52.43 33.14
N SER A 130 -33.70 52.23 33.93
CA SER A 130 -33.73 52.46 35.36
C SER A 130 -32.86 53.64 35.78
N GLY A 131 -32.28 54.36 34.81
CA GLY A 131 -31.48 55.54 35.05
C GLY A 131 -31.16 56.24 33.74
N ARG A 132 -30.96 57.55 33.78
CA ARG A 132 -30.70 58.30 32.56
C ARG A 132 -29.93 59.57 32.89
N ASP A 133 -29.10 59.99 31.93
CA ASP A 133 -28.34 61.23 32.02
C ASP A 133 -28.52 61.99 30.71
N ASP A 134 -27.61 62.93 30.46
CA ASP A 134 -27.49 63.56 29.16
C ASP A 134 -26.50 62.81 28.28
N ASN A 135 -25.67 61.97 28.90
CA ASN A 135 -24.69 61.15 28.23
C ASN A 135 -24.78 59.68 28.63
N SER A 136 -25.86 59.26 29.30
CA SER A 136 -25.87 57.91 29.86
C SER A 136 -27.30 57.42 30.02
N VAL A 137 -27.49 56.12 29.77
CA VAL A 137 -28.74 55.43 30.06
C VAL A 137 -28.39 54.13 30.77
N GLU A 138 -29.03 53.88 31.91
CA GLU A 138 -28.83 52.65 32.64
C GLU A 138 -30.02 51.73 32.40
N LEU A 139 -29.74 50.46 32.11
CA LEU A 139 -30.76 49.48 31.84
C LEU A 139 -30.68 48.35 32.85
N THR A 140 -31.82 47.83 33.25
CA THR A 140 -31.92 46.71 34.15
C THR A 140 -32.47 45.51 33.39
N VAL A 141 -31.80 44.37 33.52
CA VAL A 141 -32.29 43.13 32.92
C VAL A 141 -33.34 42.55 33.85
N ALA A 142 -34.57 42.43 33.37
CA ALA A 142 -35.70 41.99 34.19
C ALA A 142 -35.78 42.83 35.48
N GLU A 143 -35.71 42.17 36.63
CA GLU A 143 -35.75 42.85 37.92
C GLU A 143 -34.41 42.85 38.63
N GLY A 144 -33.32 42.70 37.89
CA GLY A 144 -32.00 42.69 38.47
C GLY A 144 -31.52 41.28 38.77
N PRO A 145 -30.28 41.16 39.28
CA PRO A 145 -29.39 42.27 39.62
C PRO A 145 -28.50 42.78 38.48
N TYR A 146 -28.71 42.33 37.25
CA TYR A 146 -27.80 42.65 36.14
C TYR A 146 -28.22 43.95 35.47
N LYS A 147 -27.25 44.82 35.24
CA LYS A 147 -27.50 46.13 34.67
C LYS A 147 -26.51 46.40 33.55
N ILE A 148 -26.97 47.16 32.54
CA ILE A 148 -26.14 47.57 31.40
C ILE A 148 -26.19 49.08 31.33
N ILE A 149 -25.02 49.72 31.37
CA ILE A 149 -24.90 51.17 31.25
C ILE A 149 -24.44 51.50 29.83
N LEU A 150 -25.28 52.19 29.08
CA LEU A 150 -24.95 52.67 27.75
C LEU A 150 -24.50 54.13 27.84
N THR A 151 -23.23 54.37 27.56
CA THR A 151 -22.70 55.73 27.44
C THR A 151 -22.83 56.18 25.99
N ALA A 152 -23.31 57.41 25.79
CA ALA A 152 -23.56 57.89 24.43
C ALA A 152 -22.28 58.37 23.76
N GLN A 153 -21.54 59.25 24.42
CA GLN A 153 -20.35 59.86 23.84
C GLN A 153 -19.20 59.81 24.84
N PRO A 154 -18.13 59.07 24.55
CA PRO A 154 -18.06 58.16 23.40
C PRO A 154 -18.86 56.88 23.64
N PHE A 155 -19.22 56.17 22.58
CA PHE A 155 -19.96 54.93 22.72
C PHE A 155 -19.19 53.96 23.63
N ARG A 156 -19.91 53.34 24.55
CA ARG A 156 -19.35 52.44 25.55
C ARG A 156 -20.50 51.69 26.21
N LEU A 157 -20.22 50.44 26.60
CA LEU A 157 -21.18 49.62 27.33
C LEU A 157 -20.49 49.02 28.54
N ASP A 158 -21.17 49.07 29.68
CA ASP A 158 -20.69 48.45 30.91
C ASP A 158 -21.75 47.48 31.42
N LEU A 159 -21.31 46.31 31.86
CA LEU A 159 -22.20 45.28 32.39
C LEU A 159 -21.88 45.07 33.86
N LEU A 160 -22.91 45.09 34.70
CA LEU A 160 -22.71 44.98 36.14
C LEU A 160 -23.68 43.98 36.73
N GLU A 161 -23.23 43.32 37.80
CA GLU A 161 -24.12 42.65 38.73
C GLU A 161 -24.29 43.58 39.92
N ASP A 162 -25.50 44.12 40.09
CA ASP A 162 -25.78 45.18 41.05
C ASP A 162 -24.94 46.41 40.74
N ARG A 163 -23.87 46.62 41.52
CA ARG A 163 -22.92 47.68 41.26
C ARG A 163 -21.48 47.16 41.11
N SER A 164 -21.32 45.85 40.93
CA SER A 164 -20.02 45.26 40.62
C SER A 164 -19.82 45.26 39.11
N LEU A 165 -18.77 45.95 38.64
CA LEU A 165 -18.50 46.02 37.21
C LEU A 165 -17.95 44.69 36.73
N LEU A 166 -18.62 44.09 35.75
CA LEU A 166 -18.23 42.80 35.21
C LEU A 166 -17.44 42.92 33.91
N LEU A 167 -17.86 43.79 33.00
CA LEU A 167 -17.27 43.81 31.68
C LEU A 167 -17.56 45.14 31.01
N SER A 168 -16.59 45.64 30.25
CA SER A 168 -16.77 46.84 29.45
C SER A 168 -16.61 46.49 27.97
N VAL A 169 -17.33 47.23 27.13
CA VAL A 169 -17.29 47.08 25.69
C VAL A 169 -16.89 48.42 25.08
N ASN A 170 -15.84 48.41 24.26
CA ASN A 170 -15.29 49.60 23.61
C ASN A 170 -14.63 50.55 24.61
N ALA A 171 -14.14 50.01 25.74
CA ALA A 171 -13.50 50.86 26.74
C ALA A 171 -12.21 51.47 26.22
N ARG A 172 -11.51 50.77 25.32
CA ARG A 172 -10.31 51.33 24.72
C ARG A 172 -10.57 51.93 23.34
N GLY A 173 -11.83 52.06 22.95
CA GLY A 173 -12.17 52.74 21.71
C GLY A 173 -11.69 52.05 20.45
N LEU A 174 -11.59 50.72 20.46
CA LEU A 174 -11.10 49.97 19.31
C LEU A 174 -12.21 49.49 18.39
N MET A 175 -13.46 49.92 18.61
CA MET A 175 -14.54 49.53 17.71
C MET A 175 -14.27 50.04 16.30
N ALA A 176 -14.47 49.16 15.32
CA ALA A 176 -14.25 49.49 13.92
C ALA A 176 -15.29 48.77 13.08
N PHE A 177 -15.97 49.52 12.21
CA PHE A 177 -17.02 48.98 11.36
C PHE A 177 -16.86 49.65 9.99
N GLU A 178 -16.26 48.92 9.05
CA GLU A 178 -16.08 49.44 7.70
C GLU A 178 -17.38 49.25 6.93
N HIS A 179 -18.08 50.34 6.63
CA HIS A 179 -19.32 50.22 5.89
C HIS A 179 -19.05 49.83 4.44
N GLN A 180 -20.05 49.18 3.83
CA GLN A 180 -19.92 48.75 2.43
C GLN A 180 -19.97 49.96 1.50
N ARG A 181 -18.87 50.20 0.78
CA ARG A 181 -18.80 51.30 -0.17
C ARG A 181 -19.30 50.86 -1.55
N ALA A 182 -19.43 51.83 -2.44
CA ALA A 182 -19.95 51.60 -3.78
C ALA A 182 -18.96 50.80 -4.63
N GLY A 245 -4.22 46.99 -0.08
CA GLY A 245 -4.86 45.74 -0.43
C GLY A 245 -6.33 45.68 -0.03
N ALA A 246 -6.93 46.86 0.15
CA ALA A 246 -8.32 46.94 0.61
C ALA A 246 -9.35 46.53 -0.44
N TRP A 247 -8.99 46.57 -1.73
CA TRP A 247 -9.91 46.10 -2.77
C TRP A 247 -9.24 44.91 -3.44
N GLU A 248 -9.04 44.94 -4.76
CA GLU A 248 -8.32 43.85 -5.41
C GLU A 248 -6.98 43.60 -4.71
N GLU A 249 -6.76 42.36 -4.32
CA GLU A 249 -5.64 42.00 -3.46
C GLU A 249 -5.06 40.67 -3.89
N THR A 250 -3.74 40.54 -3.73
CA THR A 250 -3.02 39.33 -4.10
C THR A 250 -2.14 38.89 -2.94
N PHE A 251 -2.00 37.58 -2.78
CA PHE A 251 -1.07 36.97 -1.85
C PHE A 251 -0.35 35.85 -2.56
N LYS A 252 0.98 35.88 -2.54
CA LYS A 252 1.81 35.00 -3.36
C LYS A 252 1.35 35.11 -4.81
N THR A 253 0.83 34.03 -5.39
CA THR A 253 0.32 34.06 -6.75
C THR A 253 -1.20 34.12 -6.83
N HIS A 254 -1.88 34.23 -5.69
CA HIS A 254 -3.34 34.12 -5.65
C HIS A 254 -3.98 35.49 -5.59
N SER A 255 -5.07 35.66 -6.35
CA SER A 255 -5.75 36.95 -6.48
C SER A 255 -7.13 36.88 -5.87
N ASP A 256 -7.46 37.87 -5.04
CA ASP A 256 -8.78 38.05 -4.46
C ASP A 256 -9.39 39.28 -5.11
N SER A 257 -10.41 39.08 -5.94
CA SER A 257 -11.01 40.21 -6.65
C SER A 257 -11.74 41.16 -5.70
N LYS A 258 -12.19 40.66 -4.55
CA LYS A 258 -12.78 41.45 -3.47
C LYS A 258 -13.78 42.48 -4.01
N PRO A 259 -14.90 42.03 -4.61
CA PRO A 259 -15.80 42.97 -5.29
C PRO A 259 -16.55 43.90 -4.34
N TYR A 260 -16.53 43.67 -3.03
CA TYR A 260 -17.25 44.51 -2.08
C TYR A 260 -16.33 45.41 -1.25
N GLY A 261 -15.02 45.33 -1.46
CA GLY A 261 -14.07 46.17 -0.78
C GLY A 261 -14.01 45.93 0.72
N PRO A 262 -13.45 46.89 1.45
CA PRO A 262 -13.26 46.70 2.90
C PRO A 262 -14.60 46.67 3.63
N THR A 263 -14.80 45.62 4.42
CA THR A 263 -16.04 45.46 5.17
C THR A 263 -15.78 44.92 6.58
N SER A 264 -14.56 45.02 7.08
CA SER A 264 -14.22 44.33 8.31
C SER A 264 -14.85 45.02 9.52
N VAL A 265 -15.04 44.25 10.58
CA VAL A 265 -15.66 44.73 11.81
C VAL A 265 -14.81 44.24 12.97
N GLY A 266 -14.80 45.02 14.05
CA GLY A 266 -13.97 44.71 15.20
C GLY A 266 -14.47 45.44 16.43
N LEU A 267 -14.12 44.88 17.59
CA LEU A 267 -14.64 45.37 18.86
C LEU A 267 -13.78 44.83 19.99
N ASP A 268 -13.60 45.65 21.02
CA ASP A 268 -12.77 45.28 22.17
C ASP A 268 -13.60 45.14 23.44
N PHE A 269 -13.06 44.35 24.38
CA PHE A 269 -13.75 43.98 25.61
C PHE A 269 -12.74 44.02 26.75
N SER A 270 -13.16 44.57 27.89
CA SER A 270 -12.29 44.74 29.04
C SER A 270 -12.83 43.90 30.19
N LEU A 271 -11.96 43.10 30.80
CA LEU A 271 -12.33 42.14 31.84
C LEU A 271 -11.60 42.50 33.12
N PRO A 272 -12.14 43.42 33.91
CA PRO A 272 -11.48 43.78 35.17
C PRO A 272 -11.43 42.61 36.14
N GLY A 273 -10.27 42.40 36.76
CA GLY A 273 -10.06 41.32 37.69
C GLY A 273 -9.60 40.02 37.05
N MET A 274 -9.61 39.92 35.72
CA MET A 274 -9.23 38.71 35.02
C MET A 274 -7.77 38.80 34.58
N GLU A 275 -6.98 37.80 34.95
CA GLU A 275 -5.62 37.64 34.46
C GLU A 275 -5.40 36.39 33.63
N HIS A 276 -6.39 35.50 33.55
CA HIS A 276 -6.24 34.21 32.87
C HIS A 276 -7.38 34.03 31.90
N VAL A 277 -7.06 33.86 30.62
CA VAL A 277 -8.08 33.59 29.61
C VAL A 277 -7.72 32.32 28.85
N TYR A 278 -8.75 31.70 28.28
CA TYR A 278 -8.65 30.37 27.72
C TYR A 278 -9.57 30.26 26.51
N GLY A 279 -9.28 29.28 25.66
CA GLY A 279 -10.19 28.95 24.58
C GLY A 279 -9.70 29.27 23.18
N ILE A 280 -10.60 29.84 22.39
CA ILE A 280 -10.46 30.08 20.94
C ILE A 280 -9.56 29.05 20.25
N PRO A 281 -9.88 27.76 20.33
CA PRO A 281 -9.16 26.78 19.50
C PRO A 281 -9.42 27.04 18.03
N GLU A 282 -8.55 26.52 17.16
CA GLU A 282 -7.52 25.56 17.51
C GLU A 282 -6.12 26.13 17.27
N HIS A 283 -5.25 25.98 18.27
CA HIS A 283 -3.88 26.45 18.21
C HIS A 283 -3.02 25.45 18.95
N ALA A 284 -1.82 25.19 18.41
CA ALA A 284 -0.86 24.33 19.09
C ALA A 284 -0.11 25.17 20.12
N ASP A 285 -0.84 25.56 21.16
CA ASP A 285 -0.35 26.50 22.14
C ASP A 285 -0.83 26.08 23.53
N SER A 286 -0.41 26.83 24.54
CA SER A 286 -0.71 26.50 25.92
C SER A 286 -2.18 26.74 26.24
N LEU A 287 -2.65 26.06 27.28
CA LEU A 287 -4.04 26.21 27.71
C LEU A 287 -4.36 27.65 28.06
N ARG A 288 -3.54 28.24 28.92
CA ARG A 288 -3.68 29.66 29.23
C ARG A 288 -3.14 30.49 28.07
N LEU A 289 -4.02 31.29 27.47
CA LEU A 289 -3.64 32.08 26.30
C LEU A 289 -2.63 33.16 26.67
N LYS A 290 -1.71 33.44 25.76
CA LYS A 290 -0.67 34.44 25.97
C LYS A 290 -1.13 35.81 25.47
N VAL A 291 -0.52 36.86 26.02
CA VAL A 291 -0.74 38.20 25.49
C VAL A 291 -0.12 38.27 24.09
N THR A 292 -0.79 38.99 23.20
CA THR A 292 -0.36 39.07 21.80
C THR A 292 0.40 40.35 21.50
N GLU A 293 0.73 41.17 22.52
CA GLU A 293 1.22 42.52 22.27
C GLU A 293 2.51 42.54 21.48
N GLY A 294 3.50 41.73 21.86
CA GLY A 294 4.75 41.76 21.15
C GLY A 294 4.82 40.91 19.90
N GLY A 295 3.71 40.38 19.43
CA GLY A 295 3.72 39.44 18.31
C GLY A 295 2.40 39.41 17.56
N GLU A 296 2.05 38.23 17.06
CA GLU A 296 0.86 38.02 16.25
C GLU A 296 -0.37 37.85 17.13
N PRO A 297 -1.54 38.28 16.65
CA PRO A 297 -2.79 37.89 17.30
C PRO A 297 -3.09 36.42 17.01
N TYR A 298 -3.91 35.83 17.87
CA TYR A 298 -4.42 34.49 17.59
C TYR A 298 -5.35 34.55 16.39
N ARG A 299 -5.18 33.62 15.47
CA ARG A 299 -5.93 33.62 14.22
C ARG A 299 -6.95 32.49 14.24
N LEU A 300 -8.16 32.79 13.77
CA LEU A 300 -9.24 31.81 13.63
C LEU A 300 -9.60 31.72 12.16
N TYR A 301 -9.03 30.74 11.48
CA TYR A 301 -9.31 30.52 10.06
C TYR A 301 -8.95 29.07 9.76
N ASN A 302 -9.96 28.26 9.45
CA ASN A 302 -9.74 26.83 9.28
C ASN A 302 -8.76 26.57 8.14
N LEU A 303 -7.57 26.08 8.49
CA LEU A 303 -6.49 25.94 7.53
C LEU A 303 -5.78 24.60 7.73
N ASP A 304 -5.32 24.03 6.62
CA ASP A 304 -4.56 22.79 6.59
C ASP A 304 -3.09 23.15 6.61
N VAL A 305 -2.47 23.00 7.78
CA VAL A 305 -1.09 23.44 8.01
C VAL A 305 -0.21 22.19 8.07
N PHE A 306 0.55 21.96 7.01
CA PHE A 306 1.36 20.75 6.89
C PHE A 306 2.54 20.81 7.87
N GLN A 307 2.65 19.77 8.69
CA GLN A 307 3.71 19.68 9.72
C GLN A 307 3.72 20.90 10.62
N TYR A 308 2.56 21.19 11.20
CA TYR A 308 2.44 22.37 12.05
C TYR A 308 3.35 22.23 13.28
N GLU A 309 3.80 23.36 13.79
CA GLU A 309 4.73 23.40 14.90
C GLU A 309 4.03 23.89 16.16
N LEU A 310 4.75 23.78 17.28
CA LEU A 310 4.18 23.98 18.61
C LEU A 310 4.45 25.39 19.11
N ASN A 311 3.59 25.83 20.03
CA ASN A 311 3.72 27.10 20.74
CA ASN A 311 3.75 27.10 20.74
C ASN A 311 3.81 28.28 19.77
N ASN A 312 2.74 28.47 19.01
CA ASN A 312 2.63 29.62 18.12
C ASN A 312 1.15 29.85 17.80
N PRO A 313 0.79 31.07 17.37
CA PRO A 313 -0.64 31.40 17.22
C PRO A 313 -1.21 31.17 15.84
N MET A 314 -0.52 30.40 14.98
CA MET A 314 -1.04 30.13 13.65
C MET A 314 -2.37 29.37 13.73
N ALA A 315 -3.28 29.72 12.83
CA ALA A 315 -4.56 29.03 12.76
C ALA A 315 -4.37 27.59 12.32
N LEU A 316 -5.08 26.68 12.98
CA LEU A 316 -5.10 25.28 12.60
C LEU A 316 -6.47 24.95 11.98
N TYR A 317 -6.89 23.68 12.09
CA TYR A 317 -7.96 23.18 11.26
C TYR A 317 -9.34 23.67 11.68
N GLY A 318 -9.51 24.03 12.96
CA GLY A 318 -10.82 24.40 13.47
C GLY A 318 -10.77 25.75 14.16
N SER A 319 -11.95 26.34 14.31
CA SER A 319 -12.10 27.69 14.88
C SER A 319 -13.36 27.74 15.73
N VAL A 320 -13.21 27.92 17.03
CA VAL A 320 -14.33 28.13 17.94
C VAL A 320 -14.14 29.50 18.60
N PRO A 321 -14.85 30.52 18.15
CA PRO A 321 -14.64 31.90 18.65
C PRO A 321 -15.28 32.11 20.02
N VAL A 322 -14.73 31.41 21.01
CA VAL A 322 -15.23 31.45 22.38
C VAL A 322 -14.04 31.58 23.31
N LEU A 323 -14.08 32.58 24.19
CA LEU A 323 -13.02 32.83 25.14
C LEU A 323 -13.60 32.83 26.55
N LEU A 324 -12.91 32.16 27.47
CA LEU A 324 -13.32 32.09 28.87
C LEU A 324 -12.30 32.82 29.71
N ALA A 325 -12.79 33.55 30.71
CA ALA A 325 -11.94 34.30 31.64
C ALA A 325 -12.23 33.81 33.05
N HIS A 326 -11.17 33.48 33.79
CA HIS A 326 -11.30 32.92 35.12
C HIS A 326 -10.50 33.71 36.14
N SER A 327 -11.11 33.95 37.29
CA SER A 327 -10.44 34.50 38.45
C SER A 327 -10.92 33.75 39.69
N PHE A 328 -10.27 34.07 40.82
CA PHE A 328 -10.74 33.57 42.11
C PHE A 328 -12.21 33.91 42.35
N HIS A 329 -12.67 35.03 41.80
CA HIS A 329 -13.97 35.60 42.14
C HIS A 329 -15.08 35.27 41.15
N ARG A 330 -14.78 35.10 39.86
CA ARG A 330 -15.85 34.95 38.89
C ARG A 330 -15.32 34.28 37.63
N ASP A 331 -16.27 33.85 36.78
CA ASP A 331 -16.01 33.28 35.47
C ASP A 331 -16.88 33.98 34.45
N LEU A 332 -16.31 34.28 33.28
CA LEU A 332 -17.05 34.91 32.21
C LEU A 332 -16.71 34.25 30.88
N GLY A 333 -17.60 34.39 29.92
CA GLY A 333 -17.35 33.90 28.57
C GLY A 333 -17.75 34.89 27.49
N ILE A 334 -16.97 34.94 26.42
CA ILE A 334 -17.29 35.77 25.25
C ILE A 334 -17.45 34.85 24.05
N PHE A 335 -18.55 35.00 23.33
CA PHE A 335 -18.89 34.17 22.17
C PHE A 335 -19.11 35.08 20.98
N TRP A 336 -18.09 35.18 20.11
CA TRP A 336 -18.08 36.08 18.96
C TRP A 336 -18.63 35.32 17.76
N LEU A 337 -19.94 35.43 17.54
CA LEU A 337 -20.61 34.65 16.49
C LEU A 337 -20.33 35.29 15.13
N ASN A 338 -19.19 34.94 14.57
CA ASN A 338 -18.77 35.38 13.24
C ASN A 338 -18.06 34.23 12.54
N ALA A 339 -18.41 33.99 11.28
CA ALA A 339 -17.89 32.86 10.52
C ALA A 339 -16.74 33.22 9.59
N ALA A 340 -16.35 34.49 9.53
CA ALA A 340 -15.28 34.94 8.66
C ALA A 340 -13.94 34.88 9.38
N GLU A 341 -12.86 35.08 8.61
CA GLU A 341 -11.52 35.11 9.18
C GLU A 341 -11.46 36.09 10.33
N THR A 342 -10.91 35.65 11.45
CA THR A 342 -10.96 36.44 12.67
C THR A 342 -9.62 36.41 13.37
N TRP A 343 -9.16 37.57 13.81
CA TRP A 343 -7.95 37.70 14.60
C TRP A 343 -8.32 38.21 15.99
N VAL A 344 -7.59 37.74 17.00
CA VAL A 344 -7.93 38.00 18.39
C VAL A 344 -6.68 38.51 19.10
N ASP A 345 -6.73 39.75 19.58
CA ASP A 345 -5.65 40.32 20.37
C ASP A 345 -5.98 40.22 21.85
N ILE A 346 -4.96 39.94 22.66
CA ILE A 346 -5.10 39.78 24.10
C ILE A 346 -4.02 40.62 24.76
N SER A 347 -4.41 41.50 25.67
CA SER A 347 -3.48 42.41 26.31
C SER A 347 -3.78 42.51 27.79
N SER A 348 -2.72 42.63 28.59
CA SER A 348 -2.83 42.73 30.04
C SER A 348 -2.71 44.20 30.48
N ASN A 349 -3.04 44.43 31.74
CA ASN A 349 -2.88 45.74 32.38
C ASN A 349 -2.48 45.56 33.84
N THR A 369 -7.24 45.58 40.47
CA THR A 369 -6.53 46.32 39.43
C THR A 369 -6.12 45.51 38.18
N PRO A 370 -5.73 44.23 38.33
CA PRO A 370 -5.43 43.43 37.13
C PRO A 370 -6.63 43.32 36.18
N GLN A 371 -6.34 43.43 34.89
CA GLN A 371 -7.38 43.47 33.87
C GLN A 371 -6.81 42.90 32.57
N THR A 372 -7.62 42.11 31.88
CA THR A 372 -7.28 41.59 30.55
C THR A 372 -8.23 42.20 29.55
N ASP A 373 -7.69 42.66 28.43
CA ASP A 373 -8.47 43.21 27.33
C ASP A 373 -8.44 42.26 26.15
N ILE A 374 -9.57 42.13 25.48
CA ILE A 374 -9.74 41.20 24.37
C ILE A 374 -10.28 41.98 23.18
N ARG A 375 -9.71 41.76 22.00
CA ARG A 375 -10.16 42.44 20.79
C ARG A 375 -10.32 41.42 19.66
N TRP A 376 -11.50 41.41 19.04
CA TRP A 376 -11.81 40.53 17.93
C TRP A 376 -11.88 41.37 16.65
N MET A 377 -11.29 40.84 15.57
CA MET A 377 -11.32 41.50 14.27
C MET A 377 -11.69 40.47 13.21
N SER A 378 -12.77 40.73 12.47
CA SER A 378 -13.30 39.79 11.48
C SER A 378 -13.42 40.48 10.13
N GLU A 379 -13.30 39.69 9.07
CA GLU A 379 -13.22 40.27 7.73
C GLU A 379 -14.57 40.78 7.24
N SER A 380 -15.67 40.13 7.62
CA SER A 380 -16.98 40.59 7.16
C SER A 380 -18.03 40.12 8.16
N GLY A 381 -19.30 40.13 7.74
CA GLY A 381 -20.41 39.87 8.63
C GLY A 381 -20.69 41.06 9.55
N ILE A 382 -21.67 40.85 10.43
CA ILE A 382 -22.01 41.86 11.43
C ILE A 382 -21.22 41.61 12.70
N ILE A 383 -21.31 42.53 13.64
CA ILE A 383 -20.85 42.28 15.00
C ILE A 383 -21.96 41.54 15.73
N ASP A 384 -21.65 40.36 16.28
CA ASP A 384 -22.64 39.54 16.97
C ASP A 384 -21.90 38.79 18.08
N VAL A 385 -22.04 39.27 19.31
CA VAL A 385 -21.26 38.76 20.44
C VAL A 385 -22.21 38.46 21.59
N PHE A 386 -21.97 37.35 22.27
CA PHE A 386 -22.70 36.96 23.47
C PHE A 386 -21.80 37.12 24.68
N LEU A 387 -22.31 37.74 25.73
CA LEU A 387 -21.60 37.87 26.98
C LEU A 387 -22.25 36.94 27.99
N MET A 388 -21.50 35.96 28.45
CA MET A 388 -22.00 34.92 29.35
C MET A 388 -21.42 35.20 30.74
N LEU A 389 -22.29 35.56 31.67
CA LEU A 389 -21.90 36.28 32.87
C LEU A 389 -21.63 35.38 34.08
N GLY A 390 -21.64 34.07 33.90
CA GLY A 390 -21.38 33.16 35.00
C GLY A 390 -22.47 33.19 36.06
N PRO A 391 -22.09 33.32 37.34
CA PRO A 391 -20.76 33.62 37.85
C PRO A 391 -19.78 32.46 37.93
N SER A 392 -20.26 31.22 38.00
CA SER A 392 -19.34 30.09 38.01
C SER A 392 -19.07 29.62 36.58
N VAL A 393 -17.98 28.89 36.41
CA VAL A 393 -17.65 28.38 35.08
C VAL A 393 -18.68 27.37 34.61
N PHE A 394 -19.31 26.64 35.54
CA PHE A 394 -20.37 25.73 35.12
C PHE A 394 -21.60 26.49 34.66
N ASP A 395 -21.82 27.70 35.19
CA ASP A 395 -22.85 28.57 34.62
C ASP A 395 -22.50 28.96 33.20
N VAL A 396 -21.22 29.25 32.94
CA VAL A 396 -20.80 29.58 31.59
C VAL A 396 -21.00 28.40 30.66
N PHE A 397 -20.66 27.19 31.12
CA PHE A 397 -20.94 25.98 30.35
C PHE A 397 -22.42 25.90 29.99
N ARG A 398 -23.29 26.07 30.98
CA ARG A 398 -24.73 26.01 30.75
C ARG A 398 -25.18 27.12 29.80
N GLN A 399 -24.64 28.32 29.96
CA GLN A 399 -25.04 29.45 29.12
C GLN A 399 -24.65 29.21 27.67
N TYR A 400 -23.42 28.76 27.44
CA TYR A 400 -22.98 28.48 26.08
C TYR A 400 -23.73 27.30 25.48
N ALA A 401 -23.98 26.26 26.28
CA ALA A 401 -24.72 25.10 25.79
C ALA A 401 -26.14 25.48 25.37
N SER A 402 -26.79 26.39 26.10
CA SER A 402 -28.13 26.81 25.69
C SER A 402 -28.09 27.51 24.34
N LEU A 403 -26.97 28.13 23.99
CA LEU A 403 -26.84 28.81 22.71
C LEU A 403 -26.53 27.84 21.57
N THR A 404 -25.48 27.02 21.71
CA THR A 404 -24.98 26.22 20.59
C THR A 404 -25.22 24.72 20.77
N GLY A 405 -25.88 24.30 21.83
CA GLY A 405 -26.19 22.89 22.03
C GLY A 405 -25.11 22.15 22.77
N THR A 406 -25.34 20.85 22.93
CA THR A 406 -24.46 20.02 23.75
C THR A 406 -23.81 18.94 22.90
N GLN A 407 -22.80 18.32 23.50
CA GLN A 407 -22.11 17.19 22.89
C GLN A 407 -23.10 16.07 22.54
N ALA A 408 -23.07 15.63 21.29
CA ALA A 408 -23.88 14.48 20.90
C ALA A 408 -23.42 13.25 21.67
N LEU A 409 -24.38 12.50 22.19
CA LEU A 409 -24.05 11.29 22.93
C LEU A 409 -23.40 10.28 22.00
N PRO A 410 -22.13 9.94 22.21
CA PRO A 410 -21.46 9.02 21.29
C PRO A 410 -22.01 7.61 21.46
N PRO A 411 -22.16 6.87 20.37
CA PRO A 411 -22.41 5.43 20.53
C PRO A 411 -21.26 4.81 21.31
N LEU A 412 -21.59 3.84 22.17
CA LEU A 412 -20.61 3.35 23.14
C LEU A 412 -19.32 2.90 22.46
N PHE A 413 -19.43 2.21 21.32
CA PHE A 413 -18.24 1.67 20.68
C PHE A 413 -17.23 2.76 20.34
N SER A 414 -17.71 3.97 20.04
CA SER A 414 -16.80 5.03 19.62
C SER A 414 -15.96 5.58 20.78
N LEU A 415 -16.23 5.15 21.99
CA LEU A 415 -15.40 5.49 23.15
C LEU A 415 -14.35 4.43 23.45
N GLY A 416 -14.36 3.32 22.72
CA GLY A 416 -13.30 2.33 22.82
C GLY A 416 -12.04 2.77 22.08
N TYR A 417 -11.23 1.77 21.72
CA TYR A 417 -9.95 2.00 21.05
C TYR A 417 -10.13 1.86 19.55
N HIS A 418 -9.65 2.85 18.79
CA HIS A 418 -9.68 2.82 17.33
C HIS A 418 -8.26 2.57 16.81
N GLN A 419 -8.14 1.60 15.89
CA GLN A 419 -6.86 1.29 15.26
C GLN A 419 -6.92 1.77 13.81
N SER A 420 -5.99 2.66 13.46
CA SER A 420 -6.00 3.28 12.15
C SER A 420 -4.57 3.47 11.64
N ARG A 421 -4.47 3.61 10.32
CA ARG A 421 -3.28 4.16 9.69
C ARG A 421 -3.64 4.50 8.25
N TRP A 422 -2.74 5.23 7.62
CA TRP A 422 -2.74 5.46 6.18
C TRP A 422 -1.64 4.54 5.63
N ASN A 423 -1.98 3.38 5.08
CA ASN A 423 -3.32 2.82 4.88
C ASN A 423 -3.26 1.32 5.13
N TYR A 424 -4.36 0.69 5.55
CA TYR A 424 -4.46 -0.76 5.46
C TYR A 424 -4.78 -1.11 4.01
N ARG A 425 -3.99 -2.03 3.44
CA ARG A 425 -3.90 -2.10 1.98
C ARG A 425 -5.06 -2.84 1.33
N ASP A 426 -5.62 -3.86 1.99
CA ASP A 426 -6.71 -4.60 1.37
C ASP A 426 -7.54 -5.27 2.46
N GLU A 427 -8.57 -5.99 2.03
CA GLU A 427 -9.45 -6.68 2.99
C GLU A 427 -8.66 -7.65 3.84
N ALA A 428 -7.71 -8.37 3.23
CA ALA A 428 -6.91 -9.33 3.99
C ALA A 428 -6.12 -8.63 5.09
N ASP A 429 -5.61 -7.44 4.81
CA ASP A 429 -4.86 -6.69 5.82
C ASP A 429 -5.77 -6.30 6.97
N VAL A 430 -6.97 -5.79 6.65
CA VAL A 430 -7.93 -5.42 7.69
C VAL A 430 -8.26 -6.63 8.57
N LEU A 431 -8.52 -7.78 7.96
CA LEU A 431 -8.85 -8.97 8.74
C LEU A 431 -7.66 -9.50 9.53
N GLU A 432 -6.45 -9.31 9.01
CA GLU A 432 -5.26 -9.71 9.76
C GLU A 432 -5.06 -8.82 10.98
N VAL A 433 -5.32 -7.52 10.83
CA VAL A 433 -5.25 -6.62 11.97
C VAL A 433 -6.29 -7.00 13.02
N ASP A 434 -7.53 -7.25 12.56
CA ASP A 434 -8.58 -7.71 13.46
C ASP A 434 -8.15 -8.95 14.24
N GLN A 435 -7.58 -9.95 13.55
CA GLN A 435 -7.17 -11.18 14.21
C GLN A 435 -5.97 -10.97 15.12
N GLY A 436 -5.09 -10.03 14.77
CA GLY A 436 -3.93 -9.77 15.61
C GLY A 436 -4.31 -9.26 17.00
N PHE A 437 -5.34 -8.42 17.08
CA PHE A 437 -5.81 -7.96 18.39
C PHE A 437 -6.23 -9.14 19.27
N ASP A 438 -6.98 -10.08 18.69
CA ASP A 438 -7.44 -11.24 19.45
C ASP A 438 -6.29 -12.18 19.79
N ASP A 439 -5.38 -12.43 18.83
CA ASP A 439 -4.24 -13.29 19.09
C ASP A 439 -3.30 -12.73 20.16
N HIS A 440 -3.33 -11.42 20.38
CA HIS A 440 -2.45 -10.80 21.36
C HIS A 440 -3.19 -10.21 22.54
N ASN A 441 -4.46 -10.59 22.70
CA ASN A 441 -5.27 -10.24 23.88
C ASN A 441 -5.27 -8.72 24.11
N MET A 442 -5.70 -8.00 23.07
CA MET A 442 -5.81 -6.55 23.11
C MET A 442 -7.17 -6.13 22.59
N PRO A 443 -7.92 -5.34 23.35
CA PRO A 443 -9.26 -4.93 22.91
C PRO A 443 -9.20 -3.84 21.86
N CYS A 444 -10.17 -3.86 20.95
CA CYS A 444 -10.27 -2.86 19.90
C CYS A 444 -11.65 -2.88 19.29
N ASP A 445 -12.25 -1.70 19.13
CA ASP A 445 -13.62 -1.59 18.62
C ASP A 445 -13.71 -1.27 17.13
N VAL A 446 -12.76 -0.51 16.59
CA VAL A 446 -12.90 0.02 15.24
C VAL A 446 -11.56 -0.07 14.50
N ILE A 447 -11.63 -0.50 13.25
CA ILE A 447 -10.51 -0.46 12.32
C ILE A 447 -10.89 0.55 11.24
N TRP A 448 -9.96 1.45 10.91
CA TRP A 448 -10.22 2.57 10.02
C TRP A 448 -9.61 2.34 8.64
N LEU A 449 -10.32 2.81 7.61
CA LEU A 449 -9.87 2.76 6.23
C LEU A 449 -9.63 4.18 5.74
N ASP A 450 -8.36 4.50 5.45
CA ASP A 450 -8.00 5.83 4.97
C ASP A 450 -8.21 5.90 3.45
N ILE A 451 -7.71 6.95 2.81
CA ILE A 451 -8.14 7.28 1.44
C ILE A 451 -7.74 6.23 0.40
N GLU A 452 -6.82 5.33 0.71
CA GLU A 452 -6.43 4.34 -0.30
C GLU A 452 -7.44 3.20 -0.45
N HIS A 453 -8.51 3.17 0.35
CA HIS A 453 -9.51 2.13 0.18
C HIS A 453 -10.46 2.42 -0.98
N ALA A 454 -10.54 3.66 -1.42
CA ALA A 454 -11.44 4.06 -2.49
C ALA A 454 -10.79 3.86 -3.87
N ASP A 455 -11.59 4.05 -4.91
CA ASP A 455 -11.11 3.98 -6.29
C ASP A 455 -10.49 5.32 -6.67
N GLY A 456 -9.17 5.43 -6.55
CA GLY A 456 -8.48 6.66 -6.93
C GLY A 456 -8.99 7.89 -6.22
N LYS A 457 -9.35 7.77 -4.95
CA LYS A 457 -9.83 8.87 -4.11
C LYS A 457 -11.14 9.46 -4.65
N ARG A 458 -11.92 8.62 -5.34
CA ARG A 458 -13.33 8.89 -5.60
C ARG A 458 -14.12 8.38 -4.40
N TYR A 459 -14.62 9.29 -3.58
CA TYR A 459 -15.26 8.89 -2.33
C TYR A 459 -16.61 8.25 -2.59
N PHE A 460 -17.02 7.39 -1.65
CA PHE A 460 -18.17 6.50 -1.72
C PHE A 460 -17.93 5.31 -2.64
N THR A 461 -16.69 5.08 -3.09
CA THR A 461 -16.35 3.92 -3.91
C THR A 461 -15.33 3.05 -3.18
N TRP A 462 -15.01 1.92 -3.81
CA TRP A 462 -14.10 0.92 -3.26
C TRP A 462 -13.12 0.51 -4.34
N ASP A 463 -11.86 0.33 -3.96
CA ASP A 463 -10.88 -0.11 -4.94
C ASP A 463 -11.23 -1.51 -5.44
N PRO A 464 -11.40 -1.69 -6.75
CA PRO A 464 -11.89 -2.99 -7.26
C PRO A 464 -10.91 -4.14 -7.09
N THR A 465 -9.63 -3.86 -6.84
CA THR A 465 -8.68 -4.94 -6.60
C THR A 465 -8.53 -5.24 -5.12
N ARG A 466 -8.32 -4.21 -4.31
CA ARG A 466 -7.96 -4.41 -2.91
C ARG A 466 -9.16 -4.46 -1.97
N PHE A 467 -10.30 -3.88 -2.36
CA PHE A 467 -11.55 -3.96 -1.59
C PHE A 467 -12.70 -4.38 -2.50
N PRO A 468 -12.65 -5.59 -3.09
CA PRO A 468 -13.70 -5.99 -4.03
C PRO A 468 -15.01 -6.43 -3.37
N GLN A 469 -14.99 -6.84 -2.10
CA GLN A 469 -16.17 -7.37 -1.41
C GLN A 469 -16.34 -6.68 -0.06
N PRO A 470 -16.68 -5.39 -0.04
CA PRO A 470 -16.77 -4.68 1.24
C PRO A 470 -17.83 -5.25 2.18
N LEU A 471 -18.98 -5.71 1.66
CA LEU A 471 -19.98 -6.30 2.53
C LEU A 471 -19.45 -7.52 3.28
N ASN A 472 -18.66 -8.35 2.60
CA ASN A 472 -18.09 -9.53 3.28
C ASN A 472 -17.10 -9.12 4.36
N MET A 473 -16.26 -8.13 4.08
CA MET A 473 -15.34 -7.63 5.09
C MET A 473 -16.09 -7.11 6.31
N LEU A 474 -17.14 -6.31 6.08
CA LEU A 474 -17.95 -5.79 7.19
C LEU A 474 -18.65 -6.92 7.94
N GLU A 475 -19.07 -7.97 7.23
CA GLU A 475 -19.70 -9.10 7.90
C GLU A 475 -18.70 -9.82 8.82
N HIS A 476 -17.47 -10.03 8.34
CA HIS A 476 -16.47 -10.65 9.21
CA HIS A 476 -16.45 -10.64 9.19
C HIS A 476 -16.19 -9.78 10.43
N LEU A 477 -16.18 -8.46 10.26
CA LEU A 477 -15.94 -7.59 11.41
C LEU A 477 -17.13 -7.62 12.36
N ALA A 478 -18.36 -7.65 11.81
CA ALA A 478 -19.54 -7.75 12.66
C ALA A 478 -19.55 -9.05 13.44
N SER A 479 -19.01 -10.13 12.87
CA SER A 479 -18.95 -11.39 13.59
C SER A 479 -17.95 -11.34 14.73
N LYS A 480 -16.97 -10.44 14.67
CA LYS A 480 -16.11 -10.13 15.82
C LYS A 480 -16.69 -9.01 16.66
N ARG A 481 -17.88 -8.52 16.31
CA ARG A 481 -18.54 -7.44 17.02
C ARG A 481 -17.66 -6.19 17.06
N ARG A 482 -17.06 -5.87 15.92
CA ARG A 482 -16.26 -4.68 15.71
C ARG A 482 -16.87 -3.85 14.59
N LYS A 483 -16.39 -2.62 14.46
CA LYS A 483 -16.90 -1.68 13.48
C LYS A 483 -15.78 -1.28 12.53
N LEU A 484 -16.17 -0.57 11.48
CA LEU A 484 -15.24 -0.01 10.53
C LEU A 484 -15.60 1.46 10.29
N VAL A 485 -14.57 2.27 10.07
CA VAL A 485 -14.74 3.67 9.68
C VAL A 485 -14.08 3.86 8.32
N ALA A 486 -14.82 4.44 7.39
CA ALA A 486 -14.30 4.80 6.07
C ALA A 486 -14.24 6.32 5.94
N ILE A 487 -13.16 6.80 5.35
CA ILE A 487 -13.00 8.24 5.14
C ILE A 487 -13.83 8.65 3.94
N VAL A 488 -14.48 9.81 4.07
CA VAL A 488 -15.24 10.45 3.01
C VAL A 488 -14.92 11.94 3.10
N ASP A 489 -14.23 12.48 2.09
CA ASP A 489 -13.81 13.86 2.08
C ASP A 489 -14.78 14.69 1.23
N PRO A 490 -14.85 16.00 1.46
CA PRO A 490 -15.80 16.83 0.70
C PRO A 490 -15.31 17.30 -0.66
N HIS A 491 -14.19 16.81 -1.19
CA HIS A 491 -13.79 17.20 -2.54
C HIS A 491 -14.10 16.07 -3.50
N ILE A 492 -14.61 16.42 -4.68
CA ILE A 492 -15.18 15.47 -5.61
C ILE A 492 -14.36 15.52 -6.90
N LYS A 493 -13.75 14.39 -7.26
CA LYS A 493 -12.92 14.34 -8.46
C LYS A 493 -13.70 14.78 -9.68
N VAL A 494 -13.13 15.69 -10.45
CA VAL A 494 -13.72 16.08 -11.72
C VAL A 494 -13.50 14.93 -12.71
N ASP A 495 -14.56 14.18 -12.99
CA ASP A 495 -14.44 12.93 -13.74
C ASP A 495 -15.84 12.55 -14.23
N SER A 496 -16.04 12.61 -15.54
CA SER A 496 -17.36 12.35 -16.10
C SER A 496 -17.82 10.91 -15.91
N GLY A 497 -16.94 10.00 -15.53
CA GLY A 497 -17.34 8.64 -15.20
C GLY A 497 -17.71 8.42 -13.76
N TYR A 498 -17.58 9.47 -12.94
CA TYR A 498 -17.82 9.39 -11.50
C TYR A 498 -19.24 9.92 -11.24
N ARG A 499 -20.14 9.00 -10.84
CA ARG A 499 -21.56 9.36 -10.69
C ARG A 499 -21.76 10.52 -9.73
N VAL A 500 -21.00 10.57 -8.63
CA VAL A 500 -21.17 11.64 -7.65
C VAL A 500 -20.88 12.99 -8.31
N HIS A 501 -19.77 13.08 -9.04
CA HIS A 501 -19.44 14.35 -9.70
C HIS A 501 -20.49 14.70 -10.73
N GLU A 502 -21.00 13.71 -11.46
CA GLU A 502 -21.97 13.99 -12.52
C GLU A 502 -23.28 14.51 -11.94
N GLU A 503 -23.79 13.87 -10.87
CA GLU A 503 -25.04 14.35 -10.30
C GLU A 503 -24.88 15.73 -9.68
N LEU A 504 -23.77 15.97 -8.97
CA LEU A 504 -23.55 17.29 -8.38
C LEU A 504 -23.38 18.37 -9.44
N ARG A 505 -22.77 18.04 -10.58
CA ARG A 505 -22.66 19.02 -11.65
C ARG A 505 -24.02 19.30 -12.28
N ASN A 506 -24.76 18.25 -12.60
CA ASN A 506 -26.04 18.39 -13.28
C ASN A 506 -27.08 19.11 -12.43
N HIS A 507 -26.95 19.06 -11.11
CA HIS A 507 -27.87 19.72 -10.20
C HIS A 507 -27.37 21.05 -9.70
N GLY A 508 -26.22 21.52 -10.19
CA GLY A 508 -25.71 22.82 -9.80
C GLY A 508 -25.41 22.98 -8.32
N LEU A 509 -24.85 21.93 -7.69
CA LEU A 509 -24.63 21.93 -6.25
C LEU A 509 -23.19 22.24 -5.86
N TYR A 510 -22.35 22.65 -6.79
CA TYR A 510 -20.95 22.94 -6.51
C TYR A 510 -20.77 24.40 -6.15
N VAL A 511 -19.75 24.66 -5.33
CA VAL A 511 -19.28 26.04 -5.14
C VAL A 511 -18.88 26.59 -6.50
N LYS A 512 -19.17 27.87 -6.72
CA LYS A 512 -18.96 28.49 -8.02
C LYS A 512 -17.97 29.65 -7.92
N THR A 513 -17.40 30.01 -9.06
CA THR A 513 -16.61 31.23 -9.17
C THR A 513 -17.50 32.38 -9.62
N ARG A 514 -16.92 33.59 -9.64
CA ARG A 514 -17.71 34.77 -9.98
C ARG A 514 -18.28 34.72 -11.40
N ASP A 515 -17.67 33.97 -12.31
CA ASP A 515 -18.17 33.88 -13.68
C ASP A 515 -19.23 32.80 -13.85
N GLY A 516 -19.69 32.19 -12.75
CA GLY A 516 -20.75 31.20 -12.81
C GLY A 516 -20.31 29.78 -13.08
N SER A 517 -19.03 29.54 -13.31
CA SER A 517 -18.61 28.16 -13.50
C SER A 517 -18.28 27.52 -12.15
N ASP A 518 -18.36 26.20 -12.12
CA ASP A 518 -18.06 25.46 -10.90
C ASP A 518 -16.58 25.62 -10.55
N TYR A 519 -16.31 25.89 -9.28
CA TYR A 519 -14.93 26.03 -8.83
C TYR A 519 -14.21 24.69 -8.98
N GLU A 520 -12.96 24.74 -9.43
CA GLU A 520 -12.14 23.55 -9.56
C GLU A 520 -10.79 23.83 -8.93
N GLY A 521 -10.45 23.06 -7.90
CA GLY A 521 -9.13 23.12 -7.29
C GLY A 521 -8.44 21.79 -7.38
N TRP A 522 -7.37 21.60 -6.62
CA TRP A 522 -6.58 20.37 -6.64
C TRP A 522 -6.60 19.74 -5.25
N CYS A 523 -6.79 18.43 -5.20
CA CYS A 523 -6.67 17.72 -3.94
C CYS A 523 -6.24 16.29 -4.24
N TRP A 524 -6.54 15.37 -3.33
CA TRP A 524 -6.06 14.00 -3.45
C TRP A 524 -6.38 13.33 -4.79
N PRO A 525 -7.57 13.47 -5.39
CA PRO A 525 -7.80 12.81 -6.67
C PRO A 525 -7.37 13.66 -7.85
N GLY A 526 -6.52 14.65 -7.58
CA GLY A 526 -6.15 15.62 -8.59
C GLY A 526 -7.15 16.76 -8.68
N SER A 527 -7.54 17.13 -9.91
CA SER A 527 -8.53 18.19 -10.08
C SER A 527 -9.87 17.77 -9.46
N ALA A 528 -10.39 18.62 -8.58
CA ALA A 528 -11.59 18.31 -7.81
C ALA A 528 -12.48 19.55 -7.70
N SER A 529 -13.78 19.31 -7.55
CA SER A 529 -14.74 20.36 -7.23
C SER A 529 -15.25 20.21 -5.80
N TYR A 530 -15.88 21.26 -5.31
CA TYR A 530 -16.25 21.37 -3.90
C TYR A 530 -17.74 21.62 -3.76
N PRO A 531 -18.50 20.65 -3.23
CA PRO A 531 -19.94 20.87 -3.01
C PRO A 531 -20.18 22.05 -2.08
N ASP A 532 -21.27 22.77 -2.35
CA ASP A 532 -21.65 23.92 -1.53
C ASP A 532 -22.44 23.41 -0.33
N PHE A 533 -21.72 23.02 0.71
CA PHE A 533 -22.39 22.50 1.90
C PHE A 533 -23.16 23.58 2.66
N THR A 534 -22.96 24.88 2.35
CA THR A 534 -23.83 25.88 2.93
C THR A 534 -25.23 25.85 2.32
N ASN A 535 -25.40 25.15 1.21
CA ASN A 535 -26.70 25.02 0.57
C ASN A 535 -27.46 23.86 1.20
N PRO A 536 -28.62 24.10 1.81
CA PRO A 536 -29.38 22.97 2.38
C PRO A 536 -29.72 21.89 1.38
N ARG A 537 -29.88 22.23 0.10
CA ARG A 537 -30.14 21.22 -0.92
C ARG A 537 -28.95 20.28 -1.07
N MET A 538 -27.73 20.82 -0.97
CA MET A 538 -26.54 19.96 -1.04
C MET A 538 -26.45 19.06 0.18
N ARG A 539 -26.78 19.58 1.36
CA ARG A 539 -26.69 18.75 2.56
C ARG A 539 -27.71 17.61 2.52
N ALA A 540 -28.91 17.87 2.00
CA ALA A 540 -29.90 16.80 1.87
C ALA A 540 -29.44 15.77 0.85
N TRP A 541 -28.83 16.20 -0.24
CA TRP A 541 -28.26 15.27 -1.20
C TRP A 541 -27.16 14.42 -0.56
N TRP A 542 -26.22 15.09 0.13
CA TRP A 542 -25.14 14.39 0.81
C TRP A 542 -25.67 13.38 1.81
N SER A 543 -26.68 13.75 2.59
CA SER A 543 -27.21 12.84 3.58
CA SER A 543 -27.23 12.85 3.59
C SER A 543 -27.85 11.61 2.94
N ASN A 544 -28.57 11.81 1.84
CA ASN A 544 -29.21 10.69 1.15
C ASN A 544 -28.18 9.76 0.53
N MET A 545 -27.00 10.28 0.22
CA MET A 545 -25.95 9.48 -0.40
C MET A 545 -25.44 8.39 0.53
N PHE A 546 -25.67 8.50 1.84
CA PHE A 546 -25.24 7.49 2.80
C PHE A 546 -26.25 6.37 3.01
N SER A 547 -27.37 6.38 2.28
CA SER A 547 -28.26 5.22 2.33
C SER A 547 -27.53 3.99 1.81
N PHE A 548 -27.95 2.80 2.30
CA PHE A 548 -27.27 1.58 1.93
C PHE A 548 -27.42 1.23 0.45
N ASP A 549 -28.45 1.77 -0.22
CA ASP A 549 -28.58 1.58 -1.66
C ASP A 549 -27.72 2.55 -2.45
N ASN A 550 -27.46 3.75 -1.93
CA ASN A 550 -26.64 4.71 -2.67
C ASN A 550 -25.16 4.46 -2.41
N TYR A 551 -24.78 4.26 -1.16
CA TYR A 551 -23.39 3.96 -0.78
C TYR A 551 -23.21 2.45 -0.79
N GLU A 552 -23.07 1.92 -2.01
CA GLU A 552 -22.95 0.47 -2.18
C GLU A 552 -21.71 -0.07 -1.47
N GLY A 553 -21.89 -1.20 -0.78
CA GLY A 553 -20.83 -1.78 0.01
C GLY A 553 -20.78 -1.34 1.46
N SER A 554 -21.60 -0.37 1.85
CA SER A 554 -21.66 0.04 3.25
C SER A 554 -22.68 -0.80 4.01
N ALA A 555 -22.58 -0.77 5.33
CA ALA A 555 -23.38 -1.60 6.20
C ALA A 555 -23.54 -0.89 7.53
N PRO A 556 -24.47 -1.35 8.38
CA PRO A 556 -24.70 -0.64 9.66
C PRO A 556 -23.49 -0.51 10.56
N ASN A 557 -22.46 -1.35 10.41
CA ASN A 557 -21.26 -1.22 11.24
C ASN A 557 -20.14 -0.46 10.54
N LEU A 558 -20.46 0.31 9.50
CA LEU A 558 -19.52 1.21 8.85
C LEU A 558 -19.88 2.65 9.22
N TYR A 559 -18.91 3.38 9.75
CA TYR A 559 -19.10 4.79 10.11
C TYR A 559 -18.09 5.64 9.32
N VAL A 560 -18.12 6.95 9.54
CA VAL A 560 -17.51 7.86 8.58
C VAL A 560 -16.51 8.81 9.24
N TRP A 561 -15.49 9.18 8.47
CA TRP A 561 -14.46 10.13 8.83
C TRP A 561 -14.46 11.22 7.78
N ASN A 562 -14.77 12.46 8.19
CA ASN A 562 -14.69 13.63 7.32
C ASN A 562 -13.35 14.31 7.52
N ASP A 563 -12.53 14.34 6.49
CA ASP A 563 -11.24 14.99 6.55
C ASP A 563 -11.17 16.08 5.48
N MET A 564 -10.15 16.94 5.58
CA MET A 564 -9.86 17.95 4.57
C MET A 564 -11.01 18.93 4.36
N ASN A 565 -11.88 19.12 5.36
CA ASN A 565 -13.09 19.91 5.18
C ASN A 565 -12.93 21.36 5.63
N GLU A 566 -11.70 21.87 5.64
CA GLU A 566 -11.50 23.29 5.95
C GLU A 566 -12.20 24.24 4.98
N PRO A 567 -12.29 24.00 3.65
CA PRO A 567 -11.80 22.87 2.83
C PRO A 567 -10.35 23.03 2.45
N SER A 568 -9.64 21.92 2.33
CA SER A 568 -8.25 21.94 1.90
C SER A 568 -8.20 21.96 0.37
N VAL A 569 -7.48 22.93 -0.19
CA VAL A 569 -7.32 23.06 -1.64
C VAL A 569 -5.83 23.23 -1.90
N PHE A 570 -5.21 22.21 -2.49
CA PHE A 570 -3.76 22.16 -2.56
C PHE A 570 -3.17 23.33 -3.35
N ASN A 571 -3.88 23.83 -4.36
CA ASN A 571 -3.40 24.92 -5.20
C ASN A 571 -4.08 26.25 -4.88
N GLY A 572 -4.73 26.35 -3.73
CA GLY A 572 -5.42 27.57 -3.35
C GLY A 572 -4.62 28.39 -2.36
N PRO A 573 -5.05 29.64 -2.13
CA PRO A 573 -4.33 30.51 -1.19
C PRO A 573 -4.41 29.97 0.23
N GLU A 574 -3.25 29.83 0.86
CA GLU A 574 -3.15 29.24 2.20
C GLU A 574 -3.73 27.83 2.24
N VAL A 575 -3.67 27.16 1.09
CA VAL A 575 -4.11 25.77 0.91
C VAL A 575 -5.62 25.66 1.18
N THR A 576 -6.38 26.69 0.82
CA THR A 576 -7.84 26.63 0.95
C THR A 576 -8.48 27.39 -0.21
N MET A 577 -9.78 27.61 -0.11
CA MET A 577 -10.58 28.10 -1.22
C MET A 577 -10.42 29.59 -1.40
N LEU A 578 -10.62 30.05 -2.65
CA LEU A 578 -10.55 31.47 -2.96
C LEU A 578 -11.60 32.26 -2.18
N LYS A 579 -11.18 33.42 -1.67
CA LYS A 579 -12.07 34.29 -0.89
C LYS A 579 -13.31 34.68 -1.67
N ASP A 580 -13.18 34.90 -2.98
CA ASP A 580 -14.28 35.40 -3.79
C ASP A 580 -15.04 34.31 -4.51
N ALA A 581 -14.90 33.05 -4.08
CA ALA A 581 -15.81 32.03 -4.55
C ALA A 581 -17.21 32.29 -3.99
N VAL A 582 -18.22 31.77 -4.66
CA VAL A 582 -19.60 32.19 -4.43
C VAL A 582 -20.40 30.97 -3.98
N HIS A 583 -21.17 31.14 -2.90
CA HIS A 583 -21.97 30.09 -2.31
C HIS A 583 -23.45 30.40 -2.47
N TYR A 584 -24.27 29.50 -1.93
CA TYR A 584 -25.72 29.64 -1.90
C TYR A 584 -26.13 31.02 -1.40
N GLY A 585 -27.13 31.60 -2.05
CA GLY A 585 -27.61 32.91 -1.69
C GLY A 585 -26.75 34.08 -2.15
N GLY A 586 -25.65 33.81 -2.86
CA GLY A 586 -24.77 34.86 -3.30
C GLY A 586 -23.63 35.21 -2.36
N TRP A 587 -23.58 34.60 -1.17
CA TRP A 587 -22.54 34.93 -0.22
C TRP A 587 -21.16 34.49 -0.71
N GLU A 588 -20.15 35.25 -0.35
CA GLU A 588 -18.78 34.92 -0.71
C GLU A 588 -18.20 33.90 0.25
N HIS A 589 -17.13 33.23 -0.20
CA HIS A 589 -16.49 32.25 0.67
C HIS A 589 -15.87 32.92 1.89
N ARG A 590 -15.42 34.17 1.74
CA ARG A 590 -14.86 34.88 2.90
C ARG A 590 -15.91 35.04 4.00
N ASP A 591 -17.20 35.06 3.63
CA ASP A 591 -18.25 35.23 4.61
C ASP A 591 -18.50 33.97 5.44
N ILE A 592 -18.33 32.78 4.84
CA ILE A 592 -18.81 31.53 5.44
C ILE A 592 -17.69 30.59 5.85
N HIS A 593 -16.43 30.96 5.62
CA HIS A 593 -15.34 29.97 5.61
C HIS A 593 -15.38 29.04 6.81
N ASN A 594 -15.54 29.59 8.02
CA ASN A 594 -15.29 28.79 9.21
C ASN A 594 -16.44 27.85 9.56
N ILE A 595 -17.56 27.89 8.86
CA ILE A 595 -18.62 26.90 9.09
C ILE A 595 -18.74 25.91 7.95
N TYR A 596 -17.89 26.00 6.93
CA TYR A 596 -17.93 25.02 5.85
C TYR A 596 -17.73 23.61 6.38
N GLY A 597 -16.70 23.40 7.21
CA GLY A 597 -16.45 22.07 7.74
C GLY A 597 -17.57 21.57 8.61
N LEU A 598 -18.10 22.46 9.47
CA LEU A 598 -19.25 22.14 10.30
C LEU A 598 -20.40 21.56 9.47
N TYR A 599 -20.67 22.16 8.32
CA TYR A 599 -21.77 21.70 7.48
C TYR A 599 -21.50 20.31 6.92
N VAL A 600 -20.25 20.03 6.54
CA VAL A 600 -19.89 18.68 6.11
C VAL A 600 -20.12 17.69 7.24
N HIS A 601 -19.61 18.03 8.43
CA HIS A 601 -19.82 17.20 9.63
C HIS A 601 -21.30 16.97 9.87
N MET A 602 -22.10 18.06 9.83
CA MET A 602 -23.53 17.95 10.07
C MET A 602 -24.21 17.05 9.05
N ALA A 603 -23.93 17.27 7.76
CA ALA A 603 -24.62 16.51 6.72
C ALA A 603 -24.22 15.04 6.74
N THR A 604 -22.99 14.74 7.15
CA THR A 604 -22.58 13.34 7.26
C THR A 604 -23.28 12.66 8.42
N ALA A 605 -23.30 13.31 9.59
CA ALA A 605 -23.96 12.73 10.76
C ALA A 605 -25.44 12.48 10.49
N ASP A 606 -26.12 13.44 9.84
CA ASP A 606 -27.51 13.25 9.51
CA ASP A 606 -27.52 13.26 9.50
C ASP A 606 -27.70 12.07 8.55
N GLY A 607 -26.75 11.87 7.64
CA GLY A 607 -26.85 10.75 6.72
C GLY A 607 -26.78 9.40 7.41
N LEU A 608 -25.90 9.27 8.41
CA LEU A 608 -25.84 8.03 9.18
C LEU A 608 -27.09 7.80 10.01
N ILE A 609 -27.75 8.88 10.44
CA ILE A 609 -29.00 8.72 11.16
C ILE A 609 -30.11 8.27 10.21
N GLN A 610 -30.27 8.98 9.09
CA GLN A 610 -31.39 8.69 8.19
C GLN A 610 -31.26 7.33 7.51
N ARG A 611 -30.03 6.88 7.21
CA ARG A 611 -29.87 5.58 6.56
C ARG A 611 -30.41 4.44 7.43
N SER A 612 -30.55 4.68 8.74
CA SER A 612 -31.07 3.68 9.67
C SER A 612 -32.56 3.87 9.96
N GLY A 613 -33.23 4.78 9.24
CA GLY A 613 -34.59 5.14 9.60
C GLY A 613 -34.70 6.02 10.82
N GLY A 614 -33.65 6.72 11.19
CA GLY A 614 -33.68 7.62 12.32
C GLY A 614 -33.45 6.97 13.68
N ILE A 615 -32.93 5.74 13.70
CA ILE A 615 -32.82 4.97 14.92
C ILE A 615 -31.41 5.00 15.49
N GLU A 616 -30.39 4.85 14.64
CA GLU A 616 -29.02 4.68 15.09
C GLU A 616 -28.33 6.02 15.34
N ARG A 617 -27.61 6.10 16.44
CA ARG A 617 -26.80 7.29 16.68
C ARG A 617 -25.60 7.28 15.72
N PRO A 618 -25.20 8.43 15.22
CA PRO A 618 -24.07 8.47 14.28
C PRO A 618 -22.73 8.50 15.00
N PHE A 619 -21.68 8.16 14.27
CA PHE A 619 -20.32 8.50 14.67
C PHE A 619 -19.57 9.07 13.48
N VAL A 620 -19.13 10.32 13.60
CA VAL A 620 -18.40 11.01 12.55
C VAL A 620 -17.23 11.76 13.18
N LEU A 621 -16.02 11.52 12.68
CA LEU A 621 -14.86 12.31 13.04
C LEU A 621 -14.65 13.40 12.00
N SER A 622 -14.37 14.62 12.45
CA SER A 622 -14.21 15.76 11.57
C SER A 622 -12.91 16.48 11.92
N ARG A 623 -12.24 17.01 10.89
CA ARG A 623 -11.01 17.75 11.18
C ARG A 623 -11.27 19.23 11.41
N ALA A 624 -12.06 19.84 10.52
CA ALA A 624 -12.45 21.22 10.68
C ALA A 624 -13.72 21.28 11.53
N PHE A 625 -13.91 22.41 12.21
CA PHE A 625 -15.05 22.54 13.12
C PHE A 625 -15.28 24.01 13.47
N PHE A 626 -16.44 24.26 14.06
CA PHE A 626 -16.86 25.60 14.47
C PHE A 626 -17.68 25.44 15.76
N SER A 627 -18.14 26.57 16.30
CA SER A 627 -19.14 26.53 17.36
C SER A 627 -20.34 25.70 16.91
N GLY A 628 -20.74 24.76 17.75
CA GLY A 628 -21.84 23.86 17.44
C GLY A 628 -21.40 22.52 16.89
N SER A 629 -20.12 22.35 16.56
CA SER A 629 -19.65 21.08 16.04
C SER A 629 -19.80 19.96 17.05
N GLN A 630 -19.86 20.29 18.33
CA GLN A 630 -20.04 19.27 19.36
C GLN A 630 -21.32 18.46 19.16
N ARG A 631 -22.28 18.99 18.41
CA ARG A 631 -23.55 18.31 18.17
C ARG A 631 -23.43 17.16 17.18
N PHE A 632 -22.32 17.03 16.47
CA PHE A 632 -22.24 16.13 15.33
C PHE A 632 -21.20 15.03 15.48
N GLY A 633 -20.38 15.05 16.51
CA GLY A 633 -19.50 13.93 16.77
C GLY A 633 -18.17 14.31 17.39
N ALA A 634 -17.10 13.81 16.81
CA ALA A 634 -15.77 13.96 17.36
C ALA A 634 -14.90 14.83 16.45
N VAL A 635 -13.83 15.36 17.05
CA VAL A 635 -12.79 16.07 16.32
C VAL A 635 -11.44 15.57 16.86
N TRP A 636 -10.38 15.87 16.11
CA TRP A 636 -9.05 15.53 16.56
C TRP A 636 -8.10 16.61 16.07
N THR A 637 -6.91 16.65 16.68
CA THR A 637 -5.99 17.76 16.46
C THR A 637 -5.18 17.65 15.17
N GLY A 638 -5.55 16.78 14.23
CA GLY A 638 -4.93 16.79 12.92
C GLY A 638 -3.58 16.07 12.89
N ASP A 639 -2.68 16.61 12.06
CA ASP A 639 -1.44 15.90 11.73
C ASP A 639 -0.34 16.32 12.69
N ASN A 640 -0.29 15.65 13.84
CA ASN A 640 0.76 15.89 14.81
C ASN A 640 1.98 15.04 14.43
N THR A 641 2.98 15.03 15.30
CA THR A 641 4.28 14.42 15.01
C THR A 641 4.71 13.53 16.16
N ALA A 642 5.36 12.42 15.82
CA ALA A 642 5.83 11.46 16.82
C ALA A 642 6.99 12.02 17.65
N GLU A 643 6.71 13.02 18.48
CA GLU A 643 7.75 13.60 19.32
C GLU A 643 7.19 13.91 20.69
N TRP A 644 8.08 13.88 21.70
CA TRP A 644 7.65 13.99 23.08
C TRP A 644 6.89 15.29 23.36
N ASP A 645 7.27 16.39 22.70
CA ASP A 645 6.57 17.65 22.94
CA ASP A 645 6.57 17.65 22.94
C ASP A 645 5.20 17.67 22.29
N HIS A 646 4.97 16.87 21.23
CA HIS A 646 3.62 16.74 20.70
C HIS A 646 2.73 15.89 21.60
N LEU A 647 3.30 14.88 22.25
CA LEU A 647 2.56 14.16 23.28
C LEU A 647 2.09 15.11 24.38
N LYS A 648 2.99 15.97 24.85
CA LYS A 648 2.63 16.89 25.94
C LYS A 648 1.51 17.83 25.53
N ILE A 649 1.54 18.34 24.28
CA ILE A 649 0.61 19.39 23.92
C ILE A 649 -0.79 18.88 23.63
N SER A 650 -0.99 17.57 23.61
CA SER A 650 -2.34 17.04 23.39
C SER A 650 -3.26 17.40 24.55
N ILE A 651 -2.72 17.55 25.75
CA ILE A 651 -3.54 17.92 26.90
C ILE A 651 -4.08 19.34 26.75
N PRO A 652 -3.24 20.39 26.63
CA PRO A 652 -3.82 21.75 26.54
C PRO A 652 -4.66 21.96 25.29
N MET A 653 -4.36 21.24 24.20
CA MET A 653 -5.16 21.40 22.99
C MET A 653 -6.56 20.83 23.18
N CYS A 654 -6.67 19.60 23.73
CA CYS A 654 -7.99 19.05 23.99
C CYS A 654 -8.67 19.76 25.15
N LEU A 655 -7.91 20.24 26.13
CA LEU A 655 -8.49 21.03 27.20
C LEU A 655 -9.11 22.31 26.67
N SER A 656 -8.46 22.95 25.68
CA SER A 656 -9.03 24.16 25.11
C SER A 656 -10.30 23.86 24.33
N LEU A 657 -10.40 22.68 23.73
CA LEU A 657 -11.64 22.31 23.05
C LEU A 657 -12.74 21.95 24.04
N ALA A 658 -12.39 21.27 25.14
CA ALA A 658 -13.38 20.92 26.15
C ALA A 658 -14.04 22.15 26.73
N LEU A 659 -13.27 23.20 27.01
CA LEU A 659 -13.82 24.39 27.62
C LEU A 659 -14.84 25.08 26.72
N VAL A 660 -14.79 24.86 25.41
CA VAL A 660 -15.70 25.53 24.50
C VAL A 660 -16.69 24.52 23.91
N GLY A 661 -16.93 23.42 24.62
CA GLY A 661 -18.03 22.55 24.31
C GLY A 661 -17.70 21.31 23.51
N LEU A 662 -16.49 21.20 22.96
CA LEU A 662 -16.12 20.05 22.13
C LEU A 662 -15.43 19.02 23.03
N SER A 663 -16.24 18.16 23.66
CA SER A 663 -15.72 17.19 24.61
C SER A 663 -15.13 15.95 23.95
N PHE A 664 -15.48 15.67 22.69
CA PHE A 664 -15.07 14.42 22.04
C PHE A 664 -13.81 14.70 21.22
N CYS A 665 -12.68 14.80 21.92
CA CYS A 665 -11.43 15.30 21.38
C CYS A 665 -10.30 14.30 21.61
N GLY A 666 -9.34 14.29 20.70
CA GLY A 666 -8.14 13.51 20.89
C GLY A 666 -7.07 13.91 19.89
N ALA A 667 -5.92 13.23 20.01
CA ALA A 667 -4.78 13.42 19.12
C ALA A 667 -4.31 12.06 18.64
N ASP A 668 -3.67 12.03 17.48
CA ASP A 668 -3.18 10.77 16.91
C ASP A 668 -2.21 10.10 17.88
N VAL A 669 -2.55 8.90 18.32
CA VAL A 669 -1.74 8.18 19.29
C VAL A 669 -0.49 7.65 18.60
N GLY A 670 0.69 8.06 19.09
CA GLY A 670 1.94 7.76 18.45
C GLY A 670 2.45 8.86 17.54
N GLY A 671 1.62 9.84 17.22
CA GLY A 671 2.01 10.87 16.27
C GLY A 671 1.71 10.47 14.83
N PHE A 672 1.20 11.42 14.05
CA PHE A 672 0.93 11.13 12.64
C PHE A 672 2.23 11.01 11.84
N PHE A 673 3.06 12.05 11.87
CA PHE A 673 4.33 12.04 11.15
C PHE A 673 5.40 11.29 11.93
N LYS A 674 6.30 10.63 11.17
CA LYS A 674 7.53 10.04 11.69
C LYS A 674 7.24 8.79 12.51
N ASN A 675 8.30 8.12 12.97
CA ASN A 675 8.20 6.85 13.66
C ASN A 675 8.51 7.06 15.13
N PRO A 676 7.58 6.81 16.04
CA PRO A 676 7.88 6.94 17.47
C PRO A 676 8.70 5.78 17.97
N GLU A 677 9.70 6.10 18.80
CA GLU A 677 10.41 5.10 19.56
C GLU A 677 9.44 4.33 20.45
N PRO A 678 9.70 3.05 20.72
CA PRO A 678 8.75 2.25 21.51
C PRO A 678 8.33 2.89 22.84
N GLU A 679 9.26 3.51 23.57
CA GLU A 679 8.90 4.11 24.85
C GLU A 679 7.92 5.25 24.67
N LEU A 680 8.07 6.04 23.60
CA LEU A 680 7.14 7.13 23.32
C LEU A 680 5.76 6.60 22.96
N LEU A 681 5.70 5.51 22.19
CA LEU A 681 4.43 4.92 21.81
C LEU A 681 3.68 4.39 23.03
N VAL A 682 4.39 3.74 23.95
CA VAL A 682 3.79 3.28 25.21
C VAL A 682 3.18 4.46 25.96
N ARG A 683 3.96 5.54 26.14
CA ARG A 683 3.44 6.69 26.88
C ARG A 683 2.27 7.33 26.15
N TRP A 684 2.27 7.32 24.82
CA TRP A 684 1.15 7.90 24.09
C TRP A 684 -0.10 7.05 24.23
N TYR A 685 0.04 5.72 24.29
CA TYR A 685 -1.10 4.86 24.55
C TYR A 685 -1.68 5.14 25.94
N GLN A 686 -0.81 5.31 26.94
CA GLN A 686 -1.28 5.61 28.29
C GLN A 686 -1.95 6.98 28.34
N MET A 687 -1.37 7.96 27.64
CA MET A 687 -2.01 9.28 27.53
C MET A 687 -3.35 9.17 26.81
N GLY A 688 -3.36 8.54 25.64
CA GLY A 688 -4.59 8.43 24.87
C GLY A 688 -5.66 7.60 25.57
N ALA A 689 -5.24 6.62 26.37
CA ALA A 689 -6.20 5.79 27.11
C ALA A 689 -7.09 6.63 28.02
N TYR A 690 -6.63 7.80 28.45
CA TYR A 690 -7.40 8.68 29.33
C TYR A 690 -7.83 9.96 28.65
N GLN A 691 -7.90 9.97 27.31
CA GLN A 691 -8.44 11.10 26.59
C GLN A 691 -9.68 10.67 25.83
N PRO A 692 -10.60 11.61 25.55
CA PRO A 692 -11.94 11.20 25.08
C PRO A 692 -11.93 10.39 23.78
N PHE A 693 -11.32 10.93 22.71
CA PHE A 693 -11.22 10.21 21.44
C PHE A 693 -9.86 9.53 21.36
N PHE A 694 -9.87 8.20 21.25
CA PHE A 694 -8.72 7.34 21.49
C PHE A 694 -8.40 6.55 20.22
N ARG A 695 -7.61 7.15 19.33
CA ARG A 695 -7.30 6.57 18.03
C ARG A 695 -5.80 6.63 17.77
N ALA A 696 -5.22 5.49 17.40
CA ALA A 696 -3.88 5.46 16.84
C ALA A 696 -3.96 5.64 15.33
N HIS A 697 -3.06 6.47 14.78
CA HIS A 697 -3.06 6.79 13.36
C HIS A 697 -1.63 7.11 12.96
N ALA A 698 -1.34 7.04 11.66
CA ALA A 698 0.04 7.12 11.19
C ALA A 698 0.09 7.45 9.71
N HIS A 699 1.17 8.13 9.32
CA HIS A 699 1.39 8.60 7.96
C HIS A 699 1.77 7.44 7.03
N LEU A 700 1.53 7.66 5.73
CA LEU A 700 1.75 6.63 4.71
C LEU A 700 3.16 6.04 4.78
N ASP A 701 4.15 6.85 5.11
CA ASP A 701 5.54 6.43 5.02
C ASP A 701 6.12 5.95 6.35
N THR A 702 5.30 5.83 7.38
CA THR A 702 5.75 5.32 8.67
C THR A 702 5.81 3.79 8.66
N GLY A 703 6.63 3.25 9.56
CA GLY A 703 6.59 1.83 9.81
C GLY A 703 5.30 1.41 10.49
N ARG A 704 4.90 0.16 10.27
CA ARG A 704 3.72 -0.38 10.91
C ARG A 704 3.90 -0.40 12.42
N ARG A 705 2.92 0.15 13.15
CA ARG A 705 3.03 0.20 14.60
C ARG A 705 1.75 -0.28 15.29
N GLU A 706 1.11 -1.31 14.73
CA GLU A 706 0.10 -2.02 15.50
C GLU A 706 0.73 -2.53 16.79
N PRO A 707 0.02 -2.45 17.92
CA PRO A 707 0.68 -2.57 19.23
C PRO A 707 1.37 -3.90 19.50
N TRP A 708 1.01 -4.97 18.80
CA TRP A 708 1.69 -6.25 19.03
C TRP A 708 2.99 -6.41 18.26
N LEU A 709 3.42 -5.38 17.53
CA LEU A 709 4.68 -5.47 16.78
C LEU A 709 5.88 -5.06 17.63
N LEU A 710 5.68 -4.68 18.88
CA LEU A 710 6.76 -4.25 19.77
C LEU A 710 7.21 -5.41 20.66
N ALA A 711 8.36 -5.21 21.31
CA ALA A 711 8.86 -6.17 22.26
C ALA A 711 7.87 -6.33 23.42
N SER A 712 7.97 -7.49 24.09
CA SER A 712 6.91 -7.91 25.01
C SER A 712 6.69 -6.89 26.14
N GLN A 713 7.76 -6.27 26.63
CA GLN A 713 7.60 -5.34 27.74
C GLN A 713 6.79 -4.11 27.32
N TYR A 714 6.95 -3.66 26.07
CA TYR A 714 6.14 -2.55 25.58
C TYR A 714 4.72 -3.00 25.25
N GLN A 715 4.57 -4.20 24.68
CA GLN A 715 3.25 -4.78 24.46
C GLN A 715 2.45 -4.85 25.76
N ASP A 716 3.09 -5.35 26.82
CA ASP A 716 2.38 -5.54 28.08
C ASP A 716 1.90 -4.21 28.65
N ALA A 717 2.74 -3.18 28.57
CA ALA A 717 2.32 -1.87 29.08
C ALA A 717 1.22 -1.26 28.23
N ILE A 718 1.23 -1.52 26.92
CA ILE A 718 0.16 -1.02 26.07
C ILE A 718 -1.14 -1.79 26.33
N ARG A 719 -1.05 -3.12 26.44
CA ARG A 719 -2.22 -3.92 26.79
C ARG A 719 -2.83 -3.46 28.11
N ASP A 720 -1.99 -3.17 29.10
CA ASP A 720 -2.50 -2.69 30.39
C ASP A 720 -3.23 -1.36 30.23
N ALA A 721 -2.70 -0.46 29.39
CA ALA A 721 -3.41 0.79 29.13
C ALA A 721 -4.74 0.53 28.46
N LEU A 722 -4.78 -0.40 27.49
CA LEU A 722 -6.05 -0.70 26.82
C LEU A 722 -7.06 -1.29 27.80
N PHE A 723 -6.61 -2.21 28.66
CA PHE A 723 -7.51 -2.80 29.66
C PHE A 723 -8.09 -1.73 30.59
N GLN A 724 -7.27 -0.78 31.02
CA GLN A 724 -7.78 0.28 31.89
C GLN A 724 -8.86 1.10 31.19
N ARG A 725 -8.64 1.46 29.93
CA ARG A 725 -9.63 2.24 29.22
C ARG A 725 -10.95 1.48 29.10
N TYR A 726 -10.87 0.20 28.74
CA TYR A 726 -12.11 -0.57 28.55
C TYR A 726 -12.85 -0.78 29.87
N SER A 727 -12.13 -1.03 30.96
CA SER A 727 -12.79 -1.16 32.26
C SER A 727 -13.54 0.10 32.65
N LEU A 728 -13.04 1.27 32.23
CA LEU A 728 -13.63 2.54 32.61
C LEU A 728 -14.75 2.99 31.67
N LEU A 729 -15.13 2.18 30.69
CA LEU A 729 -16.18 2.59 29.75
C LEU A 729 -17.48 3.02 30.40
N PRO A 730 -18.00 2.35 31.46
CA PRO A 730 -19.22 2.88 32.10
C PRO A 730 -19.02 4.29 32.65
N PHE A 731 -17.82 4.58 33.14
CA PHE A 731 -17.49 5.91 33.64
C PHE A 731 -17.44 6.93 32.51
N TRP A 732 -16.73 6.62 31.42
CA TRP A 732 -16.67 7.51 30.27
C TRP A 732 -18.07 7.75 29.70
N TYR A 733 -18.86 6.70 29.58
CA TYR A 733 -20.21 6.81 29.04
C TYR A 733 -21.06 7.75 29.87
N THR A 734 -20.96 7.64 31.20
CA THR A 734 -21.75 8.50 32.08
C THR A 734 -21.29 9.95 31.97
N LEU A 735 -19.97 10.19 31.92
CA LEU A 735 -19.47 11.54 31.74
C LEU A 735 -19.98 12.16 30.45
N PHE A 736 -20.05 11.37 29.38
CA PHE A 736 -20.55 11.89 28.11
C PHE A 736 -22.06 12.10 28.15
N TYR A 737 -22.78 11.29 28.94
CA TYR A 737 -24.20 11.56 29.12
C TYR A 737 -24.41 12.87 29.89
N GLN A 738 -23.59 13.10 30.91
CA GLN A 738 -23.67 14.38 31.63
C GLN A 738 -23.30 15.54 30.72
N ALA A 739 -22.30 15.35 29.86
CA ALA A 739 -21.99 16.37 28.86
C ALA A 739 -23.16 16.60 27.92
N HIS A 740 -23.83 15.53 27.52
CA HIS A 740 -24.94 15.64 26.56
C HIS A 740 -26.14 16.34 27.18
N LYS A 741 -26.38 16.14 28.47
CA LYS A 741 -27.57 16.73 29.06
C LYS A 741 -27.31 18.14 29.61
N GLU A 742 -26.15 18.35 30.24
CA GLU A 742 -25.86 19.60 30.93
C GLU A 742 -24.88 20.49 30.19
N GLY A 743 -24.09 19.95 29.25
CA GLY A 743 -23.10 20.75 28.57
C GLY A 743 -21.79 20.88 29.30
N PHE A 744 -21.51 20.00 30.26
CA PHE A 744 -20.30 20.00 31.07
C PHE A 744 -19.19 19.21 30.37
N PRO A 745 -17.97 19.72 30.34
CA PRO A 745 -16.90 19.00 29.63
C PRO A 745 -16.53 17.69 30.32
N VAL A 746 -16.13 16.71 29.52
CA VAL A 746 -15.65 15.43 30.06
C VAL A 746 -14.25 15.59 30.64
N MET A 747 -13.32 16.06 29.81
CA MET A 747 -11.95 16.33 30.22
C MET A 747 -11.88 17.77 30.71
N ARG A 748 -11.32 17.96 31.93
CA ARG A 748 -11.42 19.28 32.54
C ARG A 748 -10.07 19.76 33.05
N PRO A 749 -9.78 21.06 32.92
CA PRO A 749 -8.64 21.63 33.64
C PRO A 749 -8.88 21.57 35.14
N LEU A 750 -7.79 21.43 35.89
CA LEU A 750 -7.90 21.37 37.35
C LEU A 750 -8.59 22.60 37.93
N TRP A 751 -8.45 23.76 37.28
CA TRP A 751 -9.07 24.97 37.83
C TRP A 751 -10.58 24.96 37.70
N VAL A 752 -11.14 24.04 36.91
CA VAL A 752 -12.59 23.92 36.82
C VAL A 752 -13.15 23.30 38.11
N GLN A 753 -12.42 22.35 38.70
CA GLN A 753 -12.82 21.77 39.97
C GLN A 753 -12.35 22.58 41.17
N TYR A 754 -11.34 23.44 41.00
CA TYR A 754 -10.74 24.20 42.10
C TYR A 754 -10.61 25.65 41.66
N PRO A 755 -11.74 26.35 41.50
CA PRO A 755 -11.68 27.70 40.95
C PRO A 755 -10.95 28.70 41.85
N GLU A 756 -10.77 28.39 43.13
CA GLU A 756 -10.10 29.30 44.03
C GLU A 756 -8.63 28.97 44.26
N ASP A 757 -8.14 27.84 43.73
CA ASP A 757 -6.73 27.49 43.85
C ASP A 757 -6.00 28.13 42.68
N MET A 758 -5.36 29.27 42.94
CA MET A 758 -4.72 30.03 41.87
C MET A 758 -3.52 29.29 41.28
N SER A 759 -2.93 28.37 42.03
CA SER A 759 -1.81 27.60 41.49
C SER A 759 -2.24 26.56 40.44
N THR A 760 -3.53 26.40 40.18
CA THR A 760 -3.99 25.49 39.13
C THR A 760 -4.40 26.22 37.85
N PHE A 761 -4.33 27.56 37.83
CA PHE A 761 -4.91 28.30 36.73
C PHE A 761 -4.19 28.09 35.41
N SER A 762 -2.97 27.55 35.42
CA SER A 762 -2.20 27.33 34.21
C SER A 762 -1.80 25.88 33.99
N ILE A 763 -2.22 24.96 34.85
CA ILE A 763 -1.75 23.57 34.78
C ILE A 763 -2.20 22.94 33.46
N GLU A 764 -1.26 22.27 32.79
CA GLU A 764 -1.60 21.59 31.53
C GLU A 764 -0.79 20.31 31.33
N ASP A 765 -0.10 19.80 32.34
CA ASP A 765 0.44 18.45 32.33
C ASP A 765 -0.40 17.52 33.19
N GLN A 766 -1.60 17.95 33.58
CA GLN A 766 -2.53 17.22 34.41
C GLN A 766 -3.94 17.61 33.99
N PHE A 767 -4.88 16.70 34.19
CA PHE A 767 -6.27 17.02 33.93
C PHE A 767 -7.15 16.08 34.74
N MET A 768 -8.44 16.40 34.74
CA MET A 768 -9.41 15.57 35.42
C MET A 768 -10.45 15.09 34.44
N LEU A 769 -10.96 13.89 34.70
CA LEU A 769 -12.12 13.34 34.02
C LEU A 769 -13.29 13.49 34.98
N GLY A 770 -14.26 14.32 34.59
CA GLY A 770 -15.33 14.67 35.51
C GLY A 770 -14.78 15.29 36.77
N ASP A 771 -15.33 14.90 37.91
CA ASP A 771 -14.85 15.35 39.20
C ASP A 771 -14.15 14.24 39.98
N ALA A 772 -13.97 13.06 39.38
CA ALA A 772 -13.57 11.89 40.13
C ALA A 772 -12.13 11.45 39.90
N LEU A 773 -11.57 11.67 38.71
CA LEU A 773 -10.25 11.13 38.38
C LEU A 773 -9.30 12.24 37.96
N LEU A 774 -8.11 12.24 38.56
CA LEU A 774 -7.04 13.16 38.23
C LEU A 774 -5.94 12.36 37.53
N ILE A 775 -5.49 12.86 36.38
CA ILE A 775 -4.56 12.12 35.53
C ILE A 775 -3.29 12.95 35.35
N HIS A 776 -2.13 12.33 35.58
CA HIS A 776 -0.84 12.94 35.25
C HIS A 776 -0.01 11.94 34.46
N PRO A 777 -0.24 11.85 33.15
CA PRO A 777 0.52 10.88 32.36
C PRO A 777 1.99 11.24 32.29
N VAL A 778 2.84 10.20 32.29
CA VAL A 778 4.27 10.40 32.09
C VAL A 778 4.52 10.86 30.66
N SER A 779 5.24 11.97 30.50
CA SER A 779 5.45 12.56 29.18
C SER A 779 6.91 12.96 28.97
N ASP A 780 7.83 12.18 29.51
CA ASP A 780 9.25 12.40 29.31
C ASP A 780 9.96 11.04 29.21
N ALA A 781 10.86 10.92 28.24
CA ALA A 781 11.60 9.68 28.06
C ALA A 781 12.50 9.41 29.27
N GLY A 782 12.53 8.15 29.70
CA GLY A 782 13.40 7.78 30.80
C GLY A 782 13.01 8.31 32.16
N ALA A 783 11.79 8.82 32.31
CA ALA A 783 11.38 9.43 33.57
C ALA A 783 11.49 8.46 34.73
N HIS A 784 11.94 8.98 35.87
CA HIS A 784 12.00 8.21 37.10
C HIS A 784 10.77 8.42 37.96
N GLY A 785 10.05 9.52 37.74
CA GLY A 785 8.85 9.83 38.49
C GLY A 785 8.20 11.07 37.91
N VAL A 786 7.08 11.44 38.51
CA VAL A 786 6.40 12.67 38.15
C VAL A 786 6.07 13.43 39.43
N GLN A 787 5.85 14.73 39.26
CA GLN A 787 5.38 15.60 40.34
C GLN A 787 3.89 15.81 40.12
N VAL A 788 3.07 15.28 41.02
CA VAL A 788 1.61 15.33 40.87
C VAL A 788 1.07 16.33 41.87
N TYR A 789 0.42 17.38 41.37
CA TYR A 789 -0.25 18.32 42.26
C TYR A 789 -1.64 17.81 42.59
N LEU A 790 -1.86 17.49 43.86
CA LEU A 790 -3.16 17.03 44.34
C LEU A 790 -3.84 18.18 45.07
N PRO A 791 -4.84 18.84 44.47
CA PRO A 791 -5.40 20.05 45.08
C PRO A 791 -6.47 19.78 46.12
N GLY A 792 -7.05 20.86 46.66
CA GLY A 792 -8.19 20.74 47.54
C GLY A 792 -7.84 20.77 49.01
N GLN A 793 -8.34 21.78 49.72
CA GLN A 793 -8.27 21.77 51.18
C GLN A 793 -9.14 20.64 51.71
N GLU A 794 -8.65 19.96 52.75
CA GLU A 794 -9.29 18.78 53.36
C GLU A 794 -9.79 17.78 52.33
N GLU A 795 -9.10 17.70 51.20
CA GLU A 795 -9.41 16.73 50.16
C GLU A 795 -8.43 15.58 50.25
N VAL A 796 -8.92 14.36 50.01
CA VAL A 796 -8.04 13.21 49.94
C VAL A 796 -8.12 12.60 48.53
N TRP A 797 -7.01 12.01 48.13
CA TRP A 797 -6.85 11.38 46.82
C TRP A 797 -6.31 9.98 47.02
N TYR A 798 -6.81 9.04 46.23
CA TYR A 798 -6.39 7.64 46.30
C TYR A 798 -5.63 7.27 45.03
N ASP A 799 -4.38 6.82 45.20
CA ASP A 799 -3.64 6.19 44.12
C ASP A 799 -4.38 4.93 43.71
N ILE A 800 -4.98 4.91 42.51
CA ILE A 800 -5.86 3.81 42.14
C ILE A 800 -5.11 2.50 41.92
N GLN A 801 -3.80 2.55 41.80
CA GLN A 801 -3.01 1.32 41.67
C GLN A 801 -2.60 0.75 43.03
N SER A 802 -2.10 1.61 43.92
CA SER A 802 -1.61 1.18 45.22
C SER A 802 -2.61 1.37 46.36
N TYR A 803 -3.72 2.09 46.10
CA TYR A 803 -4.73 2.42 47.10
C TYR A 803 -4.20 3.31 48.20
N GLN A 804 -2.98 3.81 48.07
CA GLN A 804 -2.42 4.73 49.04
C GLN A 804 -3.19 6.04 49.05
N LYS A 805 -3.58 6.50 50.24
CA LYS A 805 -4.34 7.74 50.38
C LYS A 805 -3.40 8.92 50.56
N HIS A 806 -3.78 10.06 49.99
CA HIS A 806 -2.98 11.28 50.06
C HIS A 806 -3.87 12.47 50.32
N HIS A 807 -3.43 13.35 51.22
CA HIS A 807 -4.17 14.57 51.52
C HIS A 807 -3.68 15.73 50.66
N GLY A 808 -4.63 16.55 50.22
CA GLY A 808 -4.32 17.76 49.51
C GLY A 808 -4.39 18.94 50.46
N PRO A 809 -3.80 20.09 50.07
CA PRO A 809 -3.05 20.26 48.83
C PRO A 809 -1.58 19.90 48.98
N GLN A 810 -1.02 19.25 47.98
CA GLN A 810 0.41 18.94 48.00
C GLN A 810 0.87 18.62 46.59
N THR A 811 2.18 18.68 46.39
CA THR A 811 2.81 18.20 45.18
C THR A 811 3.54 16.92 45.53
N LEU A 812 3.01 15.79 45.06
CA LEU A 812 3.54 14.48 45.38
C LEU A 812 4.52 14.05 44.31
N TYR A 813 5.68 13.55 44.74
CA TYR A 813 6.63 12.91 43.83
C TYR A 813 6.28 11.44 43.74
N LEU A 814 5.88 10.98 42.55
CA LEU A 814 5.43 9.60 42.38
C LEU A 814 6.41 8.85 41.50
N PRO A 815 7.13 7.86 42.01
CA PRO A 815 8.02 7.07 41.16
C PRO A 815 7.20 6.27 40.16
N VAL A 816 7.74 6.14 38.94
CA VAL A 816 7.04 5.48 37.84
C VAL A 816 7.96 4.50 37.16
N THR A 817 7.35 3.52 36.49
CA THR A 817 8.05 2.61 35.58
C THR A 817 7.38 2.72 34.20
N LEU A 818 7.77 1.81 33.30
CA LEU A 818 7.23 1.85 31.94
C LEU A 818 5.71 1.69 31.94
N SER A 819 5.18 0.86 32.82
CA SER A 819 3.75 0.55 32.83
C SER A 819 2.93 1.49 33.70
N SER A 820 3.54 2.52 34.29
CA SER A 820 2.84 3.41 35.19
C SER A 820 1.96 4.40 34.43
N ILE A 821 0.72 4.53 34.86
CA ILE A 821 -0.14 5.65 34.50
C ILE A 821 -0.61 6.31 35.79
N PRO A 822 -0.01 7.43 36.18
CA PRO A 822 -0.41 8.09 37.43
C PRO A 822 -1.85 8.57 37.43
N VAL A 823 -2.73 7.85 38.12
CA VAL A 823 -4.15 8.16 38.18
C VAL A 823 -4.59 8.13 39.64
N PHE A 824 -5.39 9.11 40.04
CA PHE A 824 -5.86 9.24 41.41
C PHE A 824 -7.36 9.46 41.42
N GLN A 825 -8.05 8.78 42.32
CA GLN A 825 -9.48 8.96 42.51
C GLN A 825 -9.74 9.88 43.70
N ARG A 826 -10.62 10.85 43.49
CA ARG A 826 -10.93 11.82 44.52
C ARG A 826 -11.85 11.23 45.59
N GLY A 827 -11.54 11.52 46.86
CA GLY A 827 -12.43 11.12 47.92
C GLY A 827 -13.79 11.76 47.76
N GLY A 828 -14.84 11.01 48.10
CA GLY A 828 -16.19 11.48 47.90
C GLY A 828 -16.81 11.11 46.58
N THR A 829 -16.22 10.20 45.82
CA THR A 829 -16.70 9.84 44.49
C THR A 829 -16.82 8.33 44.37
N ILE A 830 -17.66 7.90 43.43
CA ILE A 830 -17.88 6.49 43.13
C ILE A 830 -17.75 6.31 41.62
N VAL A 831 -16.86 5.42 41.20
CA VAL A 831 -16.52 5.23 39.80
C VAL A 831 -16.92 3.81 39.39
N PRO A 832 -17.80 3.65 38.39
CA PRO A 832 -18.18 2.31 37.94
C PRO A 832 -17.26 1.77 36.85
N ARG A 833 -16.97 0.47 36.93
CA ARG A 833 -16.08 -0.18 35.97
C ARG A 833 -16.67 -1.52 35.53
N TRP A 834 -16.32 -1.91 34.29
CA TRP A 834 -16.48 -3.30 33.81
C TRP A 834 -15.14 -4.00 33.98
N MET A 835 -15.00 -4.78 35.05
CA MET A 835 -13.72 -5.45 35.27
C MET A 835 -13.50 -6.65 34.36
N ARG A 836 -14.50 -7.05 33.57
CA ARG A 836 -14.35 -8.17 32.62
C ARG A 836 -14.08 -7.58 31.25
N VAL A 837 -12.80 -7.35 30.96
CA VAL A 837 -12.39 -6.77 29.69
C VAL A 837 -12.49 -7.83 28.60
N ARG A 838 -13.24 -7.53 27.55
CA ARG A 838 -13.40 -8.42 26.41
C ARG A 838 -12.81 -7.74 25.17
N ARG A 839 -13.03 -8.34 24.00
CA ARG A 839 -12.34 -7.90 22.78
C ARG A 839 -12.91 -6.62 22.19
N SER A 840 -14.11 -6.22 22.60
CA SER A 840 -14.70 -4.98 22.11
C SER A 840 -15.80 -4.58 23.08
N SER A 841 -16.31 -3.36 22.90
CA SER A 841 -17.28 -2.85 23.85
C SER A 841 -18.65 -3.52 23.67
N ASP A 842 -19.00 -3.90 22.43
CA ASP A 842 -20.24 -4.65 22.22
C ASP A 842 -20.28 -5.92 23.06
N CYS A 843 -19.14 -6.62 23.17
CA CYS A 843 -19.09 -7.85 23.96
C CYS A 843 -19.30 -7.60 25.45
N MET A 844 -19.04 -6.38 25.92
CA MET A 844 -19.03 -6.08 27.36
C MET A 844 -20.30 -5.42 27.86
N LYS A 845 -21.17 -4.93 26.98
CA LYS A 845 -22.18 -3.97 27.40
C LYS A 845 -23.35 -4.59 28.17
N ASP A 846 -23.32 -5.89 28.43
CA ASP A 846 -24.29 -6.52 29.33
C ASP A 846 -23.64 -7.13 30.55
N ASP A 847 -22.36 -6.84 30.79
CA ASP A 847 -21.59 -7.45 31.85
C ASP A 847 -21.84 -6.75 33.18
N PRO A 848 -21.52 -7.41 34.29
CA PRO A 848 -21.75 -6.80 35.61
C PRO A 848 -20.75 -5.68 35.92
N ILE A 849 -21.20 -4.77 36.77
CA ILE A 849 -20.48 -3.56 37.15
C ILE A 849 -19.76 -3.80 38.47
N THR A 850 -18.55 -3.23 38.60
CA THR A 850 -17.86 -3.10 39.89
C THR A 850 -17.85 -1.63 40.27
N LEU A 851 -18.24 -1.32 41.51
CA LEU A 851 -18.26 0.05 42.00
C LEU A 851 -17.04 0.33 42.86
N PHE A 852 -16.34 1.42 42.55
CA PHE A 852 -15.15 1.84 43.28
C PHE A 852 -15.48 3.08 44.09
N VAL A 853 -15.56 2.92 45.41
CA VAL A 853 -16.01 3.96 46.32
C VAL A 853 -14.80 4.57 47.03
N ALA A 854 -14.56 5.85 46.81
CA ALA A 854 -13.49 6.58 47.47
C ALA A 854 -14.10 7.44 48.58
N LEU A 855 -13.85 7.07 49.82
CA LEU A 855 -14.47 7.73 50.95
C LEU A 855 -13.82 9.09 51.20
N SER A 856 -14.66 10.12 51.32
CA SER A 856 -14.21 11.42 51.76
C SER A 856 -13.79 11.32 53.23
N PRO A 857 -13.10 12.34 53.75
CA PRO A 857 -12.78 12.33 55.19
C PRO A 857 -14.01 12.28 56.09
N GLN A 858 -15.17 12.65 55.58
CA GLN A 858 -16.44 12.52 56.29
C GLN A 858 -17.08 11.15 56.09
N GLY A 859 -16.39 10.21 55.45
CA GLY A 859 -16.96 8.91 55.18
C GLY A 859 -18.11 8.90 54.20
N THR A 860 -18.12 9.82 53.24
CA THR A 860 -19.18 9.94 52.24
C THR A 860 -18.61 9.81 50.83
N ALA A 861 -19.51 9.58 49.87
CA ALA A 861 -19.16 9.47 48.46
C ALA A 861 -20.43 9.44 47.62
N GLN A 862 -20.32 9.90 46.38
CA GLN A 862 -21.45 9.88 45.47
C GLN A 862 -20.96 9.71 44.03
N GLY A 863 -21.84 9.20 43.19
CA GLY A 863 -21.56 9.05 41.77
C GLY A 863 -22.80 8.63 41.02
N GLU A 864 -22.74 8.76 39.70
CA GLU A 864 -23.85 8.40 38.82
C GLU A 864 -23.41 7.31 37.83
N LEU A 865 -24.41 6.74 37.16
CA LEU A 865 -24.19 5.72 36.14
C LEU A 865 -25.31 5.79 35.12
N PHE A 866 -24.96 5.97 33.86
CA PHE A 866 -25.91 5.95 32.76
C PHE A 866 -25.74 4.67 31.97
N LEU A 867 -26.86 4.06 31.60
CA LEU A 867 -26.87 2.84 30.79
C LEU A 867 -28.00 2.94 29.79
N ASP A 868 -27.77 2.43 28.58
CA ASP A 868 -28.83 2.29 27.59
C ASP A 868 -28.43 1.13 26.68
N ASP A 869 -29.03 1.06 25.47
CA ASP A 869 -28.66 -0.04 24.58
C ASP A 869 -27.30 0.16 23.93
N GLY A 870 -26.73 1.37 24.00
CA GLY A 870 -25.40 1.61 23.52
C GLY A 870 -25.27 2.25 22.16
N HIS A 871 -26.37 2.48 21.43
CA HIS A 871 -26.22 2.93 20.04
C HIS A 871 -27.43 3.56 19.38
N THR A 872 -28.61 3.53 20.00
CA THR A 872 -29.79 4.11 19.39
C THR A 872 -30.23 5.37 20.13
N PHE A 873 -31.23 6.03 19.56
CA PHE A 873 -31.87 7.17 20.22
C PHE A 873 -33.01 6.74 21.15
N ASN A 874 -33.13 5.44 21.45
CA ASN A 874 -34.22 4.98 22.31
C ASN A 874 -34.17 5.62 23.69
N TYR A 875 -32.98 6.02 24.15
CA TYR A 875 -32.90 6.70 25.44
C TYR A 875 -33.74 7.99 25.44
N GLN A 876 -33.85 8.64 24.29
CA GLN A 876 -34.55 9.91 24.16
C GLN A 876 -35.96 9.78 23.60
N THR A 877 -36.19 8.87 22.66
CA THR A 877 -37.51 8.72 22.06
C THR A 877 -38.42 7.77 22.84
N ARG A 878 -37.85 6.86 23.63
CA ARG A 878 -38.63 5.90 24.39
C ARG A 878 -38.29 5.91 25.87
N HIS A 879 -37.40 6.80 26.30
CA HIS A 879 -36.92 6.84 27.68
C HIS A 879 -36.44 5.46 28.14
N GLU A 880 -35.74 4.76 27.25
CA GLU A 880 -35.18 3.45 27.55
C GLU A 880 -33.72 3.65 27.93
N PHE A 881 -33.49 3.82 29.22
CA PHE A 881 -32.15 4.02 29.78
C PHE A 881 -32.27 3.89 31.29
N LEU A 882 -31.13 3.84 31.96
CA LEU A 882 -31.07 3.91 33.41
C LEU A 882 -30.11 5.02 33.81
N LEU A 883 -30.54 5.87 34.75
CA LEU A 883 -29.65 6.83 35.40
C LEU A 883 -29.71 6.55 36.90
N ARG A 884 -28.65 5.93 37.42
CA ARG A 884 -28.56 5.55 38.82
C ARG A 884 -27.72 6.56 39.58
N ARG A 885 -28.11 6.81 40.83
CA ARG A 885 -27.28 7.52 41.80
C ARG A 885 -26.78 6.53 42.83
N PHE A 886 -25.47 6.49 43.04
CA PHE A 886 -24.89 5.73 44.15
C PHE A 886 -24.38 6.72 45.18
N SER A 887 -24.80 6.55 46.42
CA SER A 887 -24.41 7.47 47.49
C SER A 887 -24.07 6.67 48.72
N PHE A 888 -22.98 7.07 49.38
CA PHE A 888 -22.49 6.44 50.60
C PHE A 888 -22.44 7.50 51.69
N SER A 889 -22.97 7.15 52.87
CA SER A 889 -22.89 8.00 54.04
C SER A 889 -23.10 7.13 55.26
N GLY A 890 -22.50 7.55 56.38
CA GLY A 890 -22.44 6.70 57.55
C GLY A 890 -21.66 5.44 57.23
N SER A 891 -22.36 4.30 57.23
CA SER A 891 -21.79 3.00 56.86
C SER A 891 -22.69 2.29 55.87
N THR A 892 -23.43 3.06 55.06
CA THR A 892 -24.48 2.53 54.20
C THR A 892 -24.27 3.03 52.78
N LEU A 893 -24.22 2.11 51.82
CA LEU A 893 -24.17 2.43 50.40
C LEU A 893 -25.54 2.19 49.79
N VAL A 894 -26.07 3.20 49.09
CA VAL A 894 -27.44 3.19 48.61
C VAL A 894 -27.46 3.47 47.10
N SER A 895 -28.17 2.63 46.36
CA SER A 895 -28.45 2.86 44.94
C SER A 895 -29.89 3.32 44.77
N SER A 896 -30.08 4.48 44.15
CA SER A 896 -31.40 5.03 43.89
C SER A 896 -31.42 5.57 42.47
N SER A 897 -32.62 5.91 42.00
CA SER A 897 -32.80 6.45 40.66
C SER A 897 -32.53 7.95 40.62
N ALA A 898 -31.68 8.38 39.70
CA ALA A 898 -31.44 9.81 39.48
C ALA A 898 -32.36 10.39 38.41
N ASP A 899 -33.11 9.56 37.71
CA ASP A 899 -34.12 10.01 36.75
C ASP A 899 -35.19 8.94 36.68
N PRO A 900 -36.35 9.17 37.30
CA PRO A 900 -37.41 8.13 37.30
C PRO A 900 -37.99 7.83 35.92
N LYS A 901 -37.86 8.74 34.94
CA LYS A 901 -38.38 8.46 33.61
C LYS A 901 -37.69 7.28 32.93
N GLY A 902 -36.49 6.92 33.38
CA GLY A 902 -35.70 5.94 32.66
C GLY A 902 -35.88 4.52 33.13
N HIS A 903 -36.32 3.67 32.20
CA HIS A 903 -36.49 2.24 32.44
CA HIS A 903 -36.50 2.24 32.43
C HIS A 903 -35.79 1.47 31.33
N LEU A 904 -35.14 0.37 31.69
CA LEU A 904 -34.39 -0.41 30.72
C LEU A 904 -34.35 -1.87 31.12
N GLU A 905 -34.61 -2.75 30.15
CA GLU A 905 -34.41 -4.18 30.34
C GLU A 905 -32.93 -4.49 30.10
N THR A 906 -32.26 -5.01 31.13
CA THR A 906 -30.83 -5.24 31.02
C THR A 906 -30.44 -6.31 32.03
N PRO A 907 -29.50 -7.20 31.68
CA PRO A 907 -29.00 -8.16 32.67
C PRO A 907 -27.88 -7.65 33.55
N ILE A 908 -27.48 -6.38 33.39
CA ILE A 908 -26.35 -5.86 34.16
C ILE A 908 -26.67 -5.89 35.64
N TRP A 909 -25.71 -6.38 36.43
CA TRP A 909 -25.86 -6.47 37.88
C TRP A 909 -24.57 -6.00 38.55
N ILE A 910 -24.63 -5.80 39.86
CA ILE A 910 -23.48 -5.35 40.64
C ILE A 910 -22.74 -6.58 41.15
N GLU A 911 -21.56 -6.86 40.59
CA GLU A 911 -20.82 -8.05 40.99
C GLU A 911 -19.80 -7.78 42.09
N ARG A 912 -19.49 -6.52 42.39
CA ARG A 912 -18.41 -6.24 43.32
C ARG A 912 -18.46 -4.78 43.74
N VAL A 913 -18.08 -4.52 44.98
CA VAL A 913 -17.90 -3.16 45.48
C VAL A 913 -16.54 -3.08 46.14
N VAL A 914 -15.74 -2.11 45.73
CA VAL A 914 -14.42 -1.86 46.30
C VAL A 914 -14.46 -0.50 46.99
N ILE A 915 -14.23 -0.49 48.29
CA ILE A 915 -14.33 0.73 49.09
C ILE A 915 -12.94 1.07 49.64
N MET A 916 -12.47 2.27 49.31
CA MET A 916 -11.16 2.74 49.73
C MET A 916 -11.32 3.69 50.91
N GLY A 917 -10.53 3.45 51.95
CA GLY A 917 -10.59 4.26 53.15
C GLY A 917 -11.59 3.77 54.18
N ALA A 918 -11.84 2.47 54.26
CA ALA A 918 -12.82 1.92 55.18
C ALA A 918 -12.16 0.96 56.15
N GLY A 919 -12.74 0.86 57.36
CA GLY A 919 -12.32 -0.13 58.32
C GLY A 919 -13.04 -1.46 58.11
N LYS A 920 -12.51 -2.49 58.77
CA LYS A 920 -13.12 -3.82 58.68
C LYS A 920 -14.46 -3.82 59.39
N PRO A 921 -15.56 -4.11 58.70
CA PRO A 921 -16.86 -4.21 59.37
C PRO A 921 -16.98 -5.54 60.11
N ALA A 922 -18.01 -5.63 60.93
CA ALA A 922 -18.31 -6.90 61.59
C ALA A 922 -19.21 -7.79 60.74
N ALA A 923 -20.10 -7.18 59.96
CA ALA A 923 -20.95 -7.92 59.04
C ALA A 923 -21.39 -6.96 57.94
N VAL A 924 -21.74 -7.53 56.79
CA VAL A 924 -22.21 -6.77 55.65
C VAL A 924 -23.58 -7.30 55.26
N VAL A 925 -24.54 -6.38 55.10
CA VAL A 925 -25.94 -6.72 54.94
C VAL A 925 -26.47 -6.02 53.69
N LEU A 926 -27.11 -6.79 52.81
CA LEU A 926 -27.71 -6.25 51.59
C LEU A 926 -29.23 -6.29 51.70
N GLN A 927 -29.87 -5.19 51.30
CA GLN A 927 -31.32 -5.08 51.23
C GLN A 927 -31.70 -4.50 49.89
N THR A 928 -32.64 -5.14 49.20
CA THR A 928 -33.22 -4.61 47.98
C THR A 928 -34.69 -4.98 47.92
N LYS A 929 -35.49 -4.10 47.32
CA LYS A 929 -36.91 -4.34 47.22
C LYS A 929 -37.18 -5.65 46.50
N GLY A 930 -38.10 -6.44 47.06
CA GLY A 930 -38.46 -7.71 46.47
C GLY A 930 -37.62 -8.89 46.91
N SER A 931 -36.62 -8.68 47.76
CA SER A 931 -35.74 -9.75 48.18
C SER A 931 -35.62 -9.76 49.70
N PRO A 932 -35.40 -10.92 50.29
CA PRO A 932 -35.06 -10.97 51.71
C PRO A 932 -33.73 -10.26 51.97
N GLU A 933 -33.53 -9.88 53.22
CA GLU A 933 -32.24 -9.33 53.62
C GLU A 933 -31.16 -10.38 53.44
N SER A 934 -30.05 -9.99 52.82
CA SER A 934 -28.96 -10.90 52.47
C SER A 934 -27.68 -10.48 53.17
N ARG A 935 -26.83 -11.47 53.45
CA ARG A 935 -25.51 -11.25 54.02
C ARG A 935 -24.43 -11.49 52.99
N LEU A 936 -23.45 -10.58 52.94
CA LEU A 936 -22.37 -10.66 51.98
C LEU A 936 -21.05 -10.94 52.67
N SER A 937 -20.25 -11.82 52.08
CA SER A 937 -18.88 -12.00 52.53
C SER A 937 -18.01 -10.86 51.99
N PHE A 938 -16.87 -10.66 52.62
CA PHE A 938 -16.05 -9.50 52.30
C PHE A 938 -14.58 -9.78 52.63
N GLN A 939 -13.72 -8.94 52.08
CA GLN A 939 -12.29 -8.99 52.32
C GLN A 939 -11.81 -7.59 52.68
N HIS A 940 -10.93 -7.50 53.68
CA HIS A 940 -10.43 -6.20 54.13
C HIS A 940 -8.93 -6.27 54.33
N ASP A 941 -8.22 -5.36 53.68
CA ASP A 941 -6.77 -5.28 53.79
C ASP A 941 -6.44 -4.19 54.81
N PRO A 942 -5.94 -4.54 56.00
CA PRO A 942 -5.72 -3.51 57.02
C PRO A 942 -4.61 -2.53 56.67
N GLU A 943 -3.65 -2.92 55.83
CA GLU A 943 -2.58 -2.01 55.45
C GLU A 943 -3.09 -0.87 54.58
N THR A 944 -3.96 -1.17 53.62
CA THR A 944 -4.45 -0.17 52.66
C THR A 944 -5.81 0.39 53.02
N SER A 945 -6.51 -0.20 54.00
CA SER A 945 -7.88 0.18 54.33
C SER A 945 -8.80 0.09 53.11
N VAL A 946 -8.72 -1.05 52.42
CA VAL A 946 -9.55 -1.33 51.25
C VAL A 946 -10.51 -2.46 51.58
N LEU A 947 -11.80 -2.22 51.36
CA LEU A 947 -12.85 -3.20 51.63
C LEU A 947 -13.46 -3.66 50.31
N ILE A 948 -13.43 -4.97 50.09
CA ILE A 948 -14.03 -5.59 48.91
C ILE A 948 -15.26 -6.37 49.36
N LEU A 949 -16.42 -6.01 48.82
CA LEU A 949 -17.66 -6.70 49.09
C LEU A 949 -17.93 -7.71 47.96
N ARG A 950 -18.04 -8.99 48.32
CA ARG A 950 -18.17 -10.05 47.33
C ARG A 950 -19.59 -10.12 46.79
N LYS A 951 -19.71 -10.20 45.46
CA LYS A 951 -20.90 -10.54 44.70
C LYS A 951 -22.22 -10.07 45.34
N PRO A 952 -22.51 -8.77 45.35
CA PRO A 952 -23.84 -8.34 45.80
C PRO A 952 -24.98 -9.00 45.04
N GLY A 953 -24.83 -9.18 43.73
CA GLY A 953 -25.79 -9.95 42.96
C GLY A 953 -27.07 -9.24 42.61
N VAL A 954 -27.16 -7.95 42.86
CA VAL A 954 -28.40 -7.20 42.67
C VAL A 954 -28.42 -6.61 41.26
N SER A 955 -29.60 -6.56 40.67
CA SER A 955 -29.79 -5.91 39.37
C SER A 955 -29.43 -4.43 39.46
N VAL A 956 -28.85 -3.91 38.38
CA VAL A 956 -28.47 -2.49 38.35
C VAL A 956 -29.70 -1.61 38.24
N ALA A 957 -30.85 -2.16 37.85
CA ALA A 957 -32.08 -1.40 37.74
C ALA A 957 -32.85 -1.33 39.05
N SER A 958 -32.42 -2.06 40.08
CA SER A 958 -33.14 -2.18 41.34
C SER A 958 -32.59 -1.21 42.37
N ASP A 959 -33.48 -0.66 43.19
CA ASP A 959 -33.04 0.04 44.40
C ASP A 959 -32.48 -0.97 45.39
N TRP A 960 -31.37 -0.61 46.03
CA TRP A 960 -30.76 -1.47 47.02
C TRP A 960 -29.90 -0.64 47.96
N SER A 961 -29.55 -1.26 49.09
CA SER A 961 -28.66 -0.64 50.06
C SER A 961 -27.82 -1.72 50.71
N ILE A 962 -26.54 -1.40 50.93
CA ILE A 962 -25.61 -2.28 51.63
C ILE A 962 -25.20 -1.57 52.92
N HIS A 963 -25.29 -2.28 54.04
CA HIS A 963 -24.96 -1.72 55.35
CA HIS A 963 -24.98 -1.73 55.35
C HIS A 963 -23.77 -2.47 55.93
N LEU A 964 -22.78 -1.70 56.37
CA LEU A 964 -21.59 -2.25 57.01
C LEU A 964 -21.77 -2.10 58.52
N ARG A 965 -21.72 -3.21 59.24
CA ARG A 965 -22.03 -3.22 60.67
C ARG A 965 -20.76 -3.05 61.49
N TYR B 48 -27.81 -39.43 57.90
CA TYR B 48 -27.45 -38.61 56.74
C TYR B 48 -26.03 -38.08 56.87
N GLU B 49 -25.41 -37.84 55.72
CA GLU B 49 -24.04 -37.33 55.63
C GLU B 49 -23.97 -36.39 54.43
N GLU B 50 -23.17 -35.33 54.57
CA GLU B 50 -23.16 -34.26 53.56
C GLU B 50 -22.04 -34.42 52.54
N SER B 51 -21.47 -33.30 52.07
CA SER B 51 -20.50 -33.27 50.98
C SER B 51 -19.40 -32.24 51.28
N LYS B 52 -18.37 -32.18 50.42
CA LYS B 52 -17.11 -31.49 50.67
C LYS B 52 -16.96 -30.18 49.89
N PRO B 53 -15.89 -29.36 50.17
CA PRO B 53 -15.68 -28.11 49.42
C PRO B 53 -14.66 -28.22 48.30
N PHE B 54 -14.42 -27.11 47.60
CA PHE B 54 -13.47 -27.03 46.51
C PHE B 54 -12.24 -26.21 46.90
N THR B 55 -11.06 -26.68 46.49
CA THR B 55 -9.80 -25.98 46.71
C THR B 55 -9.20 -25.56 45.38
N CYS B 56 -8.78 -24.30 45.29
CA CYS B 56 -8.13 -23.81 44.08
C CYS B 56 -6.90 -24.65 43.74
N LEU B 57 -6.70 -24.91 42.44
CA LEU B 57 -5.58 -25.71 41.97
C LEU B 57 -4.21 -25.12 42.28
N ASP B 58 -4.15 -23.86 42.69
CA ASP B 58 -2.91 -23.21 43.08
C ASP B 58 -2.73 -23.24 44.60
N GLY B 59 -3.38 -24.17 45.27
CA GLY B 59 -3.39 -24.20 46.72
C GLY B 59 -4.17 -23.00 47.20
N THR B 60 -3.46 -21.95 47.61
CA THR B 60 -4.09 -20.69 48.01
C THR B 60 -5.26 -20.89 48.98
N ALA B 61 -6.48 -20.91 48.45
CA ALA B 61 -7.68 -20.98 49.28
C ALA B 61 -8.60 -22.11 48.84
N THR B 62 -9.53 -22.45 49.74
CA THR B 62 -10.61 -23.40 49.49
C THR B 62 -11.97 -22.72 49.69
N ILE B 63 -12.84 -22.85 48.70
CA ILE B 63 -14.16 -22.21 48.70
C ILE B 63 -15.23 -23.29 48.81
N PRO B 64 -16.43 -22.92 49.27
CA PRO B 64 -17.56 -23.87 49.23
C PRO B 64 -17.93 -24.23 47.79
N PHE B 65 -18.59 -25.38 47.63
CA PHE B 65 -18.81 -25.94 46.29
C PHE B 65 -19.86 -25.19 45.49
N ASP B 66 -20.72 -24.40 46.12
CA ASP B 66 -21.69 -23.59 45.40
C ASP B 66 -21.06 -22.36 44.76
N GLN B 67 -19.79 -22.07 45.06
CA GLN B 67 -19.07 -20.96 44.45
C GLN B 67 -18.21 -21.42 43.29
N VAL B 68 -18.44 -22.61 42.76
CA VAL B 68 -17.85 -23.04 41.51
C VAL B 68 -18.84 -22.72 40.41
N ASN B 69 -18.38 -21.96 39.41
CA ASN B 69 -19.22 -21.52 38.29
C ASN B 69 -20.43 -20.71 38.77
N ASP B 70 -20.23 -19.89 39.79
CA ASP B 70 -21.27 -18.98 40.25
C ASP B 70 -21.08 -17.57 39.71
N ASP B 71 -20.32 -17.42 38.62
CA ASP B 71 -20.18 -16.16 37.89
C ASP B 71 -19.54 -15.07 38.76
N TYR B 72 -18.69 -15.47 39.71
CA TYR B 72 -17.87 -14.54 40.48
C TYR B 72 -16.51 -15.21 40.70
N CYS B 73 -15.44 -14.45 40.52
CA CYS B 73 -14.10 -15.02 40.58
C CYS B 73 -13.63 -15.10 42.03
N ASP B 74 -13.39 -16.31 42.52
CA ASP B 74 -12.94 -16.50 43.90
C ASP B 74 -11.52 -17.06 44.03
N CYS B 75 -10.96 -17.65 42.97
CA CYS B 75 -9.60 -18.19 42.99
C CYS B 75 -8.67 -17.29 42.20
N LYS B 76 -7.48 -17.03 42.77
CA LYS B 76 -6.52 -16.16 42.12
C LYS B 76 -5.99 -16.75 40.83
N ASP B 77 -6.13 -18.06 40.64
CA ASP B 77 -5.76 -18.71 39.38
C ASP B 77 -6.96 -18.90 38.46
N GLY B 78 -8.15 -18.49 38.87
CA GLY B 78 -9.34 -18.59 38.05
C GLY B 78 -9.96 -19.96 37.97
N SER B 79 -9.44 -20.92 38.73
CA SER B 79 -9.83 -22.31 38.57
C SER B 79 -11.24 -22.63 39.07
N ASP B 80 -11.90 -21.71 39.76
CA ASP B 80 -13.25 -21.95 40.26
C ASP B 80 -14.33 -21.60 39.23
N GLU B 81 -13.96 -21.03 38.09
CA GLU B 81 -14.93 -20.61 37.07
C GLU B 81 -14.52 -21.11 35.69
N PRO B 82 -14.39 -22.44 35.50
CA PRO B 82 -14.05 -22.95 34.17
C PRO B 82 -15.16 -22.73 33.14
N GLY B 83 -16.40 -22.51 33.56
CA GLY B 83 -17.52 -22.39 32.65
C GLY B 83 -18.13 -21.01 32.50
N THR B 84 -17.53 -19.97 33.05
CA THR B 84 -18.08 -18.63 33.00
C THR B 84 -17.00 -17.66 32.53
N ALA B 85 -17.38 -16.39 32.39
CA ALA B 85 -16.45 -15.33 32.03
C ALA B 85 -15.96 -14.55 33.24
N ALA B 86 -16.10 -15.11 34.44
CA ALA B 86 -15.90 -14.33 35.67
C ALA B 86 -14.42 -14.10 35.98
N CYS B 87 -13.55 -15.01 35.60
CA CYS B 87 -12.19 -14.77 36.06
C CYS B 87 -11.33 -14.17 34.96
N PRO B 88 -10.46 -13.23 35.31
CA PRO B 88 -9.61 -12.59 34.29
C PRO B 88 -8.55 -13.52 33.73
N ASN B 89 -8.11 -14.53 34.49
CA ASN B 89 -7.06 -15.43 34.04
C ASN B 89 -7.55 -16.86 33.85
N GLY B 90 -8.86 -17.06 33.72
CA GLY B 90 -9.37 -18.39 33.54
C GLY B 90 -9.33 -18.86 32.10
N SER B 91 -9.65 -20.14 31.91
CA SER B 91 -9.75 -20.74 30.60
C SER B 91 -11.06 -21.52 30.48
N PHE B 92 -11.57 -21.61 29.26
CA PHE B 92 -12.76 -22.38 28.93
C PHE B 92 -12.36 -23.48 27.96
N HIS B 93 -12.85 -24.70 28.19
CA HIS B 93 -12.46 -25.85 27.40
C HIS B 93 -13.51 -26.18 26.35
N CYS B 94 -13.11 -26.09 25.08
CA CYS B 94 -13.94 -26.55 23.96
C CYS B 94 -13.65 -28.03 23.77
N THR B 95 -14.65 -28.88 24.06
CA THR B 95 -14.45 -30.31 23.84
C THR B 95 -14.23 -30.60 22.37
N ASN B 96 -14.95 -29.91 21.49
CA ASN B 96 -14.82 -30.02 20.03
C ASN B 96 -14.84 -31.49 19.60
N THR B 97 -15.91 -32.19 19.98
CA THR B 97 -15.92 -33.66 19.89
C THR B 97 -15.63 -34.18 18.49
N GLY B 98 -15.85 -33.38 17.45
CA GLY B 98 -15.59 -33.79 16.09
C GLY B 98 -14.26 -33.34 15.53
N TYR B 99 -13.43 -32.68 16.33
CA TYR B 99 -12.14 -32.17 15.90
C TYR B 99 -11.19 -32.20 17.10
N LYS B 100 -10.15 -31.38 17.05
CA LYS B 100 -9.16 -31.23 18.12
C LYS B 100 -9.71 -30.30 19.20
N PRO B 101 -9.53 -30.65 20.47
CA PRO B 101 -10.00 -29.76 21.54
C PRO B 101 -9.16 -28.49 21.64
N LEU B 102 -9.76 -27.47 22.26
CA LEU B 102 -9.15 -26.15 22.31
C LEU B 102 -9.47 -25.47 23.64
N TYR B 103 -8.51 -24.69 24.15
CA TYR B 103 -8.74 -23.80 25.28
C TYR B 103 -8.83 -22.36 24.80
N ILE B 104 -9.78 -21.61 25.37
CA ILE B 104 -9.95 -20.20 25.08
C ILE B 104 -9.98 -19.42 26.38
N LEU B 105 -9.76 -18.10 26.27
CA LEU B 105 -9.83 -17.23 27.44
C LEU B 105 -11.24 -17.20 28.00
N SER B 106 -11.33 -17.08 29.33
CA SER B 106 -12.65 -16.94 29.96
C SER B 106 -13.38 -15.71 29.48
N SER B 107 -12.65 -14.64 29.12
CA SER B 107 -13.28 -13.44 28.62
C SER B 107 -14.01 -13.65 27.29
N ARG B 108 -13.82 -14.80 26.64
CA ARG B 108 -14.50 -15.07 25.38
C ARG B 108 -15.68 -16.01 25.55
N VAL B 109 -16.06 -16.33 26.78
CA VAL B 109 -17.27 -17.11 27.05
C VAL B 109 -18.46 -16.16 27.05
N ASN B 110 -19.43 -16.43 26.17
CA ASN B 110 -20.65 -15.63 26.06
C ASN B 110 -20.33 -14.17 25.75
N ASP B 111 -19.38 -13.95 24.85
CA ASP B 111 -19.07 -12.61 24.37
C ASP B 111 -19.79 -12.29 23.07
N GLY B 112 -20.62 -13.20 22.58
CA GLY B 112 -21.32 -13.02 21.32
C GLY B 112 -20.54 -13.42 20.10
N VAL B 113 -19.33 -13.96 20.27
CA VAL B 113 -18.44 -14.34 19.17
C VAL B 113 -18.18 -15.83 19.28
N CYS B 114 -18.25 -16.53 18.15
CA CYS B 114 -18.05 -17.98 18.12
C CYS B 114 -16.55 -18.28 18.12
N ASP B 115 -16.05 -18.80 19.24
CA ASP B 115 -14.63 -19.16 19.39
C ASP B 115 -14.37 -20.66 19.26
N CYS B 116 -15.25 -21.51 19.80
CA CYS B 116 -15.14 -22.96 19.63
C CYS B 116 -15.86 -23.38 18.35
N CYS B 117 -15.30 -24.36 17.64
CA CYS B 117 -16.00 -24.90 16.48
C CYS B 117 -17.29 -25.60 16.89
N ASP B 118 -17.34 -26.18 18.10
CA ASP B 118 -18.59 -26.80 18.55
C ASP B 118 -19.60 -25.80 19.08
N GLY B 119 -19.20 -24.53 19.24
CA GLY B 119 -20.11 -23.48 19.62
C GLY B 119 -20.51 -23.43 21.07
N THR B 120 -19.87 -24.22 21.93
CA THR B 120 -20.29 -24.34 23.32
C THR B 120 -19.85 -23.16 24.19
N ASP B 121 -18.95 -22.31 23.71
CA ASP B 121 -18.58 -21.11 24.47
C ASP B 121 -19.70 -20.07 24.48
N GLU B 122 -20.67 -20.17 23.59
CA GLU B 122 -21.80 -19.27 23.52
C GLU B 122 -23.06 -20.07 23.88
N TYR B 123 -23.43 -20.02 25.16
CA TYR B 123 -24.62 -20.70 25.62
C TYR B 123 -25.69 -19.78 26.20
N ASN B 124 -25.40 -18.49 26.37
CA ASN B 124 -26.37 -17.57 26.94
C ASN B 124 -26.10 -16.13 26.51
N SER B 125 -25.68 -15.95 25.25
CA SER B 125 -25.26 -14.63 24.79
C SER B 125 -26.18 -14.01 23.75
N GLY B 126 -27.11 -14.78 23.20
CA GLY B 126 -27.90 -14.31 22.08
C GLY B 126 -27.31 -14.60 20.71
N THR B 127 -26.07 -15.07 20.67
CA THR B 127 -25.45 -15.56 19.45
C THR B 127 -25.55 -17.08 19.44
N VAL B 128 -26.20 -17.64 18.42
CA VAL B 128 -26.30 -19.08 18.27
C VAL B 128 -25.20 -19.51 17.29
N CYS B 129 -24.25 -20.30 17.78
CA CYS B 129 -23.12 -20.75 16.98
C CYS B 129 -23.41 -22.13 16.43
N GLU B 130 -23.17 -22.29 15.13
CA GLU B 130 -23.35 -23.58 14.48
C GLU B 130 -22.11 -24.44 14.67
N ASN B 131 -22.29 -25.75 14.68
CA ASN B 131 -21.15 -26.65 14.80
C ASN B 131 -20.44 -26.71 13.45
N THR B 132 -19.16 -26.32 13.43
CA THR B 132 -18.38 -26.24 12.20
C THR B 132 -17.06 -26.98 12.31
N CYS B 133 -16.93 -27.95 13.22
CA CYS B 133 -15.65 -28.62 13.40
C CYS B 133 -15.22 -29.40 12.16
N ARG B 134 -16.17 -29.72 11.29
CA ARG B 134 -15.92 -30.30 9.98
C ARG B 134 -15.09 -29.38 9.07
N VAL C 32 -4.02 -25.33 -6.13
CA VAL C 32 -4.72 -24.96 -7.36
C VAL C 32 -6.10 -25.62 -7.39
N ASP C 33 -7.05 -24.94 -8.04
CA ASP C 33 -8.41 -25.46 -8.19
C ASP C 33 -8.50 -26.11 -9.57
N ARG C 34 -8.37 -27.45 -9.59
CA ARG C 34 -8.36 -28.16 -10.86
C ARG C 34 -9.73 -28.13 -11.53
N SER C 35 -10.80 -28.05 -10.74
CA SER C 35 -12.14 -28.08 -11.31
C SER C 35 -12.42 -26.87 -12.19
N ASN C 36 -11.64 -25.80 -12.06
CA ASN C 36 -11.79 -24.63 -12.90
C ASN C 36 -11.25 -24.83 -14.32
N PHE C 37 -10.44 -25.85 -14.55
CA PHE C 37 -9.72 -26.02 -15.80
C PHE C 37 -10.07 -27.36 -16.42
N LYS C 38 -10.42 -27.32 -17.71
CA LYS C 38 -10.88 -28.50 -18.41
C LYS C 38 -9.80 -29.57 -18.49
N THR C 39 -10.19 -30.82 -18.21
CA THR C 39 -9.43 -31.97 -18.65
C THR C 39 -9.71 -32.25 -20.12
N CYS C 40 -8.98 -33.22 -20.69
CA CYS C 40 -9.23 -33.58 -22.08
C CYS C 40 -10.65 -34.09 -22.29
N ASP C 41 -11.18 -34.84 -21.31
CA ASP C 41 -12.55 -35.34 -21.41
C ASP C 41 -13.57 -34.20 -21.40
N GLU C 42 -13.28 -33.10 -20.69
CA GLU C 42 -14.20 -31.99 -20.61
C GLU C 42 -14.07 -31.02 -21.79
N SER C 43 -13.02 -31.16 -22.60
CA SER C 43 -12.89 -30.45 -23.86
C SER C 43 -13.38 -31.40 -24.96
N SER C 44 -14.50 -31.06 -25.58
CA SER C 44 -15.19 -32.03 -26.44
C SER C 44 -14.34 -32.42 -27.65
N PHE C 45 -13.60 -31.47 -28.23
CA PHE C 45 -12.78 -31.82 -29.38
C PHE C 45 -11.59 -32.68 -28.98
N CYS C 46 -11.05 -32.49 -27.77
CA CYS C 46 -10.02 -33.39 -27.29
C CYS C 46 -10.58 -34.80 -27.08
N LYS C 47 -11.80 -34.89 -26.56
CA LYS C 47 -12.40 -36.19 -26.32
C LYS C 47 -12.65 -36.93 -27.64
N ARG C 48 -13.20 -36.23 -28.63
CA ARG C 48 -13.40 -36.83 -29.95
C ARG C 48 -12.08 -37.34 -30.52
N GLN C 49 -11.06 -36.48 -30.56
CA GLN C 49 -9.79 -36.87 -31.16
C GLN C 49 -9.15 -38.03 -30.40
N ARG C 50 -9.09 -37.93 -29.08
CA ARG C 50 -8.40 -38.94 -28.27
C ARG C 50 -9.12 -40.28 -28.30
N SER C 51 -10.41 -40.30 -28.63
CA SER C 51 -11.16 -41.56 -28.71
C SER C 51 -10.76 -42.39 -29.93
N ILE C 52 -10.20 -41.77 -30.96
CA ILE C 52 -9.66 -42.50 -32.09
C ILE C 52 -8.43 -43.30 -31.66
N ARG C 53 -8.46 -44.60 -31.91
CA ARG C 53 -7.43 -45.53 -31.48
C ARG C 53 -6.57 -45.96 -32.66
N PRO C 54 -5.33 -46.41 -32.40
CA PRO C 54 -4.41 -46.74 -33.50
C PRO C 54 -4.94 -47.86 -34.38
N GLY C 55 -4.96 -47.61 -35.68
CA GLY C 55 -5.42 -48.62 -36.62
C GLY C 55 -5.22 -48.16 -38.03
N LEU C 56 -5.97 -48.79 -38.94
CA LEU C 56 -5.91 -48.42 -40.34
C LEU C 56 -6.61 -47.07 -40.54
N SER C 57 -5.89 -46.11 -41.11
CA SER C 57 -6.45 -44.78 -41.30
C SER C 57 -7.46 -44.80 -42.44
N PRO C 58 -8.60 -44.13 -42.27
CA PRO C 58 -9.56 -44.00 -43.38
C PRO C 58 -9.16 -42.97 -44.43
N TYR C 59 -8.01 -42.31 -44.26
CA TYR C 59 -7.56 -41.30 -45.21
C TYR C 59 -6.69 -41.93 -46.30
N ARG C 60 -6.86 -41.46 -47.52
CA ARG C 60 -6.14 -42.03 -48.66
C ARG C 60 -5.79 -40.92 -49.64
N ALA C 61 -4.58 -40.99 -50.21
CA ALA C 61 -4.14 -40.04 -51.23
C ALA C 61 -4.57 -40.51 -52.62
N LEU C 62 -5.10 -39.57 -53.40
CA LEU C 62 -5.56 -39.84 -54.77
C LEU C 62 -4.43 -39.49 -55.72
N LEU C 63 -3.60 -40.49 -56.03
CA LEU C 63 -2.37 -40.25 -56.79
C LEU C 63 -2.62 -39.70 -58.19
N ASP C 64 -3.83 -39.89 -58.74
CA ASP C 64 -4.15 -39.29 -60.03
C ASP C 64 -4.16 -37.76 -59.94
N THR C 65 -4.50 -37.22 -58.77
CA THR C 65 -4.61 -35.77 -58.58
C THR C 65 -3.27 -35.11 -58.28
N LEU C 66 -2.21 -35.89 -58.06
CA LEU C 66 -0.90 -35.34 -57.70
C LEU C 66 -0.40 -34.33 -58.73
N GLN C 67 0.17 -33.22 -58.23
CA GLN C 67 0.72 -32.17 -59.08
C GLN C 67 2.02 -31.68 -58.45
N LEU C 68 3.11 -31.75 -59.22
CA LEU C 68 4.44 -31.36 -58.74
C LEU C 68 4.90 -30.04 -59.37
N GLY C 69 5.08 -29.02 -58.53
CA GLY C 69 5.63 -27.76 -58.99
C GLY C 69 7.05 -27.59 -58.46
N PRO C 70 7.69 -26.47 -58.80
CA PRO C 70 9.03 -26.21 -58.23
C PRO C 70 8.99 -26.01 -56.73
N ASP C 71 7.95 -25.36 -56.21
CA ASP C 71 7.88 -25.02 -54.79
C ASP C 71 7.15 -26.06 -53.96
N ALA C 72 6.16 -26.77 -54.53
CA ALA C 72 5.34 -27.65 -53.71
C ALA C 72 4.88 -28.85 -54.53
N LEU C 73 4.47 -29.90 -53.80
CA LEU C 73 3.68 -30.99 -54.35
C LEU C 73 2.30 -30.94 -53.72
N THR C 74 1.26 -30.92 -54.55
CA THR C 74 -0.12 -30.89 -54.08
C THR C 74 -0.83 -32.16 -54.52
N VAL C 75 -1.50 -32.82 -53.57
CA VAL C 75 -2.22 -34.05 -53.85
C VAL C 75 -3.45 -34.12 -52.95
N HIS C 76 -4.58 -34.51 -53.53
CA HIS C 76 -5.83 -34.59 -52.81
C HIS C 76 -5.85 -35.79 -51.88
N LEU C 77 -6.58 -35.67 -50.77
CA LEU C 77 -6.80 -36.77 -49.84
C LEU C 77 -8.29 -37.02 -49.69
N ILE C 78 -8.65 -38.26 -49.32
CA ILE C 78 -10.05 -38.67 -49.26
C ILE C 78 -10.27 -39.49 -47.99
N HIS C 79 -11.30 -39.14 -47.23
CA HIS C 79 -11.79 -39.97 -46.14
C HIS C 79 -12.75 -41.01 -46.70
N GLU C 80 -12.51 -42.29 -46.39
CA GLU C 80 -13.26 -43.37 -47.02
C GLU C 80 -14.73 -43.39 -46.60
N VAL C 81 -15.04 -43.04 -45.35
CA VAL C 81 -16.42 -43.10 -44.90
C VAL C 81 -17.17 -41.83 -45.29
N THR C 82 -16.63 -40.66 -44.93
CA THR C 82 -17.38 -39.42 -45.07
C THR C 82 -17.30 -38.83 -46.48
N LYS C 83 -16.33 -39.26 -47.28
CA LYS C 83 -16.11 -38.79 -48.64
C LYS C 83 -15.70 -37.32 -48.71
N VAL C 84 -15.22 -36.76 -47.60
CA VAL C 84 -14.70 -35.39 -47.59
C VAL C 84 -13.31 -35.37 -48.22
N LEU C 85 -13.03 -34.33 -49.00
CA LEU C 85 -11.78 -34.21 -49.74
C LEU C 85 -10.89 -33.12 -49.16
N LEU C 86 -9.64 -33.47 -48.86
CA LEU C 86 -8.63 -32.55 -48.36
C LEU C 86 -7.47 -32.42 -49.36
N VAL C 87 -6.74 -31.31 -49.25
CA VAL C 87 -5.59 -31.03 -50.09
C VAL C 87 -4.33 -31.03 -49.23
N LEU C 88 -3.36 -31.88 -49.59
CA LEU C 88 -2.05 -31.88 -48.96
C LEU C 88 -1.07 -31.03 -49.77
N GLU C 89 -0.36 -30.14 -49.09
CA GLU C 89 0.71 -29.35 -49.71
C GLU C 89 2.02 -29.74 -49.03
N LEU C 90 2.91 -30.40 -49.78
CA LEU C 90 4.16 -30.93 -49.26
C LEU C 90 5.31 -30.18 -49.90
N GLN C 91 6.21 -29.66 -49.06
CA GLN C 91 7.31 -28.84 -49.52
C GLN C 91 8.61 -29.27 -48.86
N GLY C 92 9.67 -29.36 -49.67
CA GLY C 92 11.02 -29.34 -49.15
C GLY C 92 11.47 -27.90 -48.98
N LEU C 93 12.20 -27.64 -47.89
CA LEU C 93 12.68 -26.31 -47.60
C LEU C 93 14.19 -26.32 -47.43
N GLN C 94 14.83 -25.22 -47.82
CA GLN C 94 16.24 -25.02 -47.53
C GLN C 94 16.51 -25.19 -46.04
N LYS C 95 17.75 -25.56 -45.72
CA LYS C 95 18.20 -25.82 -44.35
C LYS C 95 17.62 -27.12 -43.79
N ASP C 96 17.29 -28.07 -44.68
CA ASP C 96 16.89 -29.42 -44.30
C ASP C 96 15.63 -29.42 -43.43
N MET C 97 14.57 -28.83 -43.98
CA MET C 97 13.27 -28.87 -43.35
C MET C 97 12.21 -29.31 -44.35
N THR C 98 11.13 -29.87 -43.82
CA THR C 98 9.95 -30.22 -44.60
C THR C 98 8.74 -29.61 -43.96
N ARG C 99 7.85 -29.05 -44.78
CA ARG C 99 6.59 -28.45 -44.32
C ARG C 99 5.43 -29.27 -44.87
N ILE C 100 4.51 -29.64 -43.99
CA ILE C 100 3.30 -30.37 -44.35
C ILE C 100 2.10 -29.49 -44.00
N ARG C 101 1.28 -29.19 -45.00
CA ARG C 101 0.03 -28.46 -44.78
C ARG C 101 -1.12 -29.26 -45.36
N ILE C 102 -2.20 -29.34 -44.59
CA ILE C 102 -3.42 -30.06 -44.98
C ILE C 102 -4.61 -29.17 -44.68
N ASP C 103 -5.47 -28.98 -45.67
CA ASP C 103 -6.64 -28.12 -45.55
C ASP C 103 -7.78 -28.78 -46.33
N GLU C 104 -9.00 -28.30 -46.11
CA GLU C 104 -10.14 -28.77 -46.88
C GLU C 104 -10.00 -28.33 -48.33
N LEU C 105 -10.38 -29.23 -49.25
CA LEU C 105 -10.35 -28.89 -50.68
C LEU C 105 -11.41 -27.86 -51.00
N GLU C 106 -12.65 -28.09 -50.55
CA GLU C 106 -13.75 -27.17 -50.76
C GLU C 106 -14.36 -26.84 -49.41
N PRO C 107 -13.72 -25.96 -48.64
CA PRO C 107 -14.32 -25.55 -47.36
C PRO C 107 -15.40 -24.53 -47.61
N ARG C 108 -16.43 -24.55 -46.76
CA ARG C 108 -17.48 -23.54 -46.89
C ARG C 108 -16.92 -22.14 -46.70
N ARG C 109 -16.00 -21.95 -45.75
CA ARG C 109 -15.27 -20.69 -45.62
C ARG C 109 -13.84 -21.00 -45.21
N PRO C 110 -12.92 -20.07 -45.44
CA PRO C 110 -11.50 -20.35 -45.15
C PRO C 110 -11.23 -20.58 -43.66
N ARG C 111 -10.30 -21.49 -43.40
CA ARG C 111 -9.80 -21.79 -42.06
C ARG C 111 -8.66 -20.84 -41.70
N TYR C 112 -8.35 -20.79 -40.40
CA TYR C 112 -7.35 -19.87 -39.90
C TYR C 112 -5.94 -20.37 -40.19
N ARG C 113 -5.11 -19.48 -40.72
CA ARG C 113 -3.68 -19.70 -40.89
C ARG C 113 -2.92 -18.63 -40.11
N VAL C 114 -2.00 -19.06 -39.25
CA VAL C 114 -1.39 -18.19 -38.24
C VAL C 114 -0.53 -17.12 -38.90
N PRO C 115 -0.87 -15.85 -38.75
CA PRO C 115 -0.04 -14.77 -39.29
C PRO C 115 0.99 -14.31 -38.27
N ASP C 116 1.96 -13.52 -38.76
CA ASP C 116 2.88 -12.71 -37.97
C ASP C 116 3.86 -13.52 -37.14
N VAL C 117 3.81 -14.85 -37.16
CA VAL C 117 4.76 -15.65 -36.40
C VAL C 117 6.01 -15.95 -37.23
N LEU C 118 5.84 -16.41 -38.46
CA LEU C 118 6.97 -16.62 -39.34
C LEU C 118 7.54 -15.28 -39.80
N VAL C 119 8.86 -15.13 -39.71
CA VAL C 119 9.47 -13.86 -40.10
C VAL C 119 9.54 -13.70 -41.61
N ALA C 120 9.47 -14.79 -42.37
CA ALA C 120 9.56 -14.72 -43.82
C ALA C 120 8.91 -15.96 -44.41
N ASP C 121 8.60 -15.87 -45.69
CA ASP C 121 8.16 -17.04 -46.45
C ASP C 121 9.37 -17.97 -46.64
N PRO C 122 9.35 -19.18 -46.10
CA PRO C 122 10.55 -20.02 -46.09
C PRO C 122 11.00 -20.38 -47.50
N PRO C 123 12.30 -20.28 -47.79
CA PRO C 123 12.80 -20.67 -49.11
C PRO C 123 12.66 -22.18 -49.33
N THR C 124 12.05 -22.55 -50.44
CA THR C 124 11.77 -23.95 -50.71
C THR C 124 12.94 -24.62 -51.42
N ALA C 125 12.94 -25.95 -51.38
CA ALA C 125 13.83 -26.80 -52.15
C ALA C 125 12.99 -27.68 -53.08
N ARG C 126 13.57 -28.05 -54.22
CA ARG C 126 12.81 -28.82 -55.20
C ARG C 126 12.66 -30.29 -54.82
N LEU C 127 11.45 -30.80 -55.04
CA LEU C 127 11.18 -32.23 -54.97
C LEU C 127 11.26 -32.84 -56.36
N SER C 128 11.71 -34.09 -56.42
CA SER C 128 11.85 -34.82 -57.66
C SER C 128 11.29 -36.22 -57.46
N VAL C 129 10.49 -36.68 -58.41
CA VAL C 129 9.98 -38.04 -58.37
C VAL C 129 11.14 -39.00 -58.68
N SER C 130 11.56 -39.78 -57.69
CA SER C 130 12.64 -40.74 -57.85
C SER C 130 12.17 -42.19 -57.75
N GLY C 131 10.87 -42.42 -57.60
CA GLY C 131 10.31 -43.76 -57.61
C GLY C 131 8.80 -43.71 -57.58
N ARG C 132 8.12 -44.69 -58.18
CA ARG C 132 6.67 -44.66 -58.20
C ARG C 132 6.07 -46.02 -58.51
N ASP C 133 4.93 -46.29 -57.87
CA ASP C 133 4.03 -47.36 -58.25
C ASP C 133 2.62 -46.79 -58.13
N ASP C 134 1.63 -47.67 -57.95
CA ASP C 134 0.25 -47.24 -57.72
C ASP C 134 -0.09 -47.02 -56.24
N ASN C 135 0.75 -47.43 -55.29
CA ASN C 135 0.46 -47.18 -53.89
C ASN C 135 1.56 -46.41 -53.16
N SER C 136 2.56 -45.91 -53.86
CA SER C 136 3.68 -45.23 -53.20
C SER C 136 4.38 -44.32 -54.20
N VAL C 137 4.83 -43.17 -53.72
CA VAL C 137 5.66 -42.26 -54.50
C VAL C 137 6.84 -41.84 -53.62
N GLU C 138 8.05 -41.98 -54.14
CA GLU C 138 9.26 -41.55 -53.45
C GLU C 138 9.76 -40.27 -54.10
N LEU C 139 10.08 -39.27 -53.27
CA LEU C 139 10.58 -37.99 -53.73
C LEU C 139 11.93 -37.67 -53.11
N THR C 140 12.79 -37.00 -53.88
CA THR C 140 14.09 -36.55 -53.42
C THR C 140 14.08 -35.03 -53.30
N VAL C 141 14.52 -34.52 -52.15
CA VAL C 141 14.62 -33.10 -51.91
C VAL C 141 15.92 -32.57 -52.50
N ALA C 142 15.82 -31.63 -53.44
CA ALA C 142 16.98 -31.12 -54.17
C ALA C 142 17.74 -32.27 -54.79
N GLU C 143 19.04 -32.41 -54.45
CA GLU C 143 19.87 -33.49 -54.97
C GLU C 143 20.21 -34.53 -53.90
N GLY C 144 19.39 -34.65 -52.86
CA GLY C 144 19.64 -35.59 -51.80
C GLY C 144 20.42 -34.97 -50.66
N PRO C 145 20.65 -35.74 -49.59
CA PRO C 145 20.28 -37.15 -49.40
C PRO C 145 18.90 -37.37 -48.81
N TYR C 146 18.08 -36.32 -48.72
CA TYR C 146 16.80 -36.41 -48.03
C TYR C 146 15.71 -36.89 -48.99
N LYS C 147 14.93 -37.87 -48.52
CA LYS C 147 13.87 -38.50 -49.32
C LYS C 147 12.57 -38.57 -48.54
N ILE C 148 11.46 -38.41 -49.26
CA ILE C 148 10.11 -38.50 -48.68
C ILE C 148 9.31 -39.53 -49.46
N ILE C 149 8.79 -40.53 -48.74
CA ILE C 149 7.96 -41.59 -49.32
C ILE C 149 6.51 -41.30 -48.95
N LEU C 150 5.68 -41.01 -49.96
CA LEU C 150 4.25 -40.82 -49.76
C LEU C 150 3.54 -42.13 -50.11
N THR C 151 2.92 -42.76 -49.11
CA THR C 151 2.10 -43.94 -49.33
C THR C 151 0.66 -43.54 -49.62
N ALA C 152 0.05 -44.21 -50.60
CA ALA C 152 -1.30 -43.85 -51.02
C ALA C 152 -2.36 -44.43 -50.09
N GLN C 153 -2.31 -45.74 -49.84
CA GLN C 153 -3.32 -46.43 -49.03
C GLN C 153 -2.65 -47.33 -48.00
N PRO C 154 -2.79 -47.05 -46.70
CA PRO C 154 -3.39 -45.83 -46.14
C PRO C 154 -2.42 -44.65 -46.23
N PHE C 155 -2.93 -43.43 -46.11
CA PHE C 155 -2.07 -42.26 -46.17
C PHE C 155 -0.94 -42.35 -45.15
N ARG C 156 0.27 -41.99 -45.59
CA ARG C 156 1.45 -42.08 -44.77
C ARG C 156 2.57 -41.31 -45.44
N LEU C 157 3.44 -40.70 -44.63
CA LEU C 157 4.62 -40.01 -45.10
C LEU C 157 5.81 -40.48 -44.29
N ASP C 158 6.91 -40.79 -44.97
CA ASP C 158 8.15 -41.18 -44.32
C ASP C 158 9.27 -40.27 -44.79
N LEU C 159 10.12 -39.85 -43.87
CA LEU C 159 11.26 -38.99 -44.18
C LEU C 159 12.55 -39.74 -43.85
N LEU C 160 13.48 -39.77 -44.79
CA LEU C 160 14.71 -40.51 -44.64
C LEU C 160 15.89 -39.65 -45.06
N GLU C 161 17.02 -39.86 -44.39
CA GLU C 161 18.31 -39.44 -44.91
C GLU C 161 18.96 -40.69 -45.51
N ASP C 162 19.16 -40.68 -46.83
CA ASP C 162 19.62 -41.85 -47.57
C ASP C 162 18.60 -42.99 -47.43
N ARG C 163 18.91 -44.00 -46.61
CA ARG C 163 17.95 -45.07 -46.36
C ARG C 163 17.63 -45.24 -44.88
N SER C 164 18.05 -44.31 -44.03
CA SER C 164 17.70 -44.33 -42.62
C SER C 164 16.40 -43.57 -42.40
N LEU C 165 15.40 -44.25 -41.86
CA LEU C 165 14.11 -43.62 -41.60
C LEU C 165 14.23 -42.68 -40.40
N LEU C 166 13.82 -41.43 -40.59
CA LEU C 166 13.87 -40.43 -39.53
C LEU C 166 12.54 -40.26 -38.80
N LEU C 167 11.43 -40.20 -39.54
CA LEU C 167 10.15 -39.96 -38.90
C LEU C 167 9.03 -40.34 -39.88
N SER C 168 7.93 -40.82 -39.31
CA SER C 168 6.74 -41.14 -40.08
C SER C 168 5.59 -40.24 -39.67
N VAL C 169 4.67 -40.01 -40.61
CA VAL C 169 3.49 -39.21 -40.40
C VAL C 169 2.27 -40.10 -40.65
N ASN C 170 1.36 -40.15 -39.68
CA ASN C 170 0.15 -40.97 -39.74
C ASN C 170 0.46 -42.47 -39.68
N ALA C 171 1.60 -42.82 -39.09
CA ALA C 171 2.00 -44.23 -39.00
C ALA C 171 1.06 -45.02 -38.11
N ARG C 172 0.45 -44.39 -37.11
CA ARG C 172 -0.53 -45.05 -36.26
C ARG C 172 -1.96 -44.73 -36.68
N GLY C 173 -2.14 -44.07 -37.81
CA GLY C 173 -3.48 -43.82 -38.34
C GLY C 173 -4.34 -42.93 -37.48
N LEU C 174 -3.74 -42.01 -36.72
CA LEU C 174 -4.49 -41.13 -35.82
C LEU C 174 -4.84 -39.79 -36.44
N MET C 175 -4.59 -39.59 -37.74
CA MET C 175 -4.95 -38.34 -38.39
C MET C 175 -6.46 -38.13 -38.36
N ALA C 176 -6.87 -36.91 -38.02
CA ALA C 176 -8.28 -36.56 -37.95
C ALA C 176 -8.45 -35.12 -38.39
N PHE C 177 -9.41 -34.88 -39.29
CA PHE C 177 -9.66 -33.54 -39.82
C PHE C 177 -11.17 -33.36 -39.90
N GLU C 178 -11.74 -32.65 -38.92
CA GLU C 178 -13.17 -32.39 -38.91
C GLU C 178 -13.49 -31.26 -39.86
N HIS C 179 -14.16 -31.58 -40.96
CA HIS C 179 -14.56 -30.59 -41.94
C HIS C 179 -15.68 -29.71 -41.40
N GLN C 180 -15.75 -28.50 -41.91
CA GLN C 180 -16.79 -27.55 -41.50
C GLN C 180 -18.14 -28.00 -42.01
N ARG C 181 -19.05 -28.30 -41.10
CA ARG C 181 -20.39 -28.74 -41.44
C ARG C 181 -21.30 -27.53 -41.66
N ALA C 182 -22.53 -27.79 -42.07
CA ALA C 182 -23.49 -26.71 -42.32
C ALA C 182 -23.87 -26.03 -41.01
N PRO C 183 -23.55 -24.76 -40.83
CA PRO C 183 -23.62 -24.15 -39.49
C PRO C 183 -25.05 -24.07 -38.97
N ARG C 184 -25.15 -23.78 -37.67
CA ARG C 184 -26.42 -23.66 -36.97
C ARG C 184 -26.45 -22.40 -36.12
N GLU C 243 -21.10 -36.74 -30.55
CA GLU C 243 -22.35 -35.99 -30.44
C GLU C 243 -22.35 -34.93 -29.33
N PRO C 244 -22.15 -35.33 -28.06
CA PRO C 244 -22.36 -34.37 -26.97
C PRO C 244 -21.28 -33.29 -26.97
N GLY C 245 -21.73 -32.04 -26.88
CA GLY C 245 -20.83 -30.90 -26.88
C GLY C 245 -20.07 -30.72 -28.17
N ALA C 246 -20.51 -31.33 -29.27
CA ALA C 246 -19.87 -31.12 -30.55
C ALA C 246 -20.25 -29.77 -31.14
N TRP C 247 -21.41 -29.23 -30.72
CA TRP C 247 -21.83 -27.90 -31.14
C TRP C 247 -21.88 -27.06 -29.87
N GLU C 248 -23.03 -26.47 -29.52
CA GLU C 248 -23.15 -25.73 -28.27
C GLU C 248 -22.70 -26.60 -27.10
N GLU C 249 -21.81 -26.05 -26.29
CA GLU C 249 -21.13 -26.82 -25.25
C GLU C 249 -21.02 -25.94 -24.01
N THR C 250 -21.08 -26.57 -22.83
CA THR C 250 -21.04 -25.84 -21.59
C THR C 250 -19.95 -26.39 -20.68
N PHE C 251 -19.32 -25.49 -19.93
CA PHE C 251 -18.35 -25.85 -18.91
C PHE C 251 -18.65 -25.01 -17.68
N LYS C 252 -18.82 -25.67 -16.54
CA LYS C 252 -19.28 -25.02 -15.33
C LYS C 252 -20.56 -24.25 -15.63
N THR C 253 -20.50 -22.92 -15.50
CA THR C 253 -21.63 -22.05 -15.80
C THR C 253 -21.47 -21.34 -17.14
N HIS C 254 -20.43 -21.66 -17.90
CA HIS C 254 -20.09 -20.92 -19.11
C HIS C 254 -20.56 -21.69 -20.35
N SER C 255 -21.12 -20.96 -21.30
CA SER C 255 -21.71 -21.53 -22.51
C SER C 255 -20.93 -21.06 -23.73
N ASP C 256 -20.60 -22.01 -24.60
CA ASP C 256 -19.96 -21.73 -25.89
C ASP C 256 -20.99 -21.99 -26.98
N SER C 257 -21.44 -20.94 -27.66
CA SER C 257 -22.46 -21.08 -28.69
C SER C 257 -21.96 -21.87 -29.89
N LYS C 258 -20.64 -21.95 -30.11
CA LYS C 258 -19.99 -22.79 -31.12
C LYS C 258 -20.68 -22.73 -32.49
N PRO C 259 -20.65 -21.58 -33.17
CA PRO C 259 -21.42 -21.45 -34.42
C PRO C 259 -20.87 -22.27 -35.58
N TYR C 260 -19.66 -22.82 -35.48
CA TYR C 260 -19.07 -23.60 -36.56
C TYR C 260 -18.99 -25.09 -36.26
N GLY C 261 -19.41 -25.53 -35.07
CA GLY C 261 -19.41 -26.93 -34.75
C GLY C 261 -18.02 -27.50 -34.72
N PRO C 262 -17.92 -28.82 -34.82
CA PRO C 262 -16.60 -29.47 -34.74
C PRO C 262 -15.73 -29.09 -35.94
N THR C 263 -14.52 -28.62 -35.66
CA THR C 263 -13.58 -28.22 -36.70
C THR C 263 -12.16 -28.66 -36.37
N SER C 264 -11.99 -29.59 -35.43
CA SER C 264 -10.66 -29.87 -34.92
C SER C 264 -9.84 -30.68 -35.92
N VAL C 265 -8.52 -30.58 -35.78
CA VAL C 265 -7.56 -31.25 -36.66
C VAL C 265 -6.50 -31.91 -35.79
N GLY C 266 -5.95 -33.02 -36.30
CA GLY C 266 -4.97 -33.77 -35.54
C GLY C 266 -4.14 -34.65 -36.43
N LEU C 267 -2.95 -35.00 -35.92
CA LEU C 267 -1.97 -35.75 -36.69
C LEU C 267 -0.92 -36.32 -35.76
N ASP C 268 -0.48 -37.53 -36.06
CA ASP C 268 0.50 -38.22 -35.23
C ASP C 268 1.82 -38.35 -35.98
N PHE C 269 2.89 -38.54 -35.21
CA PHE C 269 4.25 -38.59 -35.73
C PHE C 269 5.02 -39.65 -34.97
N SER C 270 5.85 -40.40 -35.68
CA SER C 270 6.61 -41.50 -35.11
C SER C 270 8.09 -41.18 -35.20
N LEU C 271 8.80 -41.32 -34.08
CA LEU C 271 10.21 -40.96 -33.97
C LEU C 271 11.03 -42.19 -33.64
N PRO C 272 11.41 -42.97 -34.65
CA PRO C 272 12.22 -44.17 -34.39
C PRO C 272 13.60 -43.78 -33.86
N GLY C 273 14.02 -44.46 -32.81
CA GLY C 273 15.30 -44.18 -32.18
C GLY C 273 15.27 -43.13 -31.10
N MET C 274 14.15 -42.42 -30.95
CA MET C 274 14.03 -41.35 -29.96
C MET C 274 13.33 -41.87 -28.70
N GLU C 275 13.97 -41.68 -27.54
CA GLU C 275 13.36 -41.94 -26.25
C GLU C 275 13.17 -40.71 -25.38
N HIS C 276 13.70 -39.56 -25.79
CA HIS C 276 13.68 -38.34 -24.98
C HIS C 276 13.17 -37.20 -25.83
N VAL C 277 12.06 -36.58 -25.41
CA VAL C 277 11.53 -35.40 -26.09
C VAL C 277 11.38 -34.28 -25.08
N TYR C 278 11.40 -33.05 -25.59
CA TYR C 278 11.50 -31.86 -24.77
C TYR C 278 10.71 -30.73 -25.42
N GLY C 279 10.36 -29.73 -24.61
CA GLY C 279 9.75 -28.52 -25.12
C GLY C 279 8.30 -28.32 -24.75
N ILE C 280 7.51 -27.91 -25.73
CA ILE C 280 6.11 -27.44 -25.60
C ILE C 280 5.85 -26.77 -24.26
N PRO C 281 6.55 -25.68 -23.93
CA PRO C 281 6.15 -24.87 -22.77
C PRO C 281 4.80 -24.22 -23.01
N GLU C 282 4.13 -23.83 -21.92
CA GLU C 282 4.70 -23.76 -20.58
C GLU C 282 3.98 -24.69 -19.62
N HIS C 283 4.75 -25.47 -18.87
CA HIS C 283 4.21 -26.43 -17.92
C HIS C 283 5.16 -26.50 -16.73
N ALA C 284 4.57 -26.60 -15.53
CA ALA C 284 5.38 -26.78 -14.32
C ALA C 284 5.72 -28.26 -14.18
N ASP C 285 6.56 -28.72 -15.11
CA ASP C 285 6.90 -30.14 -15.22
C ASP C 285 8.38 -30.27 -15.54
N SER C 286 8.85 -31.52 -15.61
CA SER C 286 10.26 -31.79 -15.78
C SER C 286 10.72 -31.46 -17.20
N LEU C 287 12.03 -31.24 -17.33
CA LEU C 287 12.62 -30.91 -18.62
C LEU C 287 12.32 -32.01 -19.64
N ARG C 288 12.63 -33.26 -19.31
CA ARG C 288 12.27 -34.37 -20.17
C ARG C 288 10.78 -34.68 -20.02
N LEU C 289 10.04 -34.54 -21.11
CA LEU C 289 8.60 -34.72 -21.06
C LEU C 289 8.24 -36.16 -20.73
N LYS C 290 7.13 -36.32 -20.00
CA LYS C 290 6.65 -37.62 -19.58
C LYS C 290 5.67 -38.19 -20.60
N VAL C 291 5.53 -39.51 -20.58
CA VAL C 291 4.51 -40.19 -21.37
C VAL C 291 3.12 -39.80 -20.89
N THR C 292 2.19 -39.62 -21.83
CA THR C 292 0.84 -39.18 -21.51
C THR C 292 -0.20 -40.31 -21.52
N GLU C 293 0.23 -41.56 -21.71
CA GLU C 293 -0.72 -42.64 -22.01
C GLU C 293 -1.71 -42.85 -20.86
N GLY C 294 -1.22 -42.95 -19.64
CA GLY C 294 -2.09 -43.23 -18.52
C GLY C 294 -2.77 -42.04 -17.90
N GLY C 295 -2.69 -40.87 -18.51
CA GLY C 295 -3.21 -39.65 -17.94
C GLY C 295 -3.57 -38.62 -18.98
N GLU C 296 -3.37 -37.35 -18.62
CA GLU C 296 -3.75 -36.23 -19.47
C GLU C 296 -2.71 -35.95 -20.53
N PRO C 297 -3.11 -35.44 -21.69
CA PRO C 297 -2.15 -34.89 -22.63
C PRO C 297 -1.62 -33.56 -22.12
N TYR C 298 -0.44 -33.18 -22.64
CA TYR C 298 0.07 -31.84 -22.40
C TYR C 298 -0.80 -30.83 -23.13
N ARG C 299 -1.20 -29.77 -22.43
CA ARG C 299 -2.14 -28.80 -22.97
C ARG C 299 -1.40 -27.49 -23.28
N LEU C 300 -1.71 -26.92 -24.43
CA LEU C 300 -1.15 -25.63 -24.83
C LEU C 300 -2.32 -24.66 -25.01
N TYR C 301 -2.61 -23.91 -23.96
CA TYR C 301 -3.69 -22.93 -23.97
C TYR C 301 -3.35 -21.89 -22.90
N ASN C 302 -3.08 -20.65 -23.34
CA ASN C 302 -2.62 -19.62 -22.42
C ASN C 302 -3.66 -19.34 -21.33
N LEU C 303 -3.33 -19.71 -20.09
CA LEU C 303 -4.28 -19.65 -18.99
C LEU C 303 -3.61 -19.09 -17.75
N ASP C 304 -4.40 -18.36 -16.96
CA ASP C 304 -3.98 -17.79 -15.68
C ASP C 304 -4.37 -18.78 -14.60
N VAL C 305 -3.40 -19.53 -14.10
CA VAL C 305 -3.63 -20.61 -13.15
C VAL C 305 -3.17 -20.15 -11.78
N PHE C 306 -4.14 -19.82 -10.91
CA PHE C 306 -3.86 -19.28 -9.60
C PHE C 306 -3.31 -20.36 -8.67
N GLN C 307 -2.15 -20.09 -8.06
CA GLN C 307 -1.47 -21.02 -7.16
C GLN C 307 -1.22 -22.37 -7.84
N TYR C 308 -0.63 -22.32 -9.03
CA TYR C 308 -0.39 -23.55 -9.78
C TYR C 308 0.58 -24.46 -9.04
N GLU C 309 0.42 -25.75 -9.25
CA GLU C 309 1.20 -26.78 -8.56
C GLU C 309 2.20 -27.42 -9.53
N LEU C 310 3.09 -28.24 -8.96
CA LEU C 310 4.24 -28.75 -9.68
C LEU C 310 4.02 -30.16 -10.22
N ASN C 311 4.72 -30.47 -11.31
CA ASN C 311 4.77 -31.80 -11.91
C ASN C 311 3.37 -32.29 -12.32
N ASN C 312 2.77 -31.55 -13.23
CA ASN C 312 1.50 -31.92 -13.84
C ASN C 312 1.40 -31.21 -15.19
N PRO C 313 0.56 -31.71 -16.10
CA PRO C 313 0.56 -31.16 -17.46
C PRO C 313 -0.44 -30.03 -17.71
N MET C 314 -0.97 -29.42 -16.66
CA MET C 314 -1.92 -28.33 -16.85
C MET C 314 -1.27 -27.20 -17.63
N ALA C 315 -2.06 -26.59 -18.52
CA ALA C 315 -1.59 -25.45 -19.29
C ALA C 315 -1.37 -24.23 -18.39
N LEU C 316 -0.27 -23.52 -18.61
CA LEU C 316 0.04 -22.29 -17.90
C LEU C 316 -0.08 -21.09 -18.87
N TYR C 317 0.70 -20.04 -18.61
CA TYR C 317 0.43 -18.74 -19.22
C TYR C 317 0.86 -18.67 -20.68
N GLY C 318 1.82 -19.50 -21.11
CA GLY C 318 2.35 -19.42 -22.45
C GLY C 318 2.31 -20.76 -23.16
N SER C 319 2.43 -20.68 -24.50
CA SER C 319 2.28 -21.86 -25.36
C SER C 319 3.26 -21.73 -26.52
N VAL C 320 4.25 -22.62 -26.59
CA VAL C 320 5.15 -22.70 -27.72
C VAL C 320 5.06 -24.09 -28.32
N PRO C 321 4.32 -24.26 -29.43
CA PRO C 321 4.10 -25.60 -30.02
C PRO C 321 5.31 -26.09 -30.80
N VAL C 322 6.39 -26.34 -30.07
CA VAL C 322 7.64 -26.82 -30.63
C VAL C 322 8.15 -27.93 -29.74
N LEU C 323 8.46 -29.07 -30.34
CA LEU C 323 8.94 -30.24 -29.62
C LEU C 323 10.28 -30.67 -30.21
N LEU C 324 11.23 -30.99 -29.32
CA LEU C 324 12.55 -31.46 -29.73
C LEU C 324 12.72 -32.91 -29.32
N ALA C 325 13.34 -33.70 -30.19
CA ALA C 325 13.63 -35.11 -29.91
C ALA C 325 15.13 -35.30 -30.01
N HIS C 326 15.72 -35.94 -29.00
CA HIS C 326 17.15 -36.12 -28.92
C HIS C 326 17.49 -37.59 -28.73
N SER C 327 18.50 -38.05 -29.47
CA SER C 327 19.10 -39.36 -29.26
C SER C 327 20.61 -39.22 -29.33
N PHE C 328 21.30 -40.33 -29.03
CA PHE C 328 22.75 -40.39 -29.25
C PHE C 328 23.10 -40.05 -30.69
N HIS C 329 22.22 -40.35 -31.64
CA HIS C 329 22.56 -40.30 -33.05
C HIS C 329 22.08 -39.05 -33.77
N ARG C 330 20.96 -38.46 -33.36
CA ARG C 330 20.38 -37.38 -34.14
C ARG C 330 19.49 -36.52 -33.27
N ASP C 331 19.15 -35.35 -33.81
CA ASP C 331 18.23 -34.40 -33.20
C ASP C 331 17.18 -33.99 -34.23
N LEU C 332 15.93 -33.89 -33.79
CA LEU C 332 14.83 -33.48 -34.65
C LEU C 332 13.95 -32.50 -33.89
N GLY C 333 13.22 -31.68 -34.66
CA GLY C 333 12.25 -30.79 -34.07
C GLY C 333 10.95 -30.75 -34.84
N ILE C 334 9.83 -30.66 -34.13
CA ILE C 334 8.50 -30.53 -34.74
C ILE C 334 7.91 -29.19 -34.29
N PHE C 335 7.43 -28.42 -35.25
CA PHE C 335 6.88 -27.08 -35.02
C PHE C 335 5.46 -27.08 -35.57
N TRP C 336 4.49 -27.21 -34.68
CA TRP C 336 3.07 -27.32 -35.03
C TRP C 336 2.47 -25.92 -35.03
N LEU C 337 2.50 -25.27 -36.19
CA LEU C 337 2.09 -23.86 -36.29
C LEU C 337 0.57 -23.77 -36.29
N ASN C 338 0.01 -23.78 -35.09
CA ASN C 338 -1.42 -23.63 -34.87
C ASN C 338 -1.65 -22.77 -33.64
N ALA C 339 -2.57 -21.81 -33.72
CA ALA C 339 -2.78 -20.86 -32.65
C ALA C 339 -3.97 -21.21 -31.76
N ALA C 340 -4.68 -22.30 -32.04
CA ALA C 340 -5.85 -22.70 -31.27
C ALA C 340 -5.45 -23.60 -30.12
N GLU C 341 -6.40 -23.87 -29.23
CA GLU C 341 -6.15 -24.78 -28.13
C GLU C 341 -5.63 -26.10 -28.66
N THR C 342 -4.54 -26.58 -28.07
CA THR C 342 -3.83 -27.74 -28.60
C THR C 342 -3.47 -28.67 -27.46
N TRP C 343 -3.72 -29.97 -27.66
CA TRP C 343 -3.33 -31.03 -26.75
C TRP C 343 -2.29 -31.91 -27.42
N VAL C 344 -1.34 -32.41 -26.65
CA VAL C 344 -0.20 -33.15 -27.18
C VAL C 344 -0.04 -34.44 -26.40
N ASP C 345 -0.20 -35.58 -27.07
CA ASP C 345 0.02 -36.89 -26.47
C ASP C 345 1.39 -37.41 -26.84
N ILE C 346 2.02 -38.09 -25.87
CA ILE C 346 3.36 -38.63 -26.03
C ILE C 346 3.34 -40.07 -25.53
N SER C 347 3.77 -41.00 -26.38
CA SER C 347 3.70 -42.42 -26.07
C SER C 347 5.02 -43.11 -26.45
N SER C 348 5.37 -44.12 -25.66
CA SER C 348 6.60 -44.88 -25.82
C SER C 348 6.33 -46.18 -26.57
N ASN C 349 7.42 -46.83 -26.98
CA ASN C 349 7.37 -48.13 -27.66
C ASN C 349 8.49 -49.04 -27.18
N THR C 369 14.88 -50.21 -32.25
CA THR C 369 13.47 -50.41 -31.88
C THR C 369 12.84 -49.37 -30.94
N PRO C 370 13.59 -48.79 -29.99
CA PRO C 370 12.99 -47.75 -29.14
C PRO C 370 12.44 -46.60 -29.99
N GLN C 371 11.23 -46.18 -29.67
CA GLN C 371 10.51 -45.22 -30.50
C GLN C 371 9.53 -44.44 -29.64
N THR C 372 9.44 -43.13 -29.92
CA THR C 372 8.46 -42.26 -29.29
C THR C 372 7.49 -41.75 -30.34
N ASP C 373 6.20 -41.78 -30.02
CA ASP C 373 5.16 -41.26 -30.89
C ASP C 373 4.57 -39.98 -30.32
N ILE C 374 4.27 -39.03 -31.21
CA ILE C 374 3.79 -37.70 -30.84
C ILE C 374 2.52 -37.42 -31.64
N ARG C 375 1.50 -36.90 -30.97
CA ARG C 375 0.25 -36.56 -31.62
C ARG C 375 -0.18 -35.17 -31.17
N TRP C 376 -0.47 -34.31 -32.14
CA TRP C 376 -0.97 -32.95 -31.90
C TRP C 376 -2.45 -32.89 -32.25
N MET C 377 -3.24 -32.26 -31.39
CA MET C 377 -4.68 -32.09 -31.59
C MET C 377 -5.05 -30.64 -31.29
N SER C 378 -5.63 -29.97 -32.28
CA SER C 378 -5.95 -28.55 -32.19
C SER C 378 -7.43 -28.33 -32.52
N GLU C 379 -8.00 -27.27 -31.97
CA GLU C 379 -9.44 -27.04 -32.07
C GLU C 379 -9.86 -26.52 -33.44
N SER C 380 -9.02 -25.73 -34.10
CA SER C 380 -9.39 -25.20 -35.42
C SER C 380 -8.11 -24.88 -36.19
N GLY C 381 -8.22 -24.06 -37.22
CA GLY C 381 -7.10 -23.81 -38.10
C GLY C 381 -6.82 -25.02 -38.99
N ILE C 382 -5.77 -24.88 -39.81
CA ILE C 382 -5.34 -25.97 -40.68
C ILE C 382 -4.26 -26.80 -39.98
N ILE C 383 -3.88 -27.90 -40.59
CA ILE C 383 -2.67 -28.60 -40.18
C ILE C 383 -1.48 -27.95 -40.88
N ASP C 384 -0.52 -27.46 -40.09
CA ASP C 384 0.65 -26.76 -40.62
C ASP C 384 1.80 -27.08 -39.68
N VAL C 385 2.68 -27.97 -40.12
CA VAL C 385 3.76 -28.49 -39.28
C VAL C 385 5.07 -28.37 -40.05
N PHE C 386 6.12 -27.99 -39.35
CA PHE C 386 7.47 -27.94 -39.89
C PHE C 386 8.28 -29.08 -39.28
N LEU C 387 8.96 -29.84 -40.13
CA LEU C 387 9.83 -30.92 -39.67
C LEU C 387 11.26 -30.46 -39.85
N MET C 388 11.96 -30.30 -38.74
CA MET C 388 13.33 -29.77 -38.72
C MET C 388 14.27 -30.92 -38.41
N LEU C 389 15.09 -31.29 -39.39
CA LEU C 389 15.71 -32.61 -39.44
C LEU C 389 17.11 -32.63 -38.86
N GLY C 390 17.56 -31.54 -38.23
CA GLY C 390 18.88 -31.52 -37.65
C GLY C 390 19.96 -31.56 -38.70
N PRO C 391 20.93 -32.48 -38.54
CA PRO C 391 20.96 -33.58 -37.58
C PRO C 391 21.42 -33.24 -36.16
N SER C 392 22.15 -32.15 -35.96
CA SER C 392 22.53 -31.74 -34.62
C SER C 392 21.49 -30.80 -34.04
N VAL C 393 21.50 -30.66 -32.70
CA VAL C 393 20.52 -29.80 -32.05
C VAL C 393 20.74 -28.34 -32.43
N PHE C 394 21.99 -27.95 -32.72
CA PHE C 394 22.25 -26.59 -33.16
C PHE C 394 21.74 -26.34 -34.57
N ASP C 395 21.65 -27.39 -35.39
CA ASP C 395 20.96 -27.26 -36.67
C ASP C 395 19.48 -26.99 -36.45
N VAL C 396 18.87 -27.67 -35.47
CA VAL C 396 17.46 -27.46 -35.16
C VAL C 396 17.23 -26.03 -34.67
N PHE C 397 18.12 -25.52 -33.81
CA PHE C 397 18.06 -24.12 -33.41
C PHE C 397 18.07 -23.21 -34.63
N ARG C 398 19.02 -23.44 -35.54
CA ARG C 398 19.12 -22.63 -36.75
C ARG C 398 17.88 -22.78 -37.62
N GLN C 399 17.37 -24.00 -37.74
CA GLN C 399 16.19 -24.24 -38.57
C GLN C 399 14.97 -23.51 -38.01
N TYR C 400 14.76 -23.63 -36.70
CA TYR C 400 13.63 -22.93 -36.09
C TYR C 400 13.83 -21.42 -36.14
N ALA C 401 15.05 -20.96 -35.86
CA ALA C 401 15.34 -19.52 -35.87
C ALA C 401 15.08 -18.90 -37.24
N SER C 402 15.40 -19.62 -38.32
CA SER C 402 15.13 -19.08 -39.64
C SER C 402 13.63 -18.90 -39.88
N LEU C 403 12.79 -19.70 -39.20
CA LEU C 403 11.35 -19.59 -39.35
C LEU C 403 10.77 -18.46 -38.51
N THR C 404 11.04 -18.45 -37.20
CA THR C 404 10.35 -17.55 -36.29
C THR C 404 11.24 -16.44 -35.73
N GLY C 405 12.49 -16.35 -36.16
CA GLY C 405 13.36 -15.29 -35.70
C GLY C 405 14.14 -15.65 -34.46
N THR C 406 14.90 -14.67 -33.99
CA THR C 406 15.83 -14.84 -32.88
C THR C 406 15.47 -13.94 -31.71
N GLN C 407 16.12 -14.21 -30.58
CA GLN C 407 15.98 -13.39 -29.39
C GLN C 407 16.40 -11.93 -29.67
N ALA C 408 15.52 -11.00 -29.32
CA ALA C 408 15.88 -9.59 -29.41
C ALA C 408 17.03 -9.29 -28.45
N LEU C 409 18.01 -8.55 -28.93
CA LEU C 409 19.15 -8.20 -28.09
C LEU C 409 18.69 -7.30 -26.96
N PRO C 410 18.76 -7.74 -25.70
CA PRO C 410 18.26 -6.93 -24.60
C PRO C 410 19.16 -5.73 -24.37
N PRO C 411 18.59 -4.58 -24.01
CA PRO C 411 19.44 -3.50 -23.49
C PRO C 411 20.19 -3.98 -22.26
N LEU C 412 21.44 -3.53 -22.13
CA LEU C 412 22.32 -4.09 -21.12
C LEU C 412 21.69 -4.05 -19.72
N PHE C 413 21.04 -2.93 -19.38
CA PHE C 413 20.49 -2.77 -18.03
C PHE C 413 19.51 -3.89 -17.69
N SER C 414 18.77 -4.40 -18.68
CA SER C 414 17.76 -5.41 -18.42
C SER C 414 18.36 -6.76 -18.05
N LEU C 415 19.68 -6.92 -18.17
CA LEU C 415 20.35 -8.13 -17.69
C LEU C 415 20.90 -7.97 -16.28
N GLY C 416 20.78 -6.79 -15.69
CA GLY C 416 21.12 -6.60 -14.29
C GLY C 416 20.04 -7.16 -13.39
N TYR C 417 20.00 -6.65 -12.17
CA TYR C 417 19.06 -7.10 -11.15
C TYR C 417 17.84 -6.18 -11.09
N HIS C 418 16.66 -6.77 -11.12
CA HIS C 418 15.40 -6.03 -11.00
C HIS C 418 14.81 -6.24 -9.61
N GLN C 419 14.43 -5.16 -8.95
CA GLN C 419 13.78 -5.21 -7.65
C GLN C 419 12.31 -4.83 -7.82
N SER C 420 11.42 -5.73 -7.42
CA SER C 420 10.00 -5.56 -7.66
C SER C 420 9.22 -6.09 -6.46
N ARG C 421 8.00 -5.58 -6.32
CA ARG C 421 6.99 -6.21 -5.50
C ARG C 421 5.65 -5.58 -5.85
N TRP C 422 4.60 -6.23 -5.38
CA TRP C 422 3.24 -5.67 -5.36
C TRP C 422 2.99 -5.26 -3.91
N ASN C 423 3.13 -3.98 -3.59
CA ASN C 423 3.47 -2.86 -4.48
C ASN C 423 4.38 -1.90 -3.71
N TYR C 424 5.24 -1.15 -4.40
CA TYR C 424 5.85 0.00 -3.76
C TYR C 424 4.82 1.12 -3.75
N ARG C 425 4.60 1.70 -2.56
CA ARG C 425 3.34 2.41 -2.35
C ARG C 425 3.33 3.81 -2.93
N ASP C 426 4.47 4.51 -2.96
CA ASP C 426 4.47 5.86 -3.50
C ASP C 426 5.89 6.21 -3.94
N GLU C 427 6.04 7.43 -4.46
CA GLU C 427 7.34 7.89 -4.94
C GLU C 427 8.38 7.84 -3.84
N ALA C 428 8.02 8.24 -2.62
CA ALA C 428 8.96 8.21 -1.51
C ALA C 428 9.43 6.79 -1.24
N ASP C 429 8.54 5.81 -1.37
CA ASP C 429 8.92 4.41 -1.17
C ASP C 429 9.93 3.97 -2.24
N VAL C 430 9.67 4.32 -3.50
CA VAL C 430 10.59 3.99 -4.58
C VAL C 430 11.97 4.59 -4.31
N LEU C 431 12.01 5.87 -3.92
CA LEU C 431 13.29 6.52 -3.68
C LEU C 431 14.00 5.94 -2.46
N GLU C 432 13.25 5.47 -1.46
CA GLU C 432 13.87 4.81 -0.32
C GLU C 432 14.51 3.49 -0.70
N VAL C 433 13.84 2.72 -1.56
CA VAL C 433 14.41 1.46 -2.02
C VAL C 433 15.68 1.73 -2.81
N ASP C 434 15.64 2.71 -3.71
CA ASP C 434 16.82 3.09 -4.47
C ASP C 434 17.97 3.42 -3.53
N GLN C 435 17.71 4.22 -2.49
CA GLN C 435 18.76 4.61 -1.56
C GLN C 435 19.21 3.43 -0.71
N GLY C 436 18.31 2.48 -0.42
CA GLY C 436 18.68 1.33 0.37
C GLY C 436 19.72 0.45 -0.32
N PHE C 437 19.59 0.27 -1.63
CA PHE C 437 20.62 -0.47 -2.36
C PHE C 437 21.98 0.19 -2.21
N ASP C 438 22.04 1.53 -2.33
CA ASP C 438 23.31 2.22 -2.20
C ASP C 438 23.82 2.21 -0.77
N ASP C 439 22.94 2.42 0.22
CA ASP C 439 23.36 2.40 1.61
C ASP C 439 23.88 1.03 2.06
N HIS C 440 23.46 -0.04 1.40
CA HIS C 440 23.88 -1.39 1.78
C HIS C 440 24.76 -2.03 0.72
N ASN C 441 25.27 -1.23 -0.22
CA ASN C 441 26.25 -1.67 -1.21
C ASN C 441 25.76 -2.89 -1.98
N MET C 442 24.60 -2.73 -2.61
CA MET C 442 24.02 -3.80 -3.43
C MET C 442 23.65 -3.22 -4.78
N PRO C 443 24.09 -3.84 -5.87
CA PRO C 443 23.76 -3.31 -7.20
C PRO C 443 22.33 -3.64 -7.58
N CYS C 444 21.73 -2.72 -8.34
CA CYS C 444 20.38 -2.90 -8.83
C CYS C 444 20.16 -1.93 -9.98
N ASP C 445 19.59 -2.42 -11.08
CA ASP C 445 19.39 -1.58 -12.27
C ASP C 445 18.00 -1.01 -12.38
N VAL C 446 16.96 -1.73 -11.93
CA VAL C 446 15.58 -1.37 -12.20
C VAL C 446 14.74 -1.58 -10.95
N ILE C 447 13.85 -0.63 -10.68
CA ILE C 447 12.82 -0.75 -9.66
C ILE C 447 11.47 -0.76 -10.38
N TRP C 448 10.60 -1.71 -10.01
CA TRP C 448 9.37 -1.97 -10.73
C TRP C 448 8.16 -1.44 -9.98
N LEU C 449 7.20 -0.90 -10.74
CA LEU C 449 5.93 -0.41 -10.19
C LEU C 449 4.80 -1.30 -10.69
N ASP C 450 4.17 -2.02 -9.75
CA ASP C 450 3.07 -2.91 -10.07
C ASP C 450 1.78 -2.09 -10.15
N ILE C 451 0.62 -2.76 -10.18
CA ILE C 451 -0.64 -2.12 -10.60
C ILE C 451 -1.14 -1.02 -9.66
N GLU C 452 -0.63 -0.93 -8.43
CA GLU C 452 -1.11 0.10 -7.53
C GLU C 452 -0.54 1.47 -7.82
N HIS C 453 0.38 1.60 -8.78
CA HIS C 453 0.91 2.92 -9.11
C HIS C 453 -0.06 3.72 -9.98
N ALA C 454 -1.01 3.05 -10.62
CA ALA C 454 -1.94 3.70 -11.52
C ALA C 454 -3.15 4.24 -10.76
N ASP C 455 -4.00 4.99 -11.47
CA ASP C 455 -5.23 5.53 -10.90
C ASP C 455 -6.31 4.44 -10.98
N GLY C 456 -6.46 3.68 -9.90
CA GLY C 456 -7.46 2.63 -9.86
C GLY C 456 -7.36 1.61 -10.96
N LYS C 457 -6.13 1.22 -11.33
CA LYS C 457 -5.87 0.23 -12.38
C LYS C 457 -6.37 0.69 -13.74
N ARG C 458 -6.42 2.00 -13.95
CA ARG C 458 -6.50 2.58 -15.30
C ARG C 458 -5.08 2.73 -15.81
N TYR C 459 -4.71 1.91 -16.79
CA TYR C 459 -3.33 1.88 -17.24
C TYR C 459 -3.01 3.13 -18.06
N PHE C 460 -1.72 3.46 -18.10
CA PHE C 460 -1.17 4.70 -18.63
C PHE C 460 -1.44 5.90 -17.73
N THR C 461 -1.93 5.68 -16.51
CA THR C 461 -2.17 6.78 -15.57
C THR C 461 -1.31 6.60 -14.32
N TRP C 462 -1.41 7.58 -13.43
CA TRP C 462 -0.65 7.64 -12.19
C TRP C 462 -1.60 8.01 -11.05
N ASP C 463 -1.45 7.35 -9.91
CA ASP C 463 -2.28 7.69 -8.77
C ASP C 463 -2.00 9.13 -8.36
N PRO C 464 -3.00 10.01 -8.37
CA PRO C 464 -2.74 11.44 -8.15
C PRO C 464 -2.27 11.77 -6.75
N THR C 465 -2.41 10.87 -5.79
CA THR C 465 -1.91 11.10 -4.44
C THR C 465 -0.51 10.52 -4.25
N ARG C 466 -0.31 9.26 -4.62
CA ARG C 466 0.93 8.56 -4.28
C ARG C 466 1.99 8.69 -5.37
N PHE C 467 1.59 8.98 -6.60
CA PHE C 467 2.54 9.24 -7.70
C PHE C 467 2.17 10.53 -8.42
N PRO C 468 2.20 11.67 -7.72
CA PRO C 468 1.78 12.93 -8.35
C PRO C 468 2.80 13.53 -9.30
N GLN C 469 4.09 13.18 -9.18
CA GLN C 469 5.16 13.76 -9.98
C GLN C 469 6.03 12.66 -10.56
N PRO C 470 5.50 11.86 -11.49
CA PRO C 470 6.30 10.72 -12.01
C PRO C 470 7.56 11.14 -12.73
N LEU C 471 7.52 12.25 -13.50
CA LEU C 471 8.74 12.72 -14.15
C LEU C 471 9.83 13.02 -13.15
N ASN C 472 9.46 13.62 -12.00
CA ASN C 472 10.46 13.90 -10.99
C ASN C 472 11.05 12.63 -10.40
N MET C 473 10.20 11.62 -10.16
CA MET C 473 10.70 10.34 -9.69
C MET C 473 11.64 9.71 -10.70
N LEU C 474 11.25 9.72 -11.98
CA LEU C 474 12.11 9.16 -13.00
C LEU C 474 13.43 9.93 -13.12
N GLU C 475 13.41 11.24 -12.91
CA GLU C 475 14.64 12.01 -12.98
C GLU C 475 15.58 11.66 -11.84
N HIS C 476 15.05 11.47 -10.63
CA HIS C 476 15.92 11.06 -9.52
CA HIS C 476 15.90 11.05 -9.51
C HIS C 476 16.56 9.70 -9.79
N LEU C 477 15.78 8.76 -10.35
CA LEU C 477 16.33 7.45 -10.68
C LEU C 477 17.37 7.57 -11.79
N ALA C 478 17.14 8.46 -12.76
CA ALA C 478 18.14 8.69 -13.80
C ALA C 478 19.42 9.27 -13.22
N SER C 479 19.32 10.08 -12.17
CA SER C 479 20.51 10.64 -11.54
C SER C 479 21.29 9.57 -10.78
N LYS C 480 20.64 8.48 -10.41
CA LYS C 480 21.32 7.29 -9.91
C LYS C 480 21.65 6.30 -11.02
N ARG C 481 21.37 6.66 -12.28
CA ARG C 481 21.62 5.81 -13.44
C ARG C 481 20.88 4.48 -13.32
N ARG C 482 19.63 4.55 -12.88
CA ARG C 482 18.74 3.42 -12.78
C ARG C 482 17.50 3.66 -13.63
N LYS C 483 16.74 2.59 -13.84
CA LYS C 483 15.55 2.62 -14.67
C LYS C 483 14.34 2.22 -13.83
N LEU C 484 13.17 2.39 -14.41
CA LEU C 484 11.92 1.97 -13.80
C LEU C 484 11.10 1.19 -14.82
N VAL C 485 10.34 0.22 -14.33
CA VAL C 485 9.37 -0.51 -15.14
C VAL C 485 7.99 -0.29 -14.54
N ALA C 486 7.04 0.11 -15.39
CA ALA C 486 5.64 0.25 -15.01
C ALA C 486 4.82 -0.81 -15.72
N ILE C 487 3.87 -1.38 -14.99
CA ILE C 487 3.00 -2.42 -15.54
C ILE C 487 1.92 -1.75 -16.38
N VAL C 488 1.62 -2.36 -17.53
CA VAL C 488 0.55 -1.95 -18.43
C VAL C 488 -0.12 -3.23 -18.91
N ASP C 489 -1.36 -3.46 -18.49
CA ASP C 489 -2.09 -4.67 -18.81
C ASP C 489 -3.04 -4.45 -19.97
N PRO C 490 -3.45 -5.52 -20.65
CA PRO C 490 -4.32 -5.38 -21.83
C PRO C 490 -5.81 -5.28 -21.52
N HIS C 491 -6.23 -5.08 -20.27
CA HIS C 491 -7.64 -4.85 -19.99
C HIS C 491 -7.86 -3.38 -19.63
N ILE C 492 -8.95 -2.81 -20.15
CA ILE C 492 -9.20 -1.38 -20.07
C ILE C 492 -10.49 -1.16 -19.28
N LYS C 493 -10.39 -0.42 -18.17
CA LYS C 493 -11.54 -0.18 -17.32
C LYS C 493 -12.68 0.48 -18.11
N VAL C 494 -13.88 -0.08 -17.99
CA VAL C 494 -15.07 0.51 -18.59
C VAL C 494 -15.43 1.74 -17.76
N ASP C 495 -15.15 2.93 -18.30
CA ASP C 495 -15.27 4.17 -17.53
C ASP C 495 -15.26 5.32 -18.53
N SER C 496 -16.40 6.03 -18.63
CA SER C 496 -16.50 7.10 -19.61
C SER C 496 -15.58 8.28 -19.32
N GLY C 497 -14.98 8.35 -18.13
CA GLY C 497 -14.00 9.36 -17.82
C GLY C 497 -12.57 8.98 -18.15
N TYR C 498 -12.35 7.76 -18.63
CA TYR C 498 -11.03 7.23 -18.92
C TYR C 498 -10.79 7.38 -20.41
N ARG C 499 -9.88 8.30 -20.79
CA ARG C 499 -9.68 8.63 -22.19
C ARG C 499 -9.34 7.40 -23.03
N VAL C 500 -8.55 6.48 -22.49
CA VAL C 500 -8.18 5.27 -23.23
C VAL C 500 -9.43 4.46 -23.58
N HIS C 501 -10.31 4.27 -22.61
CA HIS C 501 -11.53 3.51 -22.87
C HIS C 501 -12.42 4.21 -23.88
N GLU C 502 -12.51 5.54 -23.81
CA GLU C 502 -13.38 6.26 -24.72
C GLU C 502 -12.87 6.17 -26.15
N GLU C 503 -11.56 6.35 -26.33
CA GLU C 503 -10.98 6.28 -27.67
C GLU C 503 -11.07 4.87 -28.25
N LEU C 504 -10.82 3.84 -27.44
CA LEU C 504 -10.93 2.47 -27.93
C LEU C 504 -12.38 2.12 -28.27
N ARG C 505 -13.33 2.67 -27.51
CA ARG C 505 -14.74 2.45 -27.79
C ARG C 505 -15.17 3.21 -29.04
N ASN C 506 -14.75 4.47 -29.16
CA ASN C 506 -15.17 5.27 -30.32
C ASN C 506 -14.57 4.76 -31.62
N HIS C 507 -13.42 4.08 -31.58
CA HIS C 507 -12.77 3.60 -32.78
C HIS C 507 -13.02 2.12 -33.07
N GLY C 508 -13.85 1.45 -32.28
CA GLY C 508 -14.18 0.06 -32.53
C GLY C 508 -13.01 -0.89 -32.47
N LEU C 509 -12.09 -0.67 -31.52
CA LEU C 509 -10.88 -1.46 -31.41
C LEU C 509 -10.96 -2.53 -30.33
N TYR C 510 -12.15 -2.75 -29.75
CA TYR C 510 -12.35 -3.73 -28.71
C TYR C 510 -12.76 -5.08 -29.29
N VAL C 511 -12.37 -6.15 -28.57
CA VAL C 511 -12.94 -7.47 -28.82
C VAL C 511 -14.45 -7.42 -28.64
N LYS C 512 -15.18 -8.18 -29.47
CA LYS C 512 -16.62 -8.11 -29.50
C LYS C 512 -17.27 -9.45 -29.18
N THR C 513 -18.55 -9.36 -28.79
CA THR C 513 -19.42 -10.51 -28.64
C THR C 513 -20.20 -10.73 -29.93
N ARG C 514 -20.92 -11.85 -30.00
CA ARG C 514 -21.64 -12.18 -31.22
C ARG C 514 -22.73 -11.16 -31.55
N ASP C 515 -23.24 -10.41 -30.58
CA ASP C 515 -24.28 -9.43 -30.82
C ASP C 515 -23.75 -8.07 -31.26
N GLY C 516 -22.45 -7.95 -31.53
CA GLY C 516 -21.85 -6.73 -32.03
C GLY C 516 -21.44 -5.70 -31.00
N SER C 517 -21.70 -5.94 -29.72
CA SER C 517 -21.26 -5.01 -28.69
C SER C 517 -19.87 -5.40 -28.17
N ASP C 518 -19.19 -4.42 -27.58
CA ASP C 518 -17.87 -4.66 -27.02
C ASP C 518 -17.96 -5.64 -25.84
N TYR C 519 -17.09 -6.65 -25.84
CA TYR C 519 -17.06 -7.58 -24.74
C TYR C 519 -16.65 -6.88 -23.45
N GLU C 520 -17.29 -7.25 -22.36
CA GLU C 520 -17.00 -6.72 -21.03
C GLU C 520 -16.83 -7.89 -20.07
N GLY C 521 -15.64 -8.01 -19.49
CA GLY C 521 -15.41 -8.98 -18.45
C GLY C 521 -14.99 -8.29 -17.18
N TRP C 522 -14.49 -9.05 -16.21
CA TRP C 522 -14.08 -8.51 -14.92
C TRP C 522 -12.59 -8.76 -14.74
N CYS C 523 -11.87 -7.74 -14.31
CA CYS C 523 -10.46 -7.89 -13.96
C CYS C 523 -10.13 -6.87 -12.88
N TRP C 524 -8.84 -6.51 -12.77
CA TRP C 524 -8.39 -5.66 -11.67
C TRP C 524 -9.19 -4.37 -11.51
N PRO C 525 -9.57 -3.63 -12.58
CA PRO C 525 -10.35 -2.40 -12.36
C PRO C 525 -11.84 -2.61 -12.32
N GLY C 526 -12.27 -3.84 -12.05
CA GLY C 526 -13.69 -4.16 -12.14
C GLY C 526 -14.07 -4.51 -13.56
N SER C 527 -15.16 -3.92 -14.05
CA SER C 527 -15.60 -4.14 -15.42
CA SER C 527 -15.59 -4.14 -15.41
C SER C 527 -14.56 -3.59 -16.39
N ALA C 528 -14.07 -4.46 -17.28
CA ALA C 528 -13.05 -4.06 -18.24
C ALA C 528 -13.39 -4.63 -19.61
N SER C 529 -12.94 -3.93 -20.63
CA SER C 529 -12.99 -4.40 -22.00
C SER C 529 -11.58 -4.75 -22.46
N TYR C 530 -11.50 -5.49 -23.56
CA TYR C 530 -10.24 -6.05 -24.01
C TYR C 530 -9.93 -5.62 -25.43
N PRO C 531 -8.90 -4.80 -25.63
CA PRO C 531 -8.53 -4.38 -26.99
C PRO C 531 -8.21 -5.58 -27.86
N ASP C 532 -8.58 -5.48 -29.14
CA ASP C 532 -8.38 -6.55 -30.11
C ASP C 532 -6.98 -6.43 -30.69
N PHE C 533 -6.00 -6.98 -29.96
CA PHE C 533 -4.62 -6.87 -30.39
C PHE C 533 -4.31 -7.65 -31.65
N THR C 534 -5.20 -8.55 -32.10
CA THR C 534 -4.99 -9.15 -33.42
C THR C 534 -5.30 -8.17 -34.55
N ASN C 535 -5.91 -7.03 -34.26
CA ASN C 535 -6.20 -6.02 -35.27
C ASN C 535 -4.97 -5.13 -35.47
N PRO C 536 -4.42 -5.05 -36.68
CA PRO C 536 -3.21 -4.21 -36.86
C PRO C 536 -3.39 -2.75 -36.51
N ARG C 537 -4.56 -2.12 -36.76
CA ARG C 537 -4.70 -0.74 -36.32
C ARG C 537 -4.81 -0.62 -34.81
N MET C 538 -5.25 -1.68 -34.12
CA MET C 538 -5.21 -1.66 -32.67
CA MET C 538 -5.22 -1.68 -32.67
C MET C 538 -3.79 -1.66 -32.15
N ARG C 539 -2.93 -2.51 -32.72
CA ARG C 539 -1.52 -2.54 -32.32
C ARG C 539 -0.84 -1.22 -32.61
N ALA C 540 -1.17 -0.58 -33.74
CA ALA C 540 -0.60 0.73 -34.06
C ALA C 540 -1.05 1.79 -33.06
N TRP C 541 -2.32 1.75 -32.65
CA TRP C 541 -2.80 2.67 -31.63
C TRP C 541 -2.06 2.45 -30.32
N TRP C 542 -1.95 1.19 -29.89
CA TRP C 542 -1.22 0.84 -28.67
C TRP C 542 0.22 1.34 -28.73
N SER C 543 0.89 1.13 -29.87
CA SER C 543 2.27 1.59 -30.01
CA SER C 543 2.26 1.59 -30.02
C SER C 543 2.36 3.11 -29.89
N ASN C 544 1.48 3.82 -30.59
CA ASN C 544 1.48 5.28 -30.52
C ASN C 544 1.13 5.80 -29.13
N MET C 545 0.41 5.02 -28.33
CA MET C 545 0.05 5.44 -26.98
C MET C 545 1.27 5.56 -26.08
N PHE C 546 2.39 4.93 -26.43
CA PHE C 546 3.61 5.01 -25.61
C PHE C 546 4.49 6.20 -25.94
N SER C 547 4.07 7.09 -26.84
CA SER C 547 4.82 8.31 -27.05
C SER C 547 4.81 9.13 -25.75
N PHE C 548 5.86 9.95 -25.58
CA PHE C 548 5.97 10.74 -24.37
C PHE C 548 4.86 11.79 -24.27
N ASP C 549 4.23 12.14 -25.39
CA ASP C 549 3.10 13.06 -25.36
C ASP C 549 1.80 12.37 -24.96
N ASN C 550 1.64 11.09 -25.31
CA ASN C 550 0.44 10.34 -24.98
C ASN C 550 0.53 9.70 -23.60
N TYR C 551 1.66 9.07 -23.28
CA TYR C 551 1.88 8.45 -21.97
C TYR C 551 2.50 9.50 -21.05
N GLU C 552 1.65 10.39 -20.56
CA GLU C 552 2.11 11.50 -19.73
C GLU C 552 2.75 10.99 -18.45
N GLY C 553 3.89 11.59 -18.09
CA GLY C 553 4.66 11.16 -16.96
C GLY C 553 5.73 10.13 -17.24
N SER C 554 5.78 9.59 -18.46
CA SER C 554 6.83 8.64 -18.83
C SER C 554 8.06 9.38 -19.36
N ALA C 555 9.17 8.64 -19.39
CA ALA C 555 10.48 9.20 -19.73
C ALA C 555 11.31 8.08 -20.33
N PRO C 556 12.45 8.40 -20.96
CA PRO C 556 13.24 7.35 -21.62
C PRO C 556 13.72 6.25 -20.70
N ASN C 557 13.81 6.47 -19.39
CA ASN C 557 14.23 5.41 -18.48
C ASN C 557 13.05 4.68 -17.84
N LEU C 558 11.87 4.78 -18.44
CA LEU C 558 10.71 4.00 -18.04
CA LEU C 558 10.71 4.00 -18.04
C LEU C 558 10.46 2.91 -19.06
N TYR C 559 10.34 1.67 -18.59
CA TYR C 559 10.08 0.52 -19.44
C TYR C 559 8.81 -0.17 -18.95
N VAL C 560 8.41 -1.24 -19.63
CA VAL C 560 7.03 -1.73 -19.50
C VAL C 560 7.00 -3.21 -19.19
N TRP C 561 5.97 -3.59 -18.43
CA TRP C 561 5.66 -4.96 -18.06
C TRP C 561 4.24 -5.26 -18.52
N ASN C 562 4.10 -6.21 -19.44
CA ASN C 562 2.79 -6.70 -19.88
C ASN C 562 2.41 -7.93 -19.09
N ASP C 563 1.35 -7.83 -18.31
CA ASP C 563 0.85 -8.93 -17.51
C ASP C 563 -0.59 -9.22 -17.92
N MET C 564 -1.11 -10.37 -17.50
CA MET C 564 -2.51 -10.74 -17.69
C MET C 564 -2.91 -10.85 -19.16
N ASN C 565 -1.96 -11.09 -20.07
CA ASN C 565 -2.23 -11.02 -21.50
C ASN C 565 -2.55 -12.37 -22.11
N GLU C 566 -3.03 -13.33 -21.31
CA GLU C 566 -3.48 -14.61 -21.85
C GLU C 566 -4.63 -14.50 -22.85
N PRO C 567 -5.65 -13.62 -22.67
CA PRO C 567 -5.95 -12.63 -21.63
C PRO C 567 -6.62 -13.23 -20.39
N SER C 568 -6.35 -12.64 -19.24
CA SER C 568 -6.98 -13.04 -17.99
C SER C 568 -8.33 -12.34 -17.83
N VAL C 569 -9.38 -13.13 -17.62
CA VAL C 569 -10.74 -12.62 -17.44
C VAL C 569 -11.32 -13.32 -16.21
N PHE C 570 -11.50 -12.55 -15.12
CA PHE C 570 -11.80 -13.18 -13.83
C PHE C 570 -13.13 -13.93 -13.84
N ASN C 571 -14.12 -13.47 -14.60
CA ASN C 571 -15.42 -14.11 -14.64
C ASN C 571 -15.63 -14.92 -15.91
N GLY C 572 -14.56 -15.27 -16.62
CA GLY C 572 -14.67 -16.02 -17.85
C GLY C 572 -14.35 -17.48 -17.66
N PRO C 573 -14.65 -18.30 -18.67
CA PRO C 573 -14.38 -19.75 -18.56
C PRO C 573 -12.89 -20.00 -18.47
N GLU C 574 -12.49 -20.77 -17.45
CA GLU C 574 -11.09 -21.04 -17.15
C GLU C 574 -10.32 -19.73 -16.93
N VAL C 575 -11.03 -18.69 -16.48
CA VAL C 575 -10.47 -17.38 -16.16
C VAL C 575 -9.87 -16.75 -17.41
N THR C 576 -10.50 -16.95 -18.58
CA THR C 576 -10.04 -16.29 -19.80
C THR C 576 -11.24 -15.90 -20.67
N MET C 577 -10.93 -15.41 -21.87
CA MET C 577 -11.94 -14.90 -22.80
CA MET C 577 -11.95 -14.89 -22.78
C MET C 577 -12.85 -16.02 -23.31
N LEU C 578 -14.09 -15.66 -23.65
CA LEU C 578 -15.05 -16.60 -24.22
C LEU C 578 -14.56 -17.10 -25.58
N LYS C 579 -14.76 -18.40 -25.82
CA LYS C 579 -14.37 -19.01 -27.09
C LYS C 579 -15.03 -18.32 -28.27
N ASP C 580 -16.29 -17.91 -28.13
CA ASP C 580 -17.08 -17.36 -29.23
C ASP C 580 -17.05 -15.83 -29.27
N ALA C 581 -16.10 -15.20 -28.60
CA ALA C 581 -15.83 -13.78 -28.84
C ALA C 581 -15.22 -13.61 -30.23
N VAL C 582 -15.34 -12.41 -30.77
CA VAL C 582 -15.08 -12.14 -32.19
C VAL C 582 -14.00 -11.08 -32.31
N HIS C 583 -13.03 -11.34 -33.18
CA HIS C 583 -11.87 -10.47 -33.39
C HIS C 583 -11.87 -9.91 -34.80
N TYR C 584 -10.81 -9.15 -35.10
CA TYR C 584 -10.53 -8.64 -36.43
C TYR C 584 -10.67 -9.74 -37.48
N GLY C 585 -11.26 -9.38 -38.62
CA GLY C 585 -11.45 -10.33 -39.70
C GLY C 585 -12.57 -11.33 -39.51
N GLY C 586 -13.31 -11.26 -38.40
CA GLY C 586 -14.39 -12.19 -38.13
C GLY C 586 -14.00 -13.44 -37.39
N TRP C 587 -12.70 -13.64 -37.13
CA TRP C 587 -12.25 -14.86 -36.47
C TRP C 587 -12.75 -14.92 -35.03
N GLU C 588 -12.97 -16.15 -34.56
CA GLU C 588 -13.37 -16.35 -33.18
C GLU C 588 -12.15 -16.34 -32.28
N HIS C 589 -12.40 -16.12 -30.99
CA HIS C 589 -11.29 -16.14 -30.04
C HIS C 589 -10.65 -17.51 -29.95
N ARG C 590 -11.42 -18.58 -30.20
CA ARG C 590 -10.86 -19.92 -30.22
C ARG C 590 -9.81 -20.08 -31.32
N ASP C 591 -9.91 -19.29 -32.39
CA ASP C 591 -8.96 -19.39 -33.48
C ASP C 591 -7.61 -18.75 -33.14
N ILE C 592 -7.61 -17.68 -32.34
CA ILE C 592 -6.44 -16.83 -32.18
C ILE C 592 -5.84 -16.86 -30.78
N HIS C 593 -6.42 -17.63 -29.85
CA HIS C 593 -6.18 -17.42 -28.42
C HIS C 593 -4.70 -17.32 -28.09
N ASN C 594 -3.89 -18.26 -28.58
CA ASN C 594 -2.53 -18.39 -28.08
C ASN C 594 -1.56 -17.35 -28.65
N ILE C 595 -1.98 -16.52 -29.59
CA ILE C 595 -1.14 -15.41 -30.07
C ILE C 595 -1.64 -14.07 -29.59
N TYR C 596 -2.72 -14.02 -28.81
CA TYR C 596 -3.20 -12.75 -28.27
C TYR C 596 -2.11 -12.07 -27.43
N GLY C 597 -1.50 -12.82 -26.51
CA GLY C 597 -0.47 -12.23 -25.67
C GLY C 597 0.74 -11.78 -26.46
N LEU C 598 1.18 -12.60 -27.42
CA LEU C 598 2.29 -12.21 -28.30
C LEU C 598 2.03 -10.86 -28.94
N TYR C 599 0.79 -10.60 -29.37
CA TYR C 599 0.47 -9.34 -30.00
C TYR C 599 0.60 -8.17 -29.04
N VAL C 600 0.22 -8.37 -27.77
CA VAL C 600 0.42 -7.33 -26.75
C VAL C 600 1.90 -7.05 -26.58
N HIS C 601 2.68 -8.11 -26.41
CA HIS C 601 4.14 -7.99 -26.28
C HIS C 601 4.73 -7.26 -27.48
N MET C 602 4.32 -7.66 -28.69
CA MET C 602 4.81 -7.05 -29.91
C MET C 602 4.47 -5.56 -29.97
N ALA C 603 3.21 -5.22 -29.69
CA ALA C 603 2.77 -3.83 -29.81
C ALA C 603 3.41 -2.94 -28.75
N THR C 604 3.66 -3.48 -27.56
CA THR C 604 4.33 -2.69 -26.52
C THR C 604 5.79 -2.44 -26.88
N ALA C 605 6.49 -3.48 -27.33
CA ALA C 605 7.89 -3.32 -27.74
C ALA C 605 8.02 -2.30 -28.86
N ASP C 606 7.16 -2.39 -29.87
CA ASP C 606 7.19 -1.41 -30.95
CA ASP C 606 7.19 -1.41 -30.95
C ASP C 606 6.92 -0.01 -30.41
N GLY C 607 6.06 0.11 -29.40
CA GLY C 607 5.78 1.43 -28.84
C GLY C 607 6.99 2.05 -28.19
N LEU C 608 7.77 1.26 -27.45
CA LEU C 608 9.00 1.77 -26.84
C LEU C 608 10.04 2.11 -27.91
N ILE C 609 10.03 1.39 -29.03
CA ILE C 609 10.92 1.73 -30.14
C ILE C 609 10.48 3.03 -30.79
N GLN C 610 9.18 3.15 -31.09
CA GLN C 610 8.67 4.30 -31.83
C GLN C 610 8.82 5.58 -31.02
N ARG C 611 8.62 5.52 -29.70
CA ARG C 611 8.67 6.72 -28.89
C ARG C 611 10.05 7.38 -28.89
N SER C 612 11.08 6.64 -29.25
CA SER C 612 12.44 7.15 -29.29
C SER C 612 12.87 7.56 -30.69
N GLY C 613 11.94 7.56 -31.65
CA GLY C 613 12.33 7.76 -33.03
C GLY C 613 13.02 6.58 -33.67
N GLY C 614 12.83 5.38 -33.13
CA GLY C 614 13.41 4.18 -33.71
C GLY C 614 14.84 3.90 -33.29
N ILE C 615 15.33 4.54 -32.23
CA ILE C 615 16.73 4.45 -31.84
C ILE C 615 16.93 3.48 -30.68
N GLU C 616 16.08 3.55 -29.66
CA GLU C 616 16.30 2.81 -28.42
C GLU C 616 15.76 1.40 -28.52
N ARG C 617 16.53 0.44 -28.00
CA ARG C 617 16.02 -0.92 -27.89
C ARG C 617 14.98 -0.98 -26.78
N PRO C 618 13.94 -1.78 -26.95
CA PRO C 618 12.90 -1.88 -25.91
C PRO C 618 13.28 -2.91 -24.85
N PHE C 619 12.59 -2.81 -23.72
CA PHE C 619 12.52 -3.91 -22.77
C PHE C 619 11.08 -4.07 -22.33
N VAL C 620 10.51 -5.24 -22.60
CA VAL C 620 9.14 -5.56 -22.22
C VAL C 620 9.14 -6.99 -21.66
N LEU C 621 8.64 -7.16 -20.44
CA LEU C 621 8.36 -8.46 -19.88
C LEU C 621 6.91 -8.82 -20.15
N SER C 622 6.68 -10.07 -20.55
CA SER C 622 5.35 -10.56 -20.89
C SER C 622 5.10 -11.88 -20.17
N ARG C 623 3.85 -12.11 -19.75
CA ARG C 623 3.50 -13.35 -19.09
C ARG C 623 3.06 -14.43 -20.08
N ALA C 624 2.19 -14.06 -21.02
CA ALA C 624 1.78 -14.97 -22.08
C ALA C 624 2.75 -14.84 -23.26
N PHE C 625 2.86 -15.92 -24.03
CA PHE C 625 3.79 -15.91 -25.15
C PHE C 625 3.43 -17.06 -26.10
N PHE C 626 4.02 -16.98 -27.30
CA PHE C 626 3.83 -17.97 -28.35
C PHE C 626 5.12 -18.08 -29.13
N SER C 627 5.14 -18.96 -30.13
CA SER C 627 6.25 -18.99 -31.08
C SER C 627 6.47 -17.60 -31.66
N GLY C 628 7.71 -17.13 -31.59
CA GLY C 628 8.06 -15.80 -32.03
C GLY C 628 8.13 -14.75 -30.94
N SER C 629 7.71 -15.08 -29.72
CA SER C 629 7.76 -14.10 -28.63
C SER C 629 9.19 -13.69 -28.27
N GLN C 630 10.19 -14.53 -28.59
CA GLN C 630 11.58 -14.17 -28.34
C GLN C 630 11.98 -12.88 -29.06
N ARG C 631 11.24 -12.46 -30.08
CA ARG C 631 11.59 -11.25 -30.81
C ARG C 631 11.26 -9.97 -30.06
N PHE C 632 10.50 -10.04 -28.96
CA PHE C 632 9.95 -8.84 -28.36
C PHE C 632 10.38 -8.58 -26.92
N GLY C 633 11.11 -9.49 -26.29
CA GLY C 633 11.66 -9.20 -24.98
C GLY C 633 11.78 -10.40 -24.06
N ALA C 634 11.31 -10.25 -22.83
CA ALA C 634 11.47 -11.27 -21.80
C ALA C 634 10.13 -11.86 -21.40
N VAL C 635 10.20 -13.05 -20.80
CA VAL C 635 9.07 -13.71 -20.17
C VAL C 635 9.53 -14.24 -18.83
N TRP C 636 8.56 -14.60 -17.99
CA TRP C 636 8.86 -15.22 -16.70
C TRP C 636 7.76 -16.21 -16.40
N THR C 637 8.03 -17.10 -15.45
CA THR C 637 7.16 -18.25 -15.22
C THR C 637 5.93 -17.94 -14.37
N GLY C 638 5.57 -16.67 -14.19
CA GLY C 638 4.31 -16.33 -13.56
C GLY C 638 4.36 -16.43 -12.05
N ASP C 639 3.22 -16.83 -11.46
CA ASP C 639 3.02 -16.76 -10.01
C ASP C 639 3.45 -18.07 -9.38
N ASN C 640 4.75 -18.15 -9.06
CA ASN C 640 5.28 -19.30 -8.34
C ASN C 640 5.12 -19.06 -6.84
N THR C 641 5.70 -19.94 -6.03
CA THR C 641 5.47 -19.96 -4.59
C THR C 641 6.80 -20.07 -3.86
N ALA C 642 6.88 -19.39 -2.72
CA ALA C 642 8.09 -19.36 -1.91
C ALA C 642 8.36 -20.71 -1.25
N GLU C 643 8.69 -21.73 -2.06
CA GLU C 643 8.96 -23.06 -1.54
C GLU C 643 10.12 -23.67 -2.31
N TRP C 644 10.83 -24.59 -1.64
CA TRP C 644 12.05 -25.15 -2.19
C TRP C 644 11.79 -25.86 -3.52
N ASP C 645 10.68 -26.58 -3.63
CA ASP C 645 10.39 -27.30 -4.87
CA ASP C 645 10.39 -27.30 -4.87
C ASP C 645 10.11 -26.34 -6.03
N HIS C 646 9.61 -25.13 -5.74
CA HIS C 646 9.44 -24.15 -6.79
C HIS C 646 10.78 -23.55 -7.21
N LEU C 647 11.71 -23.42 -6.27
CA LEU C 647 13.07 -23.04 -6.62
C LEU C 647 13.68 -24.03 -7.60
N LYS C 648 13.50 -25.33 -7.34
CA LYS C 648 14.07 -26.37 -8.20
C LYS C 648 13.49 -26.31 -9.61
N ILE C 649 12.19 -26.09 -9.74
CA ILE C 649 11.55 -26.22 -11.05
C ILE C 649 11.82 -25.04 -11.96
N SER C 650 12.44 -23.97 -11.44
CA SER C 650 12.76 -22.84 -12.31
C SER C 650 13.79 -23.23 -13.36
N ILE C 651 14.67 -24.19 -13.05
CA ILE C 651 15.65 -24.65 -14.03
C ILE C 651 14.95 -25.37 -15.19
N PRO C 652 14.21 -26.47 -14.96
CA PRO C 652 13.59 -27.14 -16.11
C PRO C 652 12.56 -26.30 -16.84
N MET C 653 11.90 -25.37 -16.15
CA MET C 653 10.93 -24.52 -16.83
C MET C 653 11.62 -23.56 -17.78
N CYS C 654 12.67 -22.87 -17.31
CA CYS C 654 13.38 -21.97 -18.20
C CYS C 654 14.19 -22.73 -19.25
N LEU C 655 14.71 -23.92 -18.89
CA LEU C 655 15.41 -24.75 -19.88
C LEU C 655 14.49 -25.16 -21.02
N SER C 656 13.22 -25.47 -20.70
CA SER C 656 12.29 -25.83 -21.76
C SER C 656 11.99 -24.63 -22.65
N LEU C 657 12.02 -23.43 -22.09
CA LEU C 657 11.81 -22.22 -22.88
C LEU C 657 13.03 -21.91 -23.75
N ALA C 658 14.24 -22.12 -23.21
CA ALA C 658 15.45 -21.88 -23.98
C ALA C 658 15.51 -22.79 -25.21
N LEU C 659 15.10 -24.05 -25.07
CA LEU C 659 15.17 -24.98 -26.18
C LEU C 659 14.29 -24.57 -27.35
N VAL C 660 13.25 -23.75 -27.11
CA VAL C 660 12.33 -23.35 -28.15
C VAL C 660 12.47 -21.85 -28.45
N GLY C 661 13.64 -21.29 -28.17
CA GLY C 661 13.99 -19.97 -28.67
C GLY C 661 13.81 -18.84 -27.69
N LEU C 662 13.13 -19.06 -26.56
CA LEU C 662 12.86 -17.98 -25.60
C LEU C 662 13.96 -17.99 -24.55
N SER C 663 15.05 -17.29 -24.83
CA SER C 663 16.22 -17.30 -23.97
C SER C 663 16.10 -16.36 -22.78
N PHE C 664 15.20 -15.38 -22.83
CA PHE C 664 15.13 -14.33 -21.81
C PHE C 664 14.06 -14.74 -20.81
N CYS C 665 14.41 -15.68 -19.93
CA CYS C 665 13.48 -16.36 -19.04
C CYS C 665 13.98 -16.28 -17.60
N GLY C 666 13.03 -16.27 -16.67
CA GLY C 666 13.39 -16.33 -15.26
C GLY C 666 12.16 -16.63 -14.43
N ALA C 667 12.38 -16.72 -13.12
CA ALA C 667 11.30 -16.95 -12.16
C ALA C 667 11.42 -15.93 -11.04
N ASP C 668 10.29 -15.62 -10.41
CA ASP C 668 10.26 -14.63 -9.34
C ASP C 668 11.20 -15.05 -8.21
N VAL C 669 12.20 -14.22 -7.95
CA VAL C 669 13.20 -14.57 -6.95
C VAL C 669 12.59 -14.44 -5.56
N GLY C 670 12.61 -15.54 -4.82
CA GLY C 670 11.95 -15.64 -3.53
C GLY C 670 10.58 -16.26 -3.56
N GLY C 671 9.99 -16.41 -4.74
CA GLY C 671 8.62 -16.89 -4.84
C GLY C 671 7.62 -15.76 -4.76
N PHE C 672 6.60 -15.81 -5.61
CA PHE C 672 5.56 -14.78 -5.60
C PHE C 672 4.68 -14.91 -4.35
N PHE C 673 4.09 -16.09 -4.14
CA PHE C 673 3.24 -16.32 -2.98
C PHE C 673 4.06 -16.65 -1.73
N LYS C 674 3.54 -16.23 -0.58
CA LYS C 674 4.04 -16.62 0.74
C LYS C 674 5.39 -15.99 1.05
N ASN C 675 5.91 -16.26 2.24
CA ASN C 675 7.12 -15.63 2.75
C ASN C 675 8.26 -16.64 2.81
N PRO C 676 9.33 -16.45 2.05
CA PRO C 676 10.44 -17.40 2.10
C PRO C 676 11.27 -17.24 3.36
N GLU C 677 11.69 -18.39 3.91
CA GLU C 677 12.71 -18.39 4.95
C GLU C 677 13.97 -17.71 4.44
N PRO C 678 14.74 -17.05 5.31
CA PRO C 678 15.96 -16.37 4.84
C PRO C 678 16.89 -17.26 4.03
N GLU C 679 17.08 -18.51 4.45
CA GLU C 679 17.97 -19.42 3.72
C GLU C 679 17.43 -19.74 2.34
N LEU C 680 16.11 -19.85 2.20
CA LEU C 680 15.53 -20.07 0.88
C LEU C 680 15.72 -18.83 -0.01
N LEU C 681 15.55 -17.63 0.56
CA LEU C 681 15.74 -16.42 -0.23
C LEU C 681 17.17 -16.28 -0.70
N VAL C 682 18.14 -16.57 0.18
CA VAL C 682 19.55 -16.58 -0.22
C VAL C 682 19.79 -17.55 -1.37
N ARG C 683 19.26 -18.78 -1.25
CA ARG C 683 19.45 -19.75 -2.33
C ARG C 683 18.76 -19.31 -3.61
N TRP C 684 17.61 -18.63 -3.51
CA TRP C 684 16.92 -18.17 -4.71
C TRP C 684 17.67 -17.02 -5.38
N TYR C 685 18.31 -16.16 -4.59
CA TYR C 685 19.17 -15.12 -5.17
C TYR C 685 20.34 -15.74 -5.91
N GLN C 686 20.96 -16.77 -5.33
CA GLN C 686 22.06 -17.44 -6.00
C GLN C 686 21.59 -18.14 -7.28
N MET C 687 20.41 -18.76 -7.22
CA MET C 687 19.83 -19.37 -8.42
C MET C 687 19.52 -18.32 -9.49
N GLY C 688 18.78 -17.28 -9.11
CA GLY C 688 18.40 -16.25 -10.08
C GLY C 688 19.57 -15.49 -10.64
N ALA C 689 20.64 -15.32 -9.85
CA ALA C 689 21.85 -14.65 -10.33
C ALA C 689 22.46 -15.31 -11.56
N TYR C 690 22.20 -16.60 -11.77
CA TYR C 690 22.73 -17.31 -12.93
C TYR C 690 21.62 -17.73 -13.89
N GLN C 691 20.49 -17.02 -13.87
CA GLN C 691 19.44 -17.22 -14.84
C GLN C 691 19.19 -15.92 -15.62
N PRO C 692 18.68 -16.02 -16.87
CA PRO C 692 18.68 -14.86 -17.77
C PRO C 692 17.92 -13.64 -17.25
N PHE C 693 16.64 -13.80 -16.89
CA PHE C 693 15.85 -12.71 -16.34
C PHE C 693 15.87 -12.81 -14.82
N PHE C 694 16.38 -11.78 -14.16
CA PHE C 694 16.78 -11.81 -12.75
C PHE C 694 15.96 -10.77 -11.98
N ARG C 695 14.76 -11.15 -11.53
CA ARG C 695 13.85 -10.23 -10.86
C ARG C 695 13.31 -10.86 -9.58
N ALA C 696 13.43 -10.14 -8.47
CA ALA C 696 12.71 -10.46 -7.25
C ALA C 696 11.36 -9.78 -7.27
N HIS C 697 10.32 -10.52 -6.88
CA HIS C 697 8.95 -10.04 -6.92
C HIS C 697 8.17 -10.76 -5.83
N ALA C 698 7.01 -10.21 -5.47
CA ALA C 698 6.30 -10.68 -4.28
C ALA C 698 4.86 -10.22 -4.31
N HIS C 699 3.99 -11.01 -3.67
CA HIS C 699 2.56 -10.80 -3.59
C HIS C 699 2.21 -9.69 -2.60
N LEU C 700 1.04 -9.07 -2.81
CA LEU C 700 0.59 -7.95 -2.00
C LEU C 700 0.63 -8.22 -0.50
N ASP C 701 0.36 -9.45 -0.08
CA ASP C 701 0.22 -9.77 1.34
C ASP C 701 1.50 -10.35 1.94
N THR C 702 2.59 -10.38 1.20
CA THR C 702 3.86 -10.85 1.75
C THR C 702 4.54 -9.73 2.54
N GLY C 703 5.41 -10.12 3.47
CA GLY C 703 6.27 -9.15 4.12
C GLY C 703 7.32 -8.61 3.16
N ARG C 704 7.76 -7.38 3.44
CA ARG C 704 8.81 -6.77 2.65
C ARG C 704 10.09 -7.61 2.72
N ARG C 705 10.67 -7.91 1.57
CA ARG C 705 11.88 -8.72 1.56
C ARG C 705 12.94 -8.12 0.64
N GLU C 706 13.08 -6.79 0.66
CA GLU C 706 14.26 -6.18 0.06
C GLU C 706 15.51 -6.77 0.71
N PRO C 707 16.57 -7.03 -0.06
CA PRO C 707 17.62 -7.93 0.44
C PRO C 707 18.36 -7.43 1.67
N TRP C 708 18.34 -6.13 1.96
CA TRP C 708 19.03 -5.64 3.16
C TRP C 708 18.19 -5.75 4.42
N LEU C 709 16.99 -6.32 4.35
CA LEU C 709 16.14 -6.46 5.52
C LEU C 709 16.43 -7.73 6.31
N LEU C 710 17.38 -8.55 5.86
CA LEU C 710 17.73 -9.79 6.53
C LEU C 710 18.95 -9.58 7.43
N ALA C 711 19.20 -10.57 8.29
CA ALA C 711 20.40 -10.55 9.12
C ALA C 711 21.64 -10.55 8.24
N SER C 712 22.76 -10.10 8.82
CA SER C 712 23.95 -9.78 8.03
C SER C 712 24.46 -10.99 7.24
N GLN C 713 24.35 -12.19 7.80
CA GLN C 713 24.88 -13.36 7.10
C GLN C 713 24.11 -13.63 5.81
N TYR C 714 22.79 -13.41 5.82
CA TYR C 714 22.02 -13.57 4.60
C TYR C 714 22.24 -12.39 3.66
N GLN C 715 22.37 -11.18 4.19
CA GLN C 715 22.72 -10.02 3.38
C GLN C 715 24.01 -10.26 2.60
N ASP C 716 25.04 -10.73 3.29
CA ASP C 716 26.35 -10.89 2.67
C ASP C 716 26.31 -11.91 1.55
N ALA C 717 25.58 -13.02 1.75
CA ALA C 717 25.49 -14.03 0.70
C ALA C 717 24.68 -13.52 -0.50
N ILE C 718 23.66 -12.69 -0.25
CA ILE C 718 22.90 -12.10 -1.35
C ILE C 718 23.74 -11.08 -2.09
N ARG C 719 24.45 -10.23 -1.36
CA ARG C 719 25.37 -9.27 -1.99
C ARG C 719 26.41 -9.99 -2.85
N ASP C 720 26.96 -11.09 -2.33
CA ASP C 720 27.97 -11.84 -3.09
C ASP C 720 27.36 -12.39 -4.38
N ALA C 721 26.13 -12.89 -4.33
CA ALA C 721 25.48 -13.34 -5.55
C ALA C 721 25.26 -12.20 -6.54
N LEU C 722 24.85 -11.02 -6.04
CA LEU C 722 24.64 -9.87 -6.91
C LEU C 722 25.94 -9.42 -7.56
N PHE C 723 27.04 -9.38 -6.78
CA PHE C 723 28.33 -9.03 -7.35
C PHE C 723 28.75 -10.00 -8.45
N GLN C 724 28.52 -11.30 -8.24
CA GLN C 724 28.87 -12.27 -9.27
C GLN C 724 28.10 -12.02 -10.56
N ARG C 725 26.80 -11.76 -10.46
CA ARG C 725 25.98 -11.50 -11.64
C ARG C 725 26.48 -10.25 -12.38
N TYR C 726 26.74 -9.18 -11.64
CA TYR C 726 27.15 -7.93 -12.28
C TYR C 726 28.53 -8.06 -12.93
N SER C 727 29.46 -8.75 -12.27
CA SER C 727 30.77 -8.98 -12.88
C SER C 727 30.66 -9.76 -14.18
N LEU C 728 29.65 -10.62 -14.30
CA LEU C 728 29.49 -11.46 -15.49
C LEU C 728 28.69 -10.79 -16.60
N LEU C 729 28.30 -9.54 -16.43
CA LEU C 729 27.51 -8.87 -17.47
C LEU C 729 28.15 -8.89 -18.85
N PRO C 730 29.47 -8.72 -19.02
CA PRO C 730 30.04 -8.86 -20.38
C PRO C 730 29.84 -10.24 -20.96
N PHE C 731 29.87 -11.27 -20.12
CA PHE C 731 29.59 -12.64 -20.55
C PHE C 731 28.12 -12.80 -20.95
N TRP C 732 27.20 -12.36 -20.08
CA TRP C 732 25.78 -12.45 -20.40
C TRP C 732 25.45 -11.70 -21.68
N TYR C 733 26.01 -10.50 -21.84
CA TYR C 733 25.73 -9.68 -23.02
C TYR C 733 26.18 -10.38 -24.29
N THR C 734 27.38 -10.99 -24.28
CA THR C 734 27.87 -11.68 -25.46
C THR C 734 27.03 -12.91 -25.79
N LEU C 735 26.64 -13.67 -24.76
CA LEU C 735 25.77 -14.82 -24.99
C LEU C 735 24.46 -14.40 -25.64
N PHE C 736 23.92 -13.25 -25.23
CA PHE C 736 22.66 -12.78 -25.82
C PHE C 736 22.87 -12.24 -27.23
N TYR C 737 24.04 -11.67 -27.52
CA TYR C 737 24.32 -11.30 -28.91
C TYR C 737 24.42 -12.53 -29.80
N GLN C 738 25.02 -13.61 -29.28
CA GLN C 738 25.07 -14.86 -30.03
C GLN C 738 23.68 -15.44 -30.22
N ALA C 739 22.82 -15.36 -29.20
CA ALA C 739 21.43 -15.76 -29.38
C ALA C 739 20.73 -14.90 -30.43
N HIS C 740 21.02 -13.60 -30.43
CA HIS C 740 20.36 -12.68 -31.35
C HIS C 740 20.79 -12.93 -32.80
N LYS C 741 22.07 -13.29 -33.01
CA LYS C 741 22.61 -13.51 -34.34
C LYS C 741 22.39 -14.93 -34.86
N GLU C 742 22.55 -15.96 -34.00
CA GLU C 742 22.50 -17.34 -34.45
C GLU C 742 21.24 -18.09 -34.03
N GLY C 743 20.54 -17.64 -32.99
CA GLY C 743 19.39 -18.38 -32.50
C GLY C 743 19.74 -19.47 -31.51
N PHE C 744 20.93 -19.43 -30.92
CA PHE C 744 21.40 -20.42 -29.95
C PHE C 744 20.97 -20.03 -28.54
N PRO C 745 20.46 -20.95 -27.73
CA PRO C 745 19.97 -20.58 -26.41
C PRO C 745 21.09 -20.15 -25.47
N VAL C 746 20.73 -19.23 -24.57
CA VAL C 746 21.69 -18.77 -23.57
C VAL C 746 21.84 -19.81 -22.46
N MET C 747 20.74 -20.20 -21.85
CA MET C 747 20.72 -21.22 -20.81
C MET C 747 20.50 -22.57 -21.46
N ARG C 748 21.37 -23.55 -21.15
CA ARG C 748 21.33 -24.78 -21.92
C ARG C 748 21.30 -26.01 -21.04
N PRO C 749 20.54 -27.03 -21.42
CA PRO C 749 20.68 -28.35 -20.78
C PRO C 749 22.04 -28.93 -21.10
N LEU C 750 22.55 -29.73 -20.17
CA LEU C 750 23.85 -30.36 -20.38
C LEU C 750 23.89 -31.20 -21.65
N TRP C 751 22.76 -31.81 -22.04
CA TRP C 751 22.79 -32.66 -23.22
C TRP C 751 22.92 -31.89 -24.53
N VAL C 752 22.70 -30.58 -24.51
CA VAL C 752 22.93 -29.80 -25.73
C VAL C 752 24.42 -29.67 -25.99
N GLN C 753 25.21 -29.56 -24.94
CA GLN C 753 26.66 -29.52 -25.06
C GLN C 753 27.29 -30.91 -25.12
N TYR C 754 26.61 -31.94 -24.62
CA TYR C 754 27.14 -33.29 -24.56
C TYR C 754 26.09 -34.27 -25.08
N PRO C 755 25.77 -34.18 -26.38
CA PRO C 755 24.67 -34.97 -26.93
C PRO C 755 24.90 -36.48 -26.91
N GLU C 756 26.15 -36.93 -26.78
CA GLU C 756 26.43 -38.36 -26.77
C GLU C 756 26.53 -38.93 -25.38
N ASP C 757 26.50 -38.10 -24.34
CA ASP C 757 26.49 -38.57 -22.95
C ASP C 757 25.04 -38.77 -22.54
N MET C 758 24.59 -40.02 -22.59
CA MET C 758 23.19 -40.31 -22.30
C MET C 758 22.81 -40.03 -20.86
N SER C 759 23.77 -40.02 -19.94
CA SER C 759 23.42 -39.74 -18.55
C SER C 759 23.08 -38.26 -18.31
N THR C 760 23.14 -37.40 -19.33
CA THR C 760 22.74 -36.01 -19.20
C THR C 760 21.39 -35.73 -19.82
N PHE C 761 20.71 -36.75 -20.37
CA PHE C 761 19.50 -36.50 -21.14
C PHE C 761 18.33 -36.03 -20.30
N SER C 762 18.36 -36.22 -18.97
CA SER C 762 17.27 -35.82 -18.11
C SER C 762 17.67 -34.85 -17.01
N ILE C 763 18.93 -34.40 -17.00
CA ILE C 763 19.42 -33.58 -15.89
C ILE C 763 18.67 -32.25 -15.85
N GLU C 764 18.24 -31.85 -14.66
CA GLU C 764 17.54 -30.59 -14.51
C GLU C 764 17.80 -29.89 -13.18
N ASP C 765 18.77 -30.33 -12.38
CA ASP C 765 19.31 -29.57 -11.27
C ASP C 765 20.65 -28.93 -11.60
N GLN C 766 20.98 -28.89 -12.89
CA GLN C 766 22.23 -28.34 -13.41
C GLN C 766 21.93 -27.75 -14.77
N PHE C 767 22.72 -26.76 -15.15
CA PHE C 767 22.57 -26.20 -16.49
C PHE C 767 23.87 -25.50 -16.87
N MET C 768 23.94 -25.11 -18.13
CA MET C 768 25.09 -24.39 -18.66
C MET C 768 24.68 -23.04 -19.23
N LEU C 769 25.59 -22.09 -19.10
CA LEU C 769 25.46 -20.79 -19.77
C LEU C 769 26.43 -20.79 -20.94
N GLY C 770 25.89 -20.73 -22.15
CA GLY C 770 26.73 -20.91 -23.32
C GLY C 770 27.42 -22.26 -23.27
N ASP C 771 28.70 -22.28 -23.61
CA ASP C 771 29.51 -23.48 -23.51
C ASP C 771 30.58 -23.38 -22.42
N ALA C 772 30.56 -22.33 -21.61
CA ALA C 772 31.70 -22.03 -20.75
C ALA C 772 31.46 -22.28 -19.27
N LEU C 773 30.23 -22.12 -18.77
CA LEU C 773 29.96 -22.18 -17.33
C LEU C 773 28.90 -23.24 -17.02
N LEU C 774 29.20 -24.11 -16.06
CA LEU C 774 28.26 -25.10 -15.57
C LEU C 774 27.83 -24.71 -14.17
N ILE C 775 26.52 -24.69 -13.92
CA ILE C 775 25.94 -24.18 -12.69
C ILE C 775 25.14 -25.28 -12.02
N HIS C 776 25.40 -25.51 -10.73
CA HIS C 776 24.61 -26.42 -9.89
C HIS C 776 24.24 -25.67 -8.63
N PRO C 777 23.18 -24.86 -8.67
CA PRO C 777 22.78 -24.12 -7.47
C PRO C 777 22.29 -25.04 -6.37
N VAL C 778 22.63 -24.69 -5.13
CA VAL C 778 22.10 -25.42 -3.98
C VAL C 778 20.60 -25.15 -3.87
N SER C 779 19.82 -26.22 -3.77
CA SER C 779 18.36 -26.09 -3.77
C SER C 779 17.73 -26.96 -2.69
N ASP C 780 18.42 -27.10 -1.55
CA ASP C 780 17.85 -27.84 -0.43
C ASP C 780 18.31 -27.18 0.87
N ALA C 781 17.37 -27.04 1.81
CA ALA C 781 17.66 -26.40 3.09
C ALA C 781 18.65 -27.24 3.89
N GLY C 782 19.60 -26.56 4.51
CA GLY C 782 20.58 -27.20 5.36
C GLY C 782 21.59 -28.07 4.65
N ALA C 783 21.67 -28.00 3.32
CA ALA C 783 22.57 -28.86 2.57
C ALA C 783 24.02 -28.65 3.00
N HIS C 784 24.75 -29.75 3.11
CA HIS C 784 26.17 -29.71 3.37
C HIS C 784 27.00 -29.86 2.10
N GLY C 785 26.39 -30.28 1.00
CA GLY C 785 27.10 -30.41 -0.25
C GLY C 785 26.12 -30.72 -1.38
N VAL C 786 26.66 -30.78 -2.59
CA VAL C 786 25.91 -31.17 -3.77
C VAL C 786 26.70 -32.21 -4.54
N GLN C 787 26.00 -32.94 -5.40
CA GLN C 787 26.62 -33.85 -6.35
C GLN C 787 26.62 -33.17 -7.71
N VAL C 788 27.80 -32.82 -8.20
CA VAL C 788 27.95 -32.09 -9.45
C VAL C 788 28.45 -33.07 -10.50
N TYR C 789 27.65 -33.27 -11.54
CA TYR C 789 28.10 -34.10 -12.65
C TYR C 789 28.89 -33.22 -13.63
N LEU C 790 30.17 -33.50 -13.77
CA LEU C 790 31.04 -32.80 -14.71
C LEU C 790 31.22 -33.67 -15.93
N PRO C 791 30.60 -33.37 -17.06
CA PRO C 791 30.64 -34.29 -18.19
C PRO C 791 31.85 -34.10 -19.08
N GLY C 792 31.95 -34.93 -20.13
CA GLY C 792 32.94 -34.75 -21.16
C GLY C 792 34.21 -35.54 -20.95
N GLN C 793 34.46 -36.50 -21.83
CA GLN C 793 35.78 -37.11 -21.91
C GLN C 793 36.79 -36.11 -22.47
N GLU C 794 38.04 -36.21 -21.99
CA GLU C 794 39.10 -35.24 -22.29
C GLU C 794 38.67 -33.81 -21.93
N GLU C 795 37.75 -33.67 -20.99
CA GLU C 795 37.31 -32.37 -20.51
C GLU C 795 37.88 -32.10 -19.12
N VAL C 796 38.32 -30.85 -18.89
CA VAL C 796 38.70 -30.39 -17.56
C VAL C 796 37.76 -29.26 -17.16
N TRP C 797 37.51 -29.15 -15.86
CA TRP C 797 36.62 -28.16 -15.30
C TRP C 797 37.31 -27.48 -14.13
N TYR C 798 37.15 -26.16 -14.03
CA TYR C 798 37.76 -25.39 -12.97
C TYR C 798 36.68 -24.85 -12.04
N ASP C 799 36.79 -25.19 -10.76
CA ASP C 799 36.02 -24.53 -9.71
C ASP C 799 36.41 -23.06 -9.69
N ILE C 800 35.48 -22.17 -10.05
CA ILE C 800 35.85 -20.77 -10.21
C ILE C 800 36.17 -20.09 -8.88
N GLN C 801 35.79 -20.70 -7.76
CA GLN C 801 36.13 -20.14 -6.45
C GLN C 801 37.48 -20.64 -5.95
N SER C 802 37.76 -21.93 -6.07
CA SER C 802 39.01 -22.49 -5.58
C SER C 802 40.07 -22.66 -6.66
N TYR C 803 39.69 -22.51 -7.93
CA TYR C 803 40.57 -22.73 -9.08
C TYR C 803 41.03 -24.19 -9.19
N GLN C 804 40.53 -25.07 -8.32
CA GLN C 804 40.85 -26.48 -8.37
C GLN C 804 40.31 -27.10 -9.65
N LYS C 805 41.15 -27.87 -10.33
CA LYS C 805 40.80 -28.50 -11.58
C LYS C 805 40.16 -29.86 -11.34
N HIS C 806 39.20 -30.21 -12.20
CA HIS C 806 38.50 -31.48 -12.11
C HIS C 806 38.36 -32.06 -13.51
N HIS C 807 38.69 -33.33 -13.66
CA HIS C 807 38.67 -33.99 -14.96
C HIS C 807 37.32 -34.66 -15.16
N GLY C 808 36.80 -34.58 -16.39
CA GLY C 808 35.58 -35.26 -16.74
C GLY C 808 35.83 -36.57 -17.46
N PRO C 809 34.84 -37.48 -17.44
CA PRO C 809 33.57 -37.35 -16.73
C PRO C 809 33.62 -37.88 -15.30
N GLN C 810 32.96 -37.18 -14.37
CA GLN C 810 32.89 -37.62 -12.98
C GLN C 810 31.73 -36.92 -12.31
N THR C 811 31.30 -37.48 -11.18
CA THR C 811 30.36 -36.82 -10.27
C THR C 811 31.13 -36.41 -9.03
N LEU C 812 31.32 -35.11 -8.86
CA LEU C 812 32.08 -34.56 -7.75
C LEU C 812 31.14 -34.22 -6.61
N TYR C 813 31.50 -34.64 -5.40
CA TYR C 813 30.79 -34.20 -4.20
C TYR C 813 31.45 -32.92 -3.72
N LEU C 814 30.70 -31.83 -3.74
CA LEU C 814 31.25 -30.52 -3.40
C LEU C 814 30.62 -29.98 -2.14
N PRO C 815 31.36 -29.86 -1.04
CA PRO C 815 30.79 -29.26 0.17
C PRO C 815 30.45 -27.80 -0.06
N VAL C 816 29.36 -27.35 0.57
CA VAL C 816 28.84 -26.01 0.39
C VAL C 816 28.55 -25.38 1.73
N THR C 817 28.54 -24.05 1.74
CA THR C 817 28.06 -23.24 2.85
C THR C 817 26.95 -22.32 2.33
N LEU C 818 26.52 -21.39 3.17
CA LEU C 818 25.47 -20.46 2.79
C LEU C 818 25.87 -19.63 1.58
N SER C 819 27.15 -19.27 1.47
CA SER C 819 27.62 -18.40 0.40
C SER C 819 28.03 -19.12 -0.87
N SER C 820 27.92 -20.45 -0.89
CA SER C 820 28.38 -21.23 -2.05
C SER C 820 27.41 -21.14 -3.21
N ILE C 821 27.95 -20.85 -4.39
CA ILE C 821 27.27 -21.08 -5.65
C ILE C 821 28.17 -21.97 -6.50
N PRO C 822 27.89 -23.27 -6.56
CA PRO C 822 28.73 -24.18 -7.34
C PRO C 822 28.75 -23.84 -8.82
N VAL C 823 29.85 -23.25 -9.28
CA VAL C 823 30.01 -22.83 -10.67
C VAL C 823 31.37 -23.33 -11.16
N PHE C 824 31.39 -23.85 -12.38
CA PHE C 824 32.60 -24.40 -12.98
C PHE C 824 32.78 -23.84 -14.38
N GLN C 825 34.00 -23.46 -14.71
CA GLN C 825 34.33 -23.00 -16.05
C GLN C 825 34.96 -24.14 -16.83
N ARG C 826 34.48 -24.34 -18.06
CA ARG C 826 34.98 -25.41 -18.90
C ARG C 826 36.36 -25.05 -19.47
N GLY C 827 37.27 -26.02 -19.45
CA GLY C 827 38.55 -25.83 -20.10
C GLY C 827 38.37 -25.55 -21.58
N GLY C 828 39.20 -24.66 -22.11
CA GLY C 828 39.09 -24.25 -23.49
C GLY C 828 38.22 -23.04 -23.73
N THR C 829 37.85 -22.29 -22.69
CA THR C 829 36.97 -21.14 -22.83
C THR C 829 37.59 -19.93 -22.14
N ILE C 830 37.14 -18.75 -22.58
CA ILE C 830 37.59 -17.48 -22.03
C ILE C 830 36.35 -16.67 -21.67
N VAL C 831 36.25 -16.27 -20.41
CA VAL C 831 35.07 -15.60 -19.89
C VAL C 831 35.45 -14.18 -19.50
N PRO C 832 34.82 -13.14 -20.07
CA PRO C 832 35.13 -11.76 -19.70
C PRO C 832 34.27 -11.25 -18.54
N ARG C 833 34.90 -10.50 -17.63
CA ARG C 833 34.23 -9.97 -16.46
C ARG C 833 34.56 -8.50 -16.25
N TRP C 834 33.61 -7.79 -15.65
CA TRP C 834 33.82 -6.48 -15.05
C TRP C 834 34.03 -6.68 -13.55
N MET C 835 35.28 -6.70 -13.12
CA MET C 835 35.56 -6.93 -11.70
C MET C 835 35.29 -5.70 -10.84
N ARG C 836 34.97 -4.56 -11.42
CA ARG C 836 34.67 -3.33 -10.67
C ARG C 836 33.14 -3.21 -10.60
N VAL C 837 32.56 -3.80 -9.57
CA VAL C 837 31.11 -3.79 -9.40
C VAL C 837 30.67 -2.42 -8.88
N ARG C 838 29.74 -1.80 -9.59
CA ARG C 838 29.19 -0.51 -9.20
C ARG C 838 27.69 -0.67 -8.91
N ARG C 839 27.00 0.45 -8.72
CA ARG C 839 25.62 0.40 -8.24
C ARG C 839 24.62 0.01 -9.32
N SER C 840 25.01 0.08 -10.60
CA SER C 840 24.14 -0.32 -11.69
C SER C 840 25.01 -0.55 -12.92
N SER C 841 24.40 -1.12 -13.97
CA SER C 841 25.18 -1.48 -15.15
C SER C 841 25.59 -0.25 -15.96
N ASP C 842 24.77 0.81 -15.98
CA ASP C 842 25.16 2.05 -16.65
C ASP C 842 26.48 2.58 -16.11
N CYS C 843 26.68 2.48 -14.79
CA CYS C 843 27.92 2.96 -14.20
C CYS C 843 29.13 2.15 -14.66
N MET C 844 28.92 0.91 -15.10
CA MET C 844 30.01 -0.01 -15.38
C MET C 844 30.36 -0.13 -16.86
N LYS C 845 29.54 0.41 -17.76
CA LYS C 845 29.66 -0.01 -19.15
C LYS C 845 30.85 0.59 -19.88
N ASP C 846 31.67 1.40 -19.21
CA ASP C 846 32.93 1.87 -19.79
C ASP C 846 34.14 1.37 -19.02
N ASP C 847 33.96 0.42 -18.11
CA ASP C 847 35.04 -0.04 -17.24
C ASP C 847 35.92 -1.09 -17.89
N PRO C 848 37.12 -1.31 -17.35
CA PRO C 848 38.02 -2.29 -17.94
C PRO C 848 37.58 -3.73 -17.68
N ILE C 849 38.03 -4.62 -18.58
CA ILE C 849 37.68 -6.03 -18.61
C ILE C 849 38.79 -6.85 -17.98
N THR C 850 38.42 -7.92 -17.26
CA THR C 850 39.33 -8.98 -16.86
C THR C 850 38.98 -10.25 -17.63
N LEU C 851 39.98 -10.87 -18.24
CA LEU C 851 39.77 -12.10 -19.01
C LEU C 851 40.13 -13.32 -18.17
N PHE C 852 39.22 -14.28 -18.11
CA PHE C 852 39.42 -15.50 -17.35
C PHE C 852 39.61 -16.62 -18.37
N VAL C 853 40.85 -17.12 -18.47
CA VAL C 853 41.22 -18.11 -19.48
C VAL C 853 41.33 -19.45 -18.79
N ALA C 854 40.48 -20.39 -19.18
CA ALA C 854 40.53 -21.77 -18.69
C ALA C 854 41.14 -22.65 -19.78
N LEU C 855 42.35 -23.14 -19.54
CA LEU C 855 43.07 -23.90 -20.57
C LEU C 855 42.53 -25.32 -20.69
N SER C 856 42.30 -25.74 -21.93
CA SER C 856 41.98 -27.13 -22.26
C SER C 856 43.19 -28.03 -21.99
N PRO C 857 43.00 -29.35 -22.02
CA PRO C 857 44.15 -30.26 -21.85
C PRO C 857 45.21 -30.07 -22.93
N GLN C 858 44.87 -29.51 -24.08
CA GLN C 858 45.84 -29.16 -25.11
C GLN C 858 46.42 -27.77 -24.91
N GLY C 859 46.15 -27.12 -23.78
CA GLY C 859 46.63 -25.77 -23.56
C GLY C 859 46.00 -24.72 -24.46
N THR C 860 44.74 -24.90 -24.85
CA THR C 860 44.05 -23.98 -25.73
C THR C 860 42.78 -23.45 -25.05
N ALA C 861 42.25 -22.36 -25.60
CA ALA C 861 41.03 -21.72 -25.11
C ALA C 861 40.60 -20.67 -26.12
N GLN C 862 39.29 -20.43 -26.17
CA GLN C 862 38.72 -19.41 -27.05
C GLN C 862 37.47 -18.84 -26.41
N GLY C 863 37.15 -17.61 -26.80
CA GLY C 863 35.94 -16.95 -26.34
C GLY C 863 35.74 -15.66 -27.11
N GLU C 864 34.52 -15.14 -27.02
CA GLU C 864 34.16 -13.90 -27.69
C GLU C 864 33.72 -12.84 -26.68
N LEU C 865 33.62 -11.61 -27.17
CA LEU C 865 33.14 -10.49 -26.36
C LEU C 865 32.44 -9.50 -27.28
N PHE C 866 31.18 -9.22 -26.98
CA PHE C 866 30.42 -8.23 -27.73
C PHE C 866 30.26 -6.96 -26.90
N LEU C 867 30.45 -5.82 -27.55
CA LEU C 867 30.32 -4.51 -26.92
C LEU C 867 29.60 -3.58 -27.89
N ASP C 868 28.78 -2.70 -27.34
CA ASP C 868 28.16 -1.60 -28.08
C ASP C 868 27.83 -0.49 -27.07
N ASP C 869 26.94 0.43 -27.44
CA ASP C 869 26.60 1.50 -26.49
C ASP C 869 25.69 1.02 -25.37
N GLY C 870 25.10 -0.17 -25.50
CA GLY C 870 24.34 -0.78 -24.43
C GLY C 870 22.83 -0.65 -24.53
N HIS C 871 22.30 0.08 -25.50
CA HIS C 871 20.86 0.33 -25.46
C HIS C 871 20.21 0.78 -26.77
N THR C 872 21.00 1.04 -27.82
CA THR C 872 20.42 1.49 -29.09
C THR C 872 20.55 0.41 -30.17
N PHE C 873 19.94 0.70 -31.32
CA PHE C 873 20.08 -0.14 -32.50
C PHE C 873 21.28 0.25 -33.37
N ASN C 874 22.18 1.10 -32.86
CA ASN C 874 23.31 1.55 -33.66
C ASN C 874 24.20 0.39 -34.08
N TYR C 875 24.22 -0.71 -33.32
CA TYR C 875 25.01 -1.86 -33.72
C TYR C 875 24.58 -2.38 -35.07
N GLN C 876 23.30 -2.28 -35.39
CA GLN C 876 22.80 -2.80 -36.65
C GLN C 876 22.60 -1.73 -37.71
N THR C 877 22.24 -0.49 -37.34
CA THR C 877 22.01 0.54 -38.32
C THR C 877 23.28 1.29 -38.71
N ARG C 878 24.28 1.33 -37.84
CA ARG C 878 25.54 2.01 -38.13
C ARG C 878 26.75 1.12 -37.91
N HIS C 879 26.55 -0.17 -37.58
CA HIS C 879 27.64 -1.10 -37.30
C HIS C 879 28.60 -0.54 -36.26
N GLU C 880 28.03 0.06 -35.22
CA GLU C 880 28.80 0.61 -34.10
C GLU C 880 28.79 -0.42 -32.98
N PHE C 881 29.80 -1.29 -32.98
CA PHE C 881 29.94 -2.34 -31.99
C PHE C 881 31.35 -2.92 -32.12
N LEU C 882 31.70 -3.78 -31.17
CA LEU C 882 32.90 -4.60 -31.25
C LEU C 882 32.52 -6.05 -31.00
N LEU C 883 33.03 -6.95 -31.84
CA LEU C 883 32.97 -8.38 -31.58
C LEU C 883 34.41 -8.87 -31.59
N ARG C 884 34.95 -9.16 -30.41
CA ARG C 884 36.33 -9.58 -30.27
C ARG C 884 36.39 -11.10 -30.12
N ARG C 885 37.42 -11.69 -30.72
CA ARG C 885 37.75 -13.09 -30.45
C ARG C 885 39.05 -13.12 -29.66
N PHE C 886 39.02 -13.83 -28.54
CA PHE C 886 40.19 -14.11 -27.74
C PHE C 886 40.55 -15.58 -27.90
N SER C 887 41.81 -15.86 -28.20
CA SER C 887 42.26 -17.23 -28.41
C SER C 887 43.59 -17.43 -27.72
N PHE C 888 43.75 -18.58 -27.07
CA PHE C 888 45.00 -18.94 -26.41
C PHE C 888 45.48 -20.26 -26.97
N SER C 889 46.75 -20.31 -27.35
CA SER C 889 47.38 -21.56 -27.76
C SER C 889 48.88 -21.42 -27.60
N GLY C 890 49.54 -22.54 -27.35
CA GLY C 890 50.94 -22.50 -27.01
C GLY C 890 51.13 -21.72 -25.74
N SER C 891 51.74 -20.55 -25.85
CA SER C 891 51.94 -19.67 -24.70
C SER C 891 51.50 -18.26 -25.01
N THR C 892 50.52 -18.11 -25.91
CA THR C 892 50.16 -16.82 -26.49
C THR C 892 48.66 -16.61 -26.38
N LEU C 893 48.27 -15.46 -25.84
CA LEU C 893 46.87 -15.02 -25.83
C LEU C 893 46.73 -13.92 -26.86
N VAL C 894 45.75 -14.06 -27.75
CA VAL C 894 45.61 -13.17 -28.89
C VAL C 894 44.20 -12.59 -28.90
N SER C 895 44.12 -11.27 -29.06
CA SER C 895 42.85 -10.60 -29.33
C SER C 895 42.82 -10.21 -30.81
N SER C 896 41.79 -10.68 -31.52
CA SER C 896 41.58 -10.33 -32.92
C SER C 896 40.10 -10.01 -33.11
N SER C 897 39.78 -9.46 -34.28
CA SER C 897 38.41 -9.10 -34.58
C SER C 897 37.64 -10.31 -35.08
N ALA C 898 36.49 -10.57 -34.47
CA ALA C 898 35.59 -11.61 -34.93
C ALA C 898 34.56 -11.11 -35.93
N ASP C 899 34.48 -9.81 -36.14
CA ASP C 899 33.63 -9.22 -37.18
C ASP C 899 34.24 -7.87 -37.53
N PRO C 900 34.93 -7.79 -38.68
CA PRO C 900 35.57 -6.51 -39.05
C PRO C 900 34.59 -5.38 -39.31
N LYS C 901 33.32 -5.69 -39.59
CA LYS C 901 32.32 -4.65 -39.86
C LYS C 901 32.13 -3.71 -38.68
N GLY C 902 32.42 -4.16 -37.46
CA GLY C 902 32.10 -3.41 -36.26
C GLY C 902 33.27 -2.57 -35.77
N HIS C 903 33.00 -1.28 -35.60
CA HIS C 903 33.90 -0.36 -34.93
C HIS C 903 33.12 0.36 -33.85
N LEU C 904 33.84 0.87 -32.85
CA LEU C 904 33.17 1.51 -31.72
C LEU C 904 34.17 2.37 -30.98
N GLU C 905 33.78 3.59 -30.67
CA GLU C 905 34.57 4.43 -29.77
C GLU C 905 34.20 4.05 -28.34
N THR C 906 35.20 3.62 -27.56
CA THR C 906 34.97 3.16 -26.20
C THR C 906 36.26 3.24 -25.42
N PRO C 907 36.22 3.60 -24.14
CA PRO C 907 37.42 3.58 -23.30
C PRO C 907 37.73 2.22 -22.67
N ILE C 908 36.94 1.19 -22.97
CA ILE C 908 37.14 -0.10 -22.32
C ILE C 908 38.52 -0.65 -22.65
N TRP C 909 39.24 -1.13 -21.64
CA TRP C 909 40.57 -1.68 -21.82
C TRP C 909 40.68 -2.97 -21.01
N ILE C 910 41.75 -3.73 -21.28
CA ILE C 910 41.98 -4.99 -20.58
C ILE C 910 42.89 -4.71 -19.39
N GLU C 911 42.34 -4.78 -18.18
CA GLU C 911 43.12 -4.48 -16.98
C GLU C 911 43.73 -5.71 -16.33
N ARG C 912 43.32 -6.91 -16.73
CA ARG C 912 43.78 -8.09 -16.00
C ARG C 912 43.48 -9.32 -16.84
N VAL C 913 44.36 -10.32 -16.72
CA VAL C 913 44.13 -11.64 -17.31
C VAL C 913 44.39 -12.68 -16.23
N VAL C 914 43.43 -13.60 -16.05
CA VAL C 914 43.56 -14.71 -15.12
C VAL C 914 43.59 -16.00 -15.94
N ILE C 915 44.68 -16.75 -15.84
CA ILE C 915 44.85 -17.97 -16.62
C ILE C 915 44.88 -19.16 -15.67
N MET C 916 43.96 -20.10 -15.87
CA MET C 916 43.86 -21.30 -15.05
C MET C 916 44.45 -22.48 -15.80
N GLY C 917 45.33 -23.21 -15.12
CA GLY C 917 45.99 -24.34 -15.73
C GLY C 917 47.27 -24.01 -16.46
N ALA C 918 47.98 -22.98 -16.01
CA ALA C 918 49.21 -22.54 -16.67
C ALA C 918 50.37 -22.63 -15.70
N GLY C 919 51.56 -22.87 -16.25
CA GLY C 919 52.78 -22.82 -15.47
C GLY C 919 53.35 -21.41 -15.36
N LYS C 920 54.29 -21.27 -14.43
CA LYS C 920 54.96 -19.98 -14.23
C LYS C 920 55.90 -19.66 -15.38
N PRO C 921 55.67 -18.57 -16.12
CA PRO C 921 56.62 -18.17 -17.16
C PRO C 921 57.83 -17.48 -16.54
N ALA C 922 58.84 -17.25 -17.37
CA ALA C 922 59.98 -16.46 -16.96
C ALA C 922 59.76 -14.98 -17.21
N ALA C 923 59.01 -14.65 -18.25
CA ALA C 923 58.66 -13.26 -18.55
C ALA C 923 57.36 -13.25 -19.34
N VAL C 924 56.65 -12.13 -19.26
CA VAL C 924 55.39 -11.93 -19.97
C VAL C 924 55.52 -10.68 -20.83
N VAL C 925 55.13 -10.79 -22.10
CA VAL C 925 55.37 -9.76 -23.10
C VAL C 925 54.05 -9.45 -23.81
N LEU C 926 53.73 -8.16 -23.94
CA LEU C 926 52.54 -7.68 -24.63
C LEU C 926 52.96 -7.01 -25.94
N GLN C 927 52.23 -7.31 -27.00
CA GLN C 927 52.45 -6.70 -28.30
C GLN C 927 51.11 -6.22 -28.84
N THR C 928 51.04 -4.96 -29.24
CA THR C 928 49.83 -4.47 -29.91
C THR C 928 50.22 -3.42 -30.94
N LYS C 929 49.42 -3.36 -32.00
CA LYS C 929 49.68 -2.42 -33.09
C LYS C 929 49.75 -1.00 -32.57
N GLY C 930 50.76 -0.25 -33.02
CA GLY C 930 50.92 1.14 -32.64
C GLY C 930 51.70 1.37 -31.36
N SER C 931 52.14 0.31 -30.71
CA SER C 931 52.83 0.42 -29.42
C SER C 931 54.13 -0.36 -29.44
N PRO C 932 55.13 0.08 -28.70
CA PRO C 932 56.32 -0.75 -28.50
C PRO C 932 55.97 -2.02 -27.75
N GLU C 933 56.84 -3.02 -27.86
CA GLU C 933 56.69 -4.23 -27.08
C GLU C 933 56.84 -3.91 -25.60
N SER C 934 55.91 -4.42 -24.79
CA SER C 934 55.83 -4.08 -23.38
C SER C 934 56.02 -5.33 -22.51
N ARG C 935 56.54 -5.12 -21.32
CA ARG C 935 56.70 -6.18 -20.33
C ARG C 935 55.65 -6.01 -19.23
N LEU C 936 55.03 -7.12 -18.85
CA LEU C 936 54.00 -7.16 -17.84
C LEU C 936 54.50 -7.92 -16.62
N SER C 937 54.20 -7.41 -15.43
CA SER C 937 54.43 -8.19 -14.23
C SER C 937 53.31 -9.21 -14.05
N PHE C 938 53.58 -10.22 -13.22
CA PHE C 938 52.62 -11.31 -13.09
C PHE C 938 52.75 -11.95 -11.72
N GLN C 939 51.73 -12.73 -11.39
CA GLN C 939 51.63 -13.48 -10.14
C GLN C 939 51.30 -14.92 -10.49
N HIS C 940 51.94 -15.86 -9.80
CA HIS C 940 51.68 -17.26 -10.09
C HIS C 940 51.54 -18.05 -8.80
N ASP C 941 50.44 -18.81 -8.72
CA ASP C 941 50.19 -19.70 -7.59
C ASP C 941 50.57 -21.12 -8.00
N PRO C 942 51.66 -21.68 -7.47
CA PRO C 942 52.08 -23.02 -7.91
C PRO C 942 51.13 -24.13 -7.49
N GLU C 943 50.36 -23.94 -6.41
CA GLU C 943 49.44 -24.97 -5.96
C GLU C 943 48.30 -25.17 -6.96
N THR C 944 47.72 -24.09 -7.46
CA THR C 944 46.56 -24.14 -8.34
C THR C 944 46.89 -23.98 -9.81
N SER C 945 48.14 -23.63 -10.14
CA SER C 945 48.53 -23.32 -11.53
C SER C 945 47.68 -22.19 -12.10
N VAL C 946 47.57 -21.11 -11.35
CA VAL C 946 46.83 -19.91 -11.75
C VAL C 946 47.83 -18.78 -11.97
N LEU C 947 47.78 -18.18 -13.15
CA LEU C 947 48.65 -17.09 -13.54
C LEU C 947 47.79 -15.83 -13.68
N ILE C 948 48.17 -14.77 -12.96
CA ILE C 948 47.50 -13.47 -13.07
C ILE C 948 48.45 -12.50 -13.75
N LEU C 949 48.05 -11.98 -14.91
CA LEU C 949 48.82 -11.00 -15.64
C LEU C 949 48.33 -9.59 -15.27
N ARG C 950 49.23 -8.77 -14.73
CA ARG C 950 48.88 -7.45 -14.22
C ARG C 950 48.77 -6.42 -15.35
N LYS C 951 47.69 -5.65 -15.31
CA LYS C 951 47.44 -4.43 -16.07
C LYS C 951 48.04 -4.44 -17.47
N PRO C 952 47.50 -5.25 -18.39
CA PRO C 952 47.95 -5.11 -19.79
C PRO C 952 47.79 -3.71 -20.33
N GLY C 953 46.68 -3.04 -20.01
CA GLY C 953 46.51 -1.64 -20.36
C GLY C 953 46.10 -1.37 -21.79
N VAL C 954 45.75 -2.39 -22.57
CA VAL C 954 45.45 -2.21 -23.99
C VAL C 954 43.97 -1.95 -24.18
N SER C 955 43.67 -1.11 -25.17
CA SER C 955 42.29 -0.87 -25.55
C SER C 955 41.65 -2.16 -26.05
N VAL C 956 40.38 -2.35 -25.71
CA VAL C 956 39.65 -3.52 -26.17
C VAL C 956 39.37 -3.47 -27.67
N ALA C 957 39.53 -2.31 -28.30
CA ALA C 957 39.33 -2.19 -29.74
C ALA C 957 40.57 -2.56 -30.55
N SER C 958 41.71 -2.79 -29.90
CA SER C 958 42.98 -3.02 -30.57
C SER C 958 43.29 -4.52 -30.65
N ASP C 959 43.91 -4.92 -31.76
CA ASP C 959 44.53 -6.23 -31.82
C ASP C 959 45.75 -6.26 -30.91
N TRP C 960 45.93 -7.37 -30.20
CA TRP C 960 47.08 -7.50 -29.32
C TRP C 960 47.35 -8.96 -29.05
N SER C 961 48.55 -9.24 -28.53
CA SER C 961 48.91 -10.59 -28.16
C SER C 961 49.82 -10.52 -26.95
N ILE C 962 49.63 -11.47 -26.02
CA ILE C 962 50.47 -11.61 -24.84
C ILE C 962 51.21 -12.93 -24.95
N HIS C 963 52.53 -12.89 -24.79
CA HIS C 963 53.38 -14.07 -24.92
CA HIS C 963 53.39 -14.06 -24.93
C HIS C 963 53.99 -14.41 -23.57
N LEU C 964 53.85 -15.66 -23.15
CA LEU C 964 54.49 -16.12 -21.94
C LEU C 964 55.82 -16.76 -22.31
N ARG C 965 56.92 -16.21 -21.81
CA ARG C 965 58.25 -16.68 -22.21
C ARG C 965 58.85 -17.65 -21.20
N PHE D 47 70.62 15.29 -11.69
CA PHE D 47 71.07 13.91 -11.62
C PHE D 47 71.51 13.53 -10.19
N TYR D 48 72.35 12.51 -10.07
CA TYR D 48 73.08 12.20 -8.83
C TYR D 48 72.28 11.52 -7.71
N GLU D 49 70.99 11.83 -7.57
CA GLU D 49 70.21 11.20 -6.50
C GLU D 49 68.76 10.97 -6.91
N GLU D 50 68.23 9.80 -6.54
CA GLU D 50 66.87 9.38 -6.90
C GLU D 50 65.83 9.52 -5.78
N SER D 51 64.82 8.66 -5.77
CA SER D 51 63.67 8.77 -4.86
C SER D 51 63.23 7.39 -4.39
N LYS D 52 62.24 7.38 -3.49
CA LYS D 52 61.82 6.22 -2.71
C LYS D 52 60.50 5.62 -3.20
N PRO D 53 60.12 4.41 -2.71
CA PRO D 53 58.85 3.80 -3.13
C PRO D 53 57.70 3.93 -2.14
N PHE D 54 56.55 3.34 -2.49
CA PHE D 54 55.36 3.31 -1.65
C PHE D 54 55.14 1.90 -1.12
N THR D 55 54.80 1.80 0.17
CA THR D 55 54.45 0.53 0.79
C THR D 55 52.99 0.55 1.23
N CYS D 56 52.26 -0.51 0.90
CA CYS D 56 50.88 -0.64 1.33
C CYS D 56 50.79 -0.53 2.85
N LEU D 57 49.72 0.11 3.33
CA LEU D 57 49.55 0.29 4.76
C LEU D 57 49.39 -1.03 5.51
N ASP D 58 49.11 -2.13 4.81
CA ASP D 58 49.06 -3.46 5.42
C ASP D 58 50.27 -4.34 5.11
N GLY D 59 51.36 -3.77 4.59
CA GLY D 59 52.55 -4.54 4.31
C GLY D 59 52.47 -5.62 3.24
N THR D 60 51.56 -5.54 2.28
CA THR D 60 51.49 -6.58 1.25
C THR D 60 52.73 -6.54 0.36
N ALA D 61 52.90 -5.44 -0.37
CA ALA D 61 54.03 -5.25 -1.27
C ALA D 61 54.60 -3.87 -1.01
N THR D 62 55.79 -3.64 -1.54
CA THR D 62 56.34 -2.29 -1.59
C THR D 62 56.42 -2.03 -3.09
N ILE D 63 55.46 -1.25 -3.58
CA ILE D 63 55.30 -1.14 -5.02
C ILE D 63 55.87 0.22 -5.37
N PRO D 64 56.34 0.42 -6.60
CA PRO D 64 56.84 1.75 -6.97
C PRO D 64 55.73 2.78 -6.94
N PHE D 65 56.13 4.04 -6.79
CA PHE D 65 55.15 5.10 -6.62
C PHE D 65 54.41 5.43 -7.89
N ASP D 66 54.89 4.97 -9.05
CA ASP D 66 54.12 5.11 -10.28
C ASP D 66 52.94 4.16 -10.33
N GLN D 67 52.84 3.24 -9.37
CA GLN D 67 51.70 2.35 -9.22
C GLN D 67 50.75 2.84 -8.14
N VAL D 68 50.90 4.09 -7.70
CA VAL D 68 49.93 4.75 -6.85
C VAL D 68 49.02 5.58 -7.76
N ASN D 69 47.71 5.34 -7.66
CA ASN D 69 46.71 6.00 -8.50
C ASN D 69 46.97 5.75 -9.99
N ASP D 70 47.42 4.54 -10.33
CA ASP D 70 47.60 4.16 -11.72
C ASP D 70 46.45 3.29 -12.24
N ASP D 71 45.29 3.35 -11.57
CA ASP D 71 44.05 2.71 -12.02
C ASP D 71 44.16 1.19 -12.09
N TYR D 72 45.02 0.60 -11.26
CA TYR D 72 45.08 -0.84 -11.09
C TYR D 72 45.33 -1.14 -9.62
N CYS D 73 44.61 -2.11 -9.08
CA CYS D 73 44.68 -2.37 -7.65
C CYS D 73 45.88 -3.25 -7.33
N ASP D 74 46.83 -2.72 -6.55
CA ASP D 74 48.04 -3.46 -6.18
C ASP D 74 48.13 -3.76 -4.70
N CYS D 75 47.37 -3.08 -3.85
CA CYS D 75 47.37 -3.31 -2.40
C CYS D 75 46.09 -4.03 -2.01
N LYS D 76 46.21 -5.04 -1.15
CA LYS D 76 45.03 -5.79 -0.73
C LYS D 76 44.10 -4.96 0.12
N ASP D 77 44.57 -3.85 0.71
CA ASP D 77 43.74 -2.93 1.46
C ASP D 77 43.26 -1.75 0.63
N GLY D 78 43.64 -1.70 -0.65
CA GLY D 78 43.20 -0.64 -1.53
C GLY D 78 43.91 0.68 -1.38
N SER D 79 44.93 0.75 -0.53
CA SER D 79 45.56 2.02 -0.18
C SER D 79 46.41 2.61 -1.30
N ASP D 80 46.67 1.88 -2.38
CA ASP D 80 47.46 2.44 -3.47
C ASP D 80 46.63 3.23 -4.48
N GLU D 81 45.30 3.23 -4.35
CA GLU D 81 44.42 3.90 -5.30
C GLU D 81 43.39 4.77 -4.57
N PRO D 82 43.84 5.75 -3.78
CA PRO D 82 42.86 6.62 -3.10
C PRO D 82 42.05 7.48 -4.05
N GLY D 83 42.52 7.71 -5.28
CA GLY D 83 41.85 8.60 -6.21
C GLY D 83 41.18 7.97 -7.41
N THR D 84 41.07 6.63 -7.46
CA THR D 84 40.50 5.94 -8.61
C THR D 84 39.46 4.93 -8.14
N ALA D 85 38.84 4.26 -9.11
CA ALA D 85 37.86 3.21 -8.85
C ALA D 85 38.47 1.81 -8.93
N ALA D 86 39.79 1.70 -8.85
CA ALA D 86 40.44 0.43 -9.17
C ALA D 86 40.31 -0.60 -8.05
N CYS D 87 40.26 -0.15 -6.78
CA CYS D 87 40.28 -1.20 -5.76
C CYS D 87 38.88 -1.48 -5.23
N PRO D 88 38.53 -2.76 -5.02
CA PRO D 88 37.17 -3.09 -4.55
C PRO D 88 36.89 -2.68 -3.11
N ASN D 89 37.92 -2.54 -2.28
CA ASN D 89 37.74 -2.19 -0.88
C ASN D 89 38.33 -0.82 -0.54
N GLY D 90 38.56 0.02 -1.55
CA GLY D 90 39.17 1.31 -1.32
C GLY D 90 38.17 2.38 -0.89
N SER D 91 38.71 3.54 -0.53
CA SER D 91 37.92 4.70 -0.16
C SER D 91 38.41 5.92 -0.93
N PHE D 92 37.47 6.82 -1.18
CA PHE D 92 37.75 8.11 -1.78
C PHE D 92 37.30 9.19 -0.80
N HIS D 93 38.15 10.20 -0.60
CA HIS D 93 37.90 11.23 0.40
C HIS D 93 37.32 12.47 -0.29
N CYS D 94 36.10 12.84 0.07
CA CYS D 94 35.54 14.11 -0.36
C CYS D 94 36.03 15.16 0.62
N THR D 95 36.92 16.04 0.16
CA THR D 95 37.43 17.08 1.04
C THR D 95 36.30 18.01 1.49
N ASN D 96 35.36 18.30 0.58
CA ASN D 96 34.19 19.12 0.87
C ASN D 96 34.59 20.40 1.60
N THR D 97 35.51 21.14 0.96
CA THR D 97 36.21 22.23 1.62
C THR D 97 35.22 23.23 2.22
N GLY D 98 35.46 23.57 3.49
CA GLY D 98 34.59 24.47 4.21
C GLY D 98 33.41 23.80 4.90
N TYR D 99 33.31 22.48 4.85
CA TYR D 99 32.17 21.76 5.42
C TYR D 99 32.68 20.45 6.01
N LYS D 100 31.77 19.50 6.24
CA LYS D 100 32.23 18.23 6.80
C LYS D 100 32.74 17.31 5.69
N PRO D 101 33.89 16.68 5.86
CA PRO D 101 34.38 15.73 4.87
C PRO D 101 33.64 14.41 4.93
N LEU D 102 33.74 13.67 3.83
CA LEU D 102 33.04 12.40 3.67
C LEU D 102 33.92 11.43 2.92
N TYR D 103 33.84 10.16 3.30
CA TYR D 103 34.45 9.07 2.55
C TYR D 103 33.37 8.32 1.78
N ILE D 104 33.69 7.95 0.53
CA ILE D 104 32.78 7.17 -0.29
C ILE D 104 33.56 5.96 -0.81
N LEU D 105 32.81 4.97 -1.28
CA LEU D 105 33.42 3.78 -1.85
C LEU D 105 34.20 4.15 -3.11
N SER D 106 35.32 3.44 -3.33
CA SER D 106 36.07 3.64 -4.56
C SER D 106 35.24 3.31 -5.79
N SER D 107 34.30 2.37 -5.67
CA SER D 107 33.43 2.04 -6.79
C SER D 107 32.53 3.20 -7.20
N ARG D 108 32.47 4.25 -6.40
CA ARG D 108 31.66 5.42 -6.73
C ARG D 108 32.49 6.58 -7.27
N VAL D 109 33.77 6.34 -7.55
CA VAL D 109 34.59 7.32 -8.23
C VAL D 109 34.35 7.18 -9.73
N ASN D 110 33.94 8.28 -10.37
CA ASN D 110 33.70 8.32 -11.81
C ASN D 110 32.68 7.27 -12.26
N ASP D 111 31.61 7.10 -11.49
CA ASP D 111 30.52 6.23 -11.89
C ASP D 111 29.37 6.98 -12.56
N GLY D 112 29.52 8.29 -12.75
CA GLY D 112 28.47 9.12 -13.31
C GLY D 112 27.47 9.65 -12.30
N VAL D 113 27.65 9.39 -11.01
CA VAL D 113 26.72 9.79 -9.97
C VAL D 113 27.43 10.73 -9.01
N CYS D 114 26.78 11.82 -8.65
CA CYS D 114 27.37 12.81 -7.75
C CYS D 114 27.23 12.33 -6.31
N ASP D 115 28.36 11.92 -5.70
CA ASP D 115 28.37 11.45 -4.32
C ASP D 115 28.92 12.47 -3.33
N CYS D 116 29.96 13.21 -3.72
CA CYS D 116 30.48 14.29 -2.88
C CYS D 116 29.71 15.57 -3.18
N CYS D 117 29.41 16.35 -2.13
CA CYS D 117 28.76 17.63 -2.37
C CYS D 117 29.67 18.57 -3.16
N ASP D 118 30.99 18.44 -3.02
CA ASP D 118 31.88 19.29 -3.81
C ASP D 118 32.07 18.78 -5.24
N GLY D 119 31.59 17.57 -5.55
CA GLY D 119 31.62 17.04 -6.90
C GLY D 119 32.94 16.47 -7.36
N THR D 120 33.92 16.30 -6.47
CA THR D 120 35.25 15.88 -6.88
C THR D 120 35.35 14.39 -7.18
N ASP D 121 34.34 13.59 -6.81
CA ASP D 121 34.36 12.18 -7.17
C ASP D 121 34.10 11.96 -8.65
N GLU D 122 33.55 12.95 -9.35
CA GLU D 122 33.30 12.85 -10.79
C GLU D 122 34.24 13.84 -11.50
N TYR D 123 35.41 13.35 -11.91
CA TYR D 123 36.37 14.18 -12.62
C TYR D 123 36.68 13.71 -14.03
N ASN D 124 36.16 12.57 -14.47
CA ASN D 124 36.48 12.06 -15.80
C ASN D 124 35.35 11.15 -16.29
N SER D 125 34.10 11.49 -15.95
CA SER D 125 32.99 10.59 -16.24
C SER D 125 31.99 11.12 -17.26
N GLY D 126 32.03 12.40 -17.60
CA GLY D 126 31.00 12.98 -18.42
C GLY D 126 29.82 13.53 -17.65
N THR D 127 29.75 13.27 -16.35
CA THR D 127 28.79 13.91 -15.46
C THR D 127 29.50 15.06 -14.76
N VAL D 128 28.99 16.27 -14.93
CA VAL D 128 29.54 17.45 -14.28
C VAL D 128 28.72 17.71 -13.02
N CYS D 129 29.34 17.55 -11.86
CA CYS D 129 28.66 17.72 -10.58
C CYS D 129 28.90 19.11 -10.05
N GLU D 130 27.83 19.79 -9.67
CA GLU D 130 27.89 21.11 -9.07
C GLU D 130 28.10 21.00 -7.56
N ASN D 131 28.70 22.04 -7.00
CA ASN D 131 28.94 22.08 -5.56
C ASN D 131 27.62 22.39 -4.85
N THR D 132 27.22 21.50 -3.94
CA THR D 132 25.95 21.63 -3.22
C THR D 132 26.18 21.54 -1.72
N CYS D 133 27.40 21.83 -1.26
CA CYS D 133 27.73 21.69 0.15
C CYS D 133 26.96 22.66 1.05
N ARG D 134 26.39 23.74 0.51
CA ARG D 134 25.50 24.58 1.31
C ARG D 134 24.29 23.78 1.80
#